data_6CWS
#
_entry.id   6CWS
#
_entity_poly.entity_id   1
_entity_poly.type   'polypeptide(L)'
_entity_poly.pdbx_seq_one_letter_code
;SEAILPIASSCCTEVSHHISRRLLERVNMCRIQRADGDCDLAAVILHVKRRRICVSPHNHTVKQWMKVQAAKKNGKGNVC
HRKKHHGKRNSNRAHQGKHETYGHKTPY
;
_entity_poly.pdbx_strand_id   A
#
# COMPACT_ATOMS: atom_id res chain seq x y z
N SER A 1 -16.67 17.39 4.37
CA SER A 1 -15.27 17.70 4.31
C SER A 1 -14.95 18.80 5.32
N GLU A 2 -14.07 18.50 6.24
CA GLU A 2 -13.69 19.44 7.26
C GLU A 2 -12.28 19.91 7.02
N ALA A 3 -11.99 21.14 7.40
CA ALA A 3 -10.68 21.69 7.17
C ALA A 3 -9.87 21.81 8.46
N ILE A 4 -10.48 21.42 9.59
CA ILE A 4 -9.75 21.42 10.87
C ILE A 4 -8.66 20.36 10.76
N LEU A 5 -9.06 19.18 10.31
CA LEU A 5 -8.13 18.14 9.96
C LEU A 5 -8.21 18.02 8.45
N PRO A 6 -7.28 18.67 7.74
CA PRO A 6 -7.30 18.75 6.28
C PRO A 6 -7.28 17.40 5.59
N ILE A 7 -8.42 17.00 5.06
CA ILE A 7 -8.51 15.77 4.31
C ILE A 7 -8.09 16.04 2.88
N ALA A 8 -8.33 17.28 2.45
CA ALA A 8 -7.94 17.70 1.13
C ALA A 8 -6.48 18.09 1.12
N SER A 9 -5.65 17.10 1.03
CA SER A 9 -4.22 17.20 0.99
C SER A 9 -3.71 15.92 0.37
N SER A 10 -2.79 16.03 -0.55
CA SER A 10 -2.32 14.89 -1.30
C SER A 10 -1.55 13.87 -0.44
N CYS A 11 -1.05 14.33 0.67
CA CYS A 11 -0.23 13.51 1.52
C CYS A 11 -0.94 12.83 2.67
N CYS A 12 -0.27 11.82 3.17
CA CYS A 12 -0.67 11.00 4.27
C CYS A 12 0.19 11.32 5.49
N THR A 13 -0.35 12.08 6.41
CA THR A 13 0.38 12.47 7.61
C THR A 13 0.08 11.48 8.76
N GLU A 14 -0.79 10.55 8.47
CA GLU A 14 -1.18 9.55 9.42
C GLU A 14 -1.35 8.25 8.68
N VAL A 15 -1.13 7.15 9.36
CA VAL A 15 -1.28 5.84 8.76
C VAL A 15 -2.00 4.90 9.71
N SER A 16 -2.50 3.81 9.17
CA SER A 16 -3.19 2.81 9.94
C SER A 16 -2.17 1.74 10.41
N HIS A 17 -0.96 1.83 9.84
CA HIS A 17 0.18 0.93 10.11
C HIS A 17 -0.06 -0.47 9.57
N HIS A 18 -0.80 -1.27 10.31
CA HIS A 18 -1.07 -2.63 9.95
C HIS A 18 -2.44 -2.74 9.30
N ILE A 19 -2.55 -3.52 8.26
CA ILE A 19 -3.78 -3.59 7.51
C ILE A 19 -4.00 -5.02 6.97
N SER A 20 -5.25 -5.33 6.66
CA SER A 20 -5.63 -6.63 6.13
C SER A 20 -5.94 -6.52 4.63
N ARG A 21 -5.74 -7.62 3.88
CA ARG A 21 -5.95 -7.59 2.44
C ARG A 21 -7.36 -7.34 2.00
N ARG A 22 -8.36 -7.77 2.77
CA ARG A 22 -9.76 -7.54 2.36
C ARG A 22 -10.06 -6.06 2.09
N LEU A 23 -9.40 -5.17 2.80
CA LEU A 23 -9.44 -3.76 2.50
C LEU A 23 -8.55 -3.42 1.31
N LEU A 24 -7.36 -3.96 1.33
CA LEU A 24 -6.34 -3.67 0.34
C LEU A 24 -6.79 -4.02 -1.06
N GLU A 25 -7.47 -5.11 -1.17
CA GLU A 25 -7.97 -5.60 -2.44
C GLU A 25 -9.00 -4.62 -3.05
N ARG A 26 -9.52 -3.74 -2.20
CA ARG A 26 -10.48 -2.73 -2.62
C ARG A 26 -9.77 -1.47 -3.10
N VAL A 27 -8.47 -1.39 -2.84
CA VAL A 27 -7.66 -0.23 -3.25
C VAL A 27 -7.53 -0.12 -4.78
N ASN A 28 -7.73 1.11 -5.30
CA ASN A 28 -7.55 1.40 -6.72
C ASN A 28 -6.28 2.24 -6.98
N MET A 29 -5.83 2.99 -5.99
CA MET A 29 -4.64 3.84 -6.17
C MET A 29 -3.65 3.62 -5.06
N CYS A 30 -2.39 3.53 -5.40
CA CYS A 30 -1.33 3.39 -4.44
C CYS A 30 -0.23 4.36 -4.77
N ARG A 31 0.26 5.05 -3.78
CA ARG A 31 1.40 5.91 -3.95
C ARG A 31 2.33 5.76 -2.75
N ILE A 32 3.61 5.73 -3.02
CA ILE A 32 4.59 5.67 -1.96
C ILE A 32 5.04 7.08 -1.64
N GLN A 33 4.73 7.50 -0.46
CA GLN A 33 5.10 8.78 0.03
C GLN A 33 6.40 8.63 0.77
N ARG A 34 7.35 9.47 0.48
CA ARG A 34 8.64 9.33 1.09
C ARG A 34 9.05 10.60 1.81
N ALA A 35 9.70 10.43 2.93
CA ALA A 35 10.30 11.51 3.63
C ALA A 35 11.61 11.81 2.94
N ASP A 36 11.64 12.90 2.25
CA ASP A 36 12.79 13.32 1.45
C ASP A 36 12.57 14.73 1.03
N GLY A 37 11.54 14.93 0.26
CA GLY A 37 11.16 16.24 -0.17
C GLY A 37 9.78 16.22 -0.72
N ASP A 38 8.96 15.37 -0.15
CA ASP A 38 7.59 15.24 -0.60
C ASP A 38 6.72 15.56 0.57
N CYS A 39 6.70 14.66 1.52
CA CYS A 39 6.01 14.85 2.76
C CYS A 39 6.75 14.19 3.90
N ASP A 40 6.58 14.73 5.08
CA ASP A 40 7.40 14.44 6.28
C ASP A 40 7.18 13.06 6.90
N LEU A 41 6.77 12.09 6.13
CA LEU A 41 6.46 10.79 6.68
C LEU A 41 6.39 9.79 5.52
N ALA A 42 6.92 8.61 5.74
CA ALA A 42 6.88 7.58 4.71
C ALA A 42 5.59 6.80 4.86
N ALA A 43 4.76 6.85 3.85
CA ALA A 43 3.45 6.23 3.93
C ALA A 43 2.99 5.72 2.61
N VAL A 44 2.09 4.80 2.64
CA VAL A 44 1.49 4.30 1.46
C VAL A 44 0.08 4.87 1.39
N ILE A 45 -0.14 5.69 0.41
CA ILE A 45 -1.42 6.32 0.16
C ILE A 45 -2.25 5.37 -0.71
N LEU A 46 -3.35 4.89 -0.16
CA LEU A 46 -4.20 3.92 -0.84
C LEU A 46 -5.59 4.49 -1.06
N HIS A 47 -5.98 4.61 -2.28
CA HIS A 47 -7.29 5.13 -2.59
C HIS A 47 -8.26 4.03 -2.81
N VAL A 48 -9.33 4.09 -2.10
CA VAL A 48 -10.41 3.14 -2.15
C VAL A 48 -11.65 3.95 -2.51
N LYS A 49 -12.64 3.34 -3.14
CA LYS A 49 -13.84 4.07 -3.56
C LYS A 49 -14.49 4.84 -2.39
N ARG A 50 -14.48 4.26 -1.18
CA ARG A 50 -15.12 4.90 -0.05
C ARG A 50 -14.18 5.87 0.71
N ARG A 51 -12.89 5.56 0.77
CA ARG A 51 -11.93 6.39 1.54
C ARG A 51 -10.53 6.25 0.98
N ARG A 52 -9.64 7.07 1.45
CA ARG A 52 -8.24 6.96 1.13
C ARG A 52 -7.51 6.56 2.40
N ILE A 53 -7.02 5.36 2.45
CA ILE A 53 -6.37 4.86 3.62
C ILE A 53 -4.87 4.97 3.46
N CYS A 54 -4.21 5.28 4.50
CA CYS A 54 -2.80 5.43 4.48
C CYS A 54 -2.19 4.35 5.37
N VAL A 55 -1.25 3.60 4.86
CA VAL A 55 -0.64 2.53 5.65
C VAL A 55 0.88 2.64 5.66
N SER A 56 1.50 1.84 6.48
CA SER A 56 2.92 1.82 6.60
C SER A 56 3.53 0.91 5.51
N PRO A 57 4.58 1.38 4.81
CA PRO A 57 5.27 0.60 3.76
C PRO A 57 6.02 -0.60 4.34
N HIS A 58 6.11 -0.62 5.66
CA HIS A 58 6.82 -1.68 6.38
C HIS A 58 5.87 -2.83 6.70
N ASN A 59 4.64 -2.73 6.24
CA ASN A 59 3.65 -3.73 6.53
C ASN A 59 3.80 -4.95 5.62
N HIS A 60 3.86 -6.11 6.26
CA HIS A 60 4.08 -7.40 5.61
C HIS A 60 2.89 -7.76 4.71
N THR A 61 1.70 -7.47 5.18
CA THR A 61 0.47 -7.78 4.47
C THR A 61 0.39 -6.97 3.17
N VAL A 62 0.77 -5.71 3.26
CA VAL A 62 0.84 -4.81 2.10
C VAL A 62 1.75 -5.38 1.03
N LYS A 63 2.92 -5.81 1.42
CA LYS A 63 3.88 -6.42 0.49
C LYS A 63 3.33 -7.69 -0.14
N GLN A 64 2.52 -8.42 0.61
CA GLN A 64 1.90 -9.65 0.11
C GLN A 64 0.84 -9.23 -0.92
N TRP A 65 0.02 -8.27 -0.52
CA TRP A 65 -1.03 -7.71 -1.34
C TRP A 65 -0.54 -7.17 -2.67
N MET A 66 0.53 -6.40 -2.62
CA MET A 66 1.09 -5.78 -3.81
C MET A 66 1.50 -6.79 -4.87
N LYS A 67 1.94 -7.97 -4.46
CA LYS A 67 2.31 -9.00 -5.43
C LYS A 67 1.09 -9.56 -6.15
N VAL A 68 -0.01 -9.65 -5.43
CA VAL A 68 -1.26 -10.14 -6.01
C VAL A 68 -1.85 -9.08 -6.91
N GLN A 69 -1.76 -7.85 -6.48
CA GLN A 69 -2.25 -6.72 -7.22
C GLN A 69 -1.38 -6.40 -8.42
N ALA A 70 -0.10 -6.72 -8.34
CA ALA A 70 0.82 -6.45 -9.43
C ALA A 70 0.47 -7.27 -10.67
N ALA A 71 -0.22 -8.39 -10.46
CA ALA A 71 -0.62 -9.30 -11.54
C ALA A 71 -1.62 -8.66 -12.53
N LYS A 72 -2.13 -7.49 -12.18
CA LYS A 72 -3.05 -6.76 -13.03
C LYS A 72 -2.41 -6.33 -14.33
N LYS A 73 -3.01 -6.75 -15.43
CA LYS A 73 -2.54 -6.42 -16.77
C LYS A 73 -3.22 -5.15 -17.28
N ASN A 74 -4.30 -4.73 -16.61
CA ASN A 74 -5.06 -3.55 -17.05
C ASN A 74 -4.19 -2.34 -16.88
N GLY A 75 -3.56 -2.29 -15.76
CA GLY A 75 -2.69 -1.24 -15.39
C GLY A 75 -2.28 -1.49 -13.98
N LYS A 76 -1.23 -0.87 -13.54
CA LYS A 76 -0.80 -1.05 -12.19
C LYS A 76 -0.89 0.28 -11.47
N GLY A 77 -2.02 0.52 -10.85
CA GLY A 77 -2.27 1.81 -10.24
C GLY A 77 -2.32 1.70 -8.76
N ASN A 78 -2.93 0.64 -8.30
CA ASN A 78 -2.99 0.34 -6.89
C ASN A 78 -1.80 -0.47 -6.48
N VAL A 79 -0.78 -0.47 -7.29
CA VAL A 79 0.35 -1.25 -6.98
C VAL A 79 1.57 -0.35 -6.87
N CYS A 80 2.37 -0.57 -5.86
CA CYS A 80 3.59 0.20 -5.68
C CYS A 80 4.81 -0.70 -5.70
N HIS A 81 4.90 -1.62 -4.76
CA HIS A 81 5.96 -2.58 -4.77
C HIS A 81 5.52 -3.69 -5.68
N ARG A 82 6.40 -4.16 -6.51
CA ARG A 82 6.04 -5.22 -7.42
C ARG A 82 6.59 -6.52 -6.88
N LYS A 83 7.47 -6.38 -5.93
CA LYS A 83 8.09 -7.50 -5.28
C LYS A 83 8.08 -7.30 -3.76
N LYS A 84 7.85 -8.37 -3.03
CA LYS A 84 7.84 -8.34 -1.57
C LYS A 84 9.29 -8.41 -1.12
N HIS A 85 10.01 -9.32 -1.74
CA HIS A 85 11.43 -9.51 -1.53
C HIS A 85 12.03 -9.60 -2.92
N HIS A 86 13.32 -9.85 -3.03
CA HIS A 86 13.90 -10.04 -4.36
C HIS A 86 13.48 -11.41 -4.86
N GLY A 87 13.23 -12.28 -3.92
CA GLY A 87 12.72 -13.59 -4.17
C GLY A 87 11.85 -13.98 -3.01
N LYS A 88 12.24 -15.04 -2.34
CA LYS A 88 11.60 -15.52 -1.12
C LYS A 88 12.20 -16.85 -0.75
N ARG A 89 12.68 -16.97 0.46
CA ARG A 89 13.11 -18.25 0.94
C ARG A 89 11.93 -18.86 1.66
N ASN A 90 11.19 -19.67 0.97
CA ASN A 90 9.96 -20.21 1.50
C ASN A 90 10.08 -21.70 1.71
N SER A 91 9.12 -22.23 2.39
CA SER A 91 9.05 -23.62 2.62
C SER A 91 7.96 -24.16 1.70
N ASN A 92 7.90 -25.46 1.52
CA ASN A 92 6.94 -26.08 0.60
C ASN A 92 5.51 -25.87 1.09
N ARG A 93 5.13 -26.56 2.15
CA ARG A 93 3.78 -26.42 2.71
C ARG A 93 3.79 -26.49 4.22
N ALA A 94 4.92 -26.84 4.78
CA ALA A 94 5.07 -26.89 6.22
C ALA A 94 5.70 -25.59 6.69
N HIS A 95 4.86 -24.62 7.01
CA HIS A 95 5.32 -23.31 7.42
C HIS A 95 4.24 -22.56 8.21
N GLN A 96 4.54 -21.36 8.62
CA GLN A 96 3.60 -20.53 9.39
C GLN A 96 2.88 -19.54 8.47
N GLY A 97 3.49 -19.22 7.36
CA GLY A 97 2.95 -18.23 6.44
C GLY A 97 3.76 -16.97 6.57
N LYS A 98 4.21 -16.74 7.78
CA LYS A 98 5.06 -15.66 8.16
C LYS A 98 5.60 -15.92 9.56
N HIS A 99 6.82 -16.40 9.64
CA HIS A 99 7.41 -16.69 10.93
C HIS A 99 8.09 -15.43 11.45
N GLU A 100 7.28 -14.49 11.85
CA GLU A 100 7.73 -13.23 12.35
C GLU A 100 7.96 -13.28 13.85
N THR A 101 9.19 -13.47 14.20
CA THR A 101 9.57 -13.50 15.56
C THR A 101 10.02 -12.13 16.01
N TYR A 102 9.46 -11.65 17.10
CA TYR A 102 9.88 -10.38 17.64
C TYR A 102 11.21 -10.60 18.31
N GLY A 103 12.28 -10.26 17.60
CA GLY A 103 13.63 -10.48 18.08
C GLY A 103 13.85 -9.93 19.45
N HIS A 104 14.11 -10.82 20.38
CA HIS A 104 14.32 -10.43 21.73
C HIS A 104 15.70 -9.83 21.92
N LYS A 105 15.73 -8.62 22.36
CA LYS A 105 16.97 -7.97 22.62
C LYS A 105 17.48 -8.45 23.97
N THR A 106 18.76 -8.75 24.02
CA THR A 106 19.43 -9.29 25.20
C THR A 106 18.82 -10.62 25.67
N PRO A 107 19.34 -11.75 25.13
CA PRO A 107 18.88 -13.10 25.48
C PRO A 107 19.34 -13.53 26.88
N TYR A 108 19.97 -12.62 27.56
CA TYR A 108 20.49 -12.80 28.89
C TYR A 108 20.39 -11.49 29.66
N SER A 1 -17.54 22.76 4.92
CA SER A 1 -16.29 22.53 5.63
C SER A 1 -15.16 22.46 4.60
N GLU A 2 -14.09 23.22 4.82
CA GLU A 2 -13.00 23.34 3.85
C GLU A 2 -11.92 22.27 4.00
N ALA A 3 -12.11 21.33 4.87
CA ALA A 3 -11.15 20.28 5.04
C ALA A 3 -11.82 18.96 4.85
N ILE A 4 -11.10 18.01 4.28
CA ILE A 4 -11.56 16.64 4.02
C ILE A 4 -12.54 16.57 2.83
N LEU A 5 -13.61 17.35 2.90
CA LEU A 5 -14.66 17.32 1.88
C LEU A 5 -14.20 17.89 0.52
N PRO A 6 -13.68 19.16 0.43
CA PRO A 6 -13.19 19.69 -0.84
C PRO A 6 -11.80 19.21 -1.13
N ILE A 7 -10.92 19.46 -0.20
CA ILE A 7 -9.56 19.03 -0.29
C ILE A 7 -9.18 18.38 1.01
N ALA A 8 -8.57 17.25 0.91
CA ALA A 8 -8.10 16.56 2.07
C ALA A 8 -6.63 16.89 2.27
N SER A 9 -6.06 16.41 3.35
CA SER A 9 -4.64 16.60 3.60
C SER A 9 -3.88 15.97 2.44
N SER A 10 -2.95 16.69 1.88
CA SER A 10 -2.22 16.21 0.72
C SER A 10 -1.38 15.00 1.11
N CYS A 11 -0.80 15.07 2.27
CA CYS A 11 0.07 14.03 2.73
C CYS A 11 -0.60 13.09 3.71
N CYS A 12 -0.01 11.95 3.84
CA CYS A 12 -0.42 10.96 4.78
C CYS A 12 0.46 11.04 5.99
N THR A 13 0.05 11.87 6.93
CA THR A 13 0.79 12.07 8.16
C THR A 13 0.20 11.18 9.26
N GLU A 14 -0.77 10.41 8.87
CA GLU A 14 -1.39 9.46 9.72
C GLU A 14 -1.44 8.18 8.94
N VAL A 15 -1.34 7.08 9.61
CA VAL A 15 -1.40 5.79 8.95
C VAL A 15 -2.05 4.77 9.84
N SER A 16 -2.57 3.74 9.22
CA SER A 16 -3.15 2.63 9.93
C SER A 16 -2.03 1.68 10.35
N HIS A 17 -0.86 1.86 9.72
CA HIS A 17 0.34 1.04 9.89
C HIS A 17 0.08 -0.38 9.38
N HIS A 18 -0.66 -1.15 10.13
CA HIS A 18 -1.08 -2.46 9.68
C HIS A 18 -2.46 -2.39 9.09
N ILE A 19 -2.69 -3.21 8.11
CA ILE A 19 -3.94 -3.27 7.43
C ILE A 19 -4.15 -4.69 6.94
N SER A 20 -5.36 -5.05 6.67
CA SER A 20 -5.68 -6.36 6.17
C SER A 20 -5.88 -6.30 4.64
N ARG A 21 -5.63 -7.41 3.97
CA ARG A 21 -5.72 -7.48 2.51
C ARG A 21 -7.11 -7.21 1.96
N ARG A 22 -8.16 -7.55 2.69
CA ARG A 22 -9.53 -7.29 2.20
C ARG A 22 -9.79 -5.83 1.86
N LEU A 23 -9.22 -4.91 2.64
CA LEU A 23 -9.36 -3.49 2.33
C LEU A 23 -8.43 -3.16 1.16
N LEU A 24 -7.27 -3.76 1.20
CA LEU A 24 -6.24 -3.53 0.22
C LEU A 24 -6.70 -3.88 -1.19
N GLU A 25 -7.42 -4.95 -1.31
CA GLU A 25 -7.90 -5.39 -2.61
C GLU A 25 -8.96 -4.42 -3.18
N ARG A 26 -9.39 -3.49 -2.35
CA ARG A 26 -10.37 -2.49 -2.75
C ARG A 26 -9.64 -1.17 -3.10
N VAL A 27 -8.31 -1.18 -3.00
CA VAL A 27 -7.45 -0.03 -3.35
C VAL A 27 -7.37 0.13 -4.87
N ASN A 28 -7.58 1.34 -5.32
CA ASN A 28 -7.54 1.66 -6.74
C ASN A 28 -6.30 2.48 -7.07
N MET A 29 -5.91 3.37 -6.18
CA MET A 29 -4.76 4.24 -6.43
C MET A 29 -3.73 4.04 -5.36
N CYS A 30 -2.48 4.01 -5.75
CA CYS A 30 -1.39 3.83 -4.82
C CYS A 30 -0.33 4.89 -5.06
N ARG A 31 0.08 5.54 -4.00
CA ARG A 31 1.13 6.54 -4.04
C ARG A 31 2.06 6.39 -2.84
N ILE A 32 3.34 6.32 -3.11
CA ILE A 32 4.32 6.19 -2.05
C ILE A 32 4.82 7.55 -1.63
N GLN A 33 4.55 7.88 -0.42
CA GLN A 33 5.00 9.09 0.16
C GLN A 33 6.34 8.84 0.80
N ARG A 34 7.33 9.58 0.39
CA ARG A 34 8.65 9.38 0.91
C ARG A 34 9.06 10.55 1.80
N ALA A 35 9.65 10.21 2.89
CA ALA A 35 10.22 11.20 3.77
C ALA A 35 11.59 11.54 3.23
N ASP A 36 11.65 12.62 2.50
CA ASP A 36 12.85 13.05 1.80
C ASP A 36 12.59 14.44 1.27
N GLY A 37 11.47 14.58 0.59
CA GLY A 37 11.11 15.84 0.03
C GLY A 37 9.66 15.89 -0.34
N ASP A 38 8.85 15.24 0.45
CA ASP A 38 7.41 15.20 0.22
C ASP A 38 6.73 15.59 1.49
N CYS A 39 6.79 14.69 2.45
CA CYS A 39 6.28 14.86 3.79
C CYS A 39 7.04 13.94 4.73
N ASP A 40 7.08 14.30 6.00
CA ASP A 40 7.95 13.64 7.01
C ASP A 40 7.45 12.29 7.48
N LEU A 41 7.04 11.47 6.58
CA LEU A 41 6.58 10.14 6.89
C LEU A 41 6.55 9.34 5.64
N ALA A 42 7.12 8.17 5.67
CA ALA A 42 7.01 7.31 4.54
C ALA A 42 5.72 6.56 4.72
N ALA A 43 4.82 6.74 3.81
CA ALA A 43 3.52 6.16 3.91
C ALA A 43 2.99 5.83 2.55
N VAL A 44 2.06 4.94 2.51
CA VAL A 44 1.43 4.58 1.30
C VAL A 44 0.04 5.17 1.29
N ILE A 45 -0.20 6.03 0.35
CA ILE A 45 -1.47 6.63 0.17
C ILE A 45 -2.28 5.69 -0.72
N LEU A 46 -3.35 5.17 -0.18
CA LEU A 46 -4.17 4.21 -0.87
C LEU A 46 -5.55 4.73 -1.07
N HIS A 47 -5.93 4.91 -2.29
CA HIS A 47 -7.26 5.36 -2.59
C HIS A 47 -8.11 4.16 -2.78
N VAL A 48 -9.14 4.09 -2.03
CA VAL A 48 -9.97 2.93 -1.92
C VAL A 48 -11.37 3.28 -2.34
N LYS A 49 -12.11 2.26 -2.78
CA LYS A 49 -13.48 2.41 -3.27
C LYS A 49 -14.36 3.28 -2.33
N ARG A 50 -14.09 3.27 -1.03
CA ARG A 50 -14.92 4.06 -0.13
C ARG A 50 -14.27 5.40 0.29
N ARG A 51 -12.93 5.42 0.43
CA ARG A 51 -12.16 6.61 0.91
C ARG A 51 -10.70 6.36 0.68
N ARG A 52 -9.88 7.34 0.98
CA ARG A 52 -8.45 7.20 0.86
C ARG A 52 -7.89 6.83 2.25
N ILE A 53 -7.18 5.74 2.31
CA ILE A 53 -6.59 5.25 3.55
C ILE A 53 -5.06 5.35 3.46
N CYS A 54 -4.41 5.64 4.55
CA CYS A 54 -2.98 5.76 4.58
C CYS A 54 -2.39 4.60 5.38
N VAL A 55 -1.49 3.87 4.79
CA VAL A 55 -0.90 2.70 5.44
C VAL A 55 0.63 2.78 5.37
N SER A 56 1.29 2.05 6.22
CA SER A 56 2.72 2.01 6.25
C SER A 56 3.27 0.99 5.24
N PRO A 57 4.29 1.40 4.45
CA PRO A 57 4.97 0.51 3.46
C PRO A 57 5.80 -0.56 4.15
N HIS A 58 5.85 -0.46 5.46
CA HIS A 58 6.61 -1.35 6.30
C HIS A 58 5.78 -2.59 6.61
N ASN A 59 4.49 -2.52 6.34
CA ASN A 59 3.58 -3.62 6.65
C ASN A 59 3.69 -4.73 5.63
N HIS A 60 4.01 -5.93 6.10
CA HIS A 60 4.18 -7.11 5.26
C HIS A 60 2.90 -7.42 4.48
N THR A 61 1.76 -7.16 5.08
CA THR A 61 0.48 -7.42 4.44
C THR A 61 0.36 -6.61 3.14
N VAL A 62 0.80 -5.36 3.19
CA VAL A 62 0.84 -4.48 2.02
C VAL A 62 1.77 -5.04 0.97
N LYS A 63 2.95 -5.39 1.41
CA LYS A 63 3.99 -5.96 0.53
C LYS A 63 3.46 -7.23 -0.16
N GLN A 64 2.78 -8.06 0.61
CA GLN A 64 2.19 -9.30 0.11
C GLN A 64 1.06 -8.98 -0.90
N TRP A 65 0.21 -8.04 -0.53
CA TRP A 65 -0.86 -7.54 -1.36
C TRP A 65 -0.34 -6.99 -2.70
N MET A 66 0.73 -6.21 -2.62
CA MET A 66 1.38 -5.62 -3.81
C MET A 66 1.69 -6.68 -4.86
N LYS A 67 2.29 -7.78 -4.41
CA LYS A 67 2.67 -8.88 -5.27
C LYS A 67 1.41 -9.48 -5.94
N VAL A 68 0.34 -9.60 -5.17
CA VAL A 68 -0.90 -10.19 -5.66
C VAL A 68 -1.56 -9.23 -6.67
N GLN A 69 -1.60 -7.96 -6.34
CA GLN A 69 -2.22 -6.92 -7.16
C GLN A 69 -1.45 -6.63 -8.41
N ALA A 70 -0.15 -6.83 -8.35
CA ALA A 70 0.72 -6.57 -9.49
C ALA A 70 0.31 -7.42 -10.69
N ALA A 71 -0.36 -8.53 -10.40
CA ALA A 71 -0.83 -9.46 -11.40
C ALA A 71 -2.00 -8.92 -12.24
N LYS A 72 -2.55 -7.75 -11.84
CA LYS A 72 -3.64 -7.10 -12.60
C LYS A 72 -3.27 -6.90 -14.06
N LYS A 73 -3.90 -7.68 -14.91
CA LYS A 73 -3.67 -7.62 -16.35
C LYS A 73 -4.38 -6.45 -17.01
N ASN A 74 -5.02 -5.63 -16.18
CA ASN A 74 -5.60 -4.38 -16.66
C ASN A 74 -4.46 -3.43 -16.86
N GLY A 75 -3.56 -3.50 -15.93
CA GLY A 75 -2.44 -2.65 -15.85
C GLY A 75 -2.07 -2.46 -14.42
N LYS A 76 -0.97 -1.82 -14.17
CA LYS A 76 -0.56 -1.55 -12.81
C LYS A 76 -0.82 -0.10 -12.40
N GLY A 77 -1.78 0.08 -11.51
CA GLY A 77 -2.09 1.41 -11.04
C GLY A 77 -2.16 1.46 -9.54
N ASN A 78 -2.84 0.49 -8.95
CA ASN A 78 -2.96 0.38 -7.51
C ASN A 78 -1.78 -0.33 -6.92
N VAL A 79 -0.78 -0.56 -7.70
CA VAL A 79 0.34 -1.28 -7.22
C VAL A 79 1.57 -0.41 -7.31
N CYS A 80 2.22 -0.22 -6.21
CA CYS A 80 3.44 0.55 -6.19
C CYS A 80 4.65 -0.35 -6.22
N HIS A 81 4.59 -1.43 -5.46
CA HIS A 81 5.70 -2.34 -5.41
C HIS A 81 5.43 -3.50 -6.35
N ARG A 82 6.08 -3.48 -7.49
CA ARG A 82 5.98 -4.57 -8.46
C ARG A 82 6.72 -5.76 -7.84
N LYS A 83 7.80 -5.43 -7.15
CA LYS A 83 8.57 -6.35 -6.34
C LYS A 83 9.14 -5.66 -5.13
N LYS A 84 8.61 -5.99 -3.99
CA LYS A 84 9.15 -5.55 -2.73
C LYS A 84 9.82 -6.78 -2.18
N HIS A 85 11.10 -6.69 -1.81
CA HIS A 85 11.89 -7.87 -1.42
C HIS A 85 12.07 -8.75 -2.66
N HIS A 86 12.44 -10.00 -2.49
CA HIS A 86 12.56 -10.88 -3.62
C HIS A 86 11.16 -11.31 -4.10
N GLY A 87 10.30 -11.61 -3.16
CA GLY A 87 8.97 -12.01 -3.49
C GLY A 87 8.28 -12.75 -2.38
N LYS A 88 9.09 -13.51 -1.59
CA LYS A 88 8.61 -14.34 -0.46
C LYS A 88 7.86 -15.59 -0.96
N ARG A 89 6.95 -15.37 -1.89
CA ARG A 89 6.17 -16.41 -2.57
C ARG A 89 5.18 -17.12 -1.67
N ASN A 90 4.43 -17.97 -2.32
CA ASN A 90 3.50 -18.89 -1.72
C ASN A 90 3.30 -19.98 -2.74
N SER A 91 2.96 -21.15 -2.30
CA SER A 91 2.75 -22.24 -3.22
C SER A 91 1.42 -22.10 -3.96
N ASN A 92 1.46 -21.42 -5.09
CA ASN A 92 0.29 -21.27 -5.92
C ASN A 92 0.03 -22.56 -6.63
N ARG A 93 -1.09 -23.15 -6.34
CA ARG A 93 -1.43 -24.42 -6.89
C ARG A 93 -2.59 -24.32 -7.83
N ALA A 94 -2.51 -25.03 -8.90
CA ALA A 94 -3.62 -25.19 -9.79
C ALA A 94 -4.40 -26.36 -9.23
N HIS A 95 -5.42 -26.07 -8.46
CA HIS A 95 -6.15 -27.08 -7.71
C HIS A 95 -6.83 -28.10 -8.61
N GLN A 96 -6.82 -29.34 -8.16
CA GLN A 96 -7.37 -30.45 -8.89
C GLN A 96 -8.84 -30.62 -8.53
N GLY A 97 -9.53 -31.45 -9.26
CA GLY A 97 -10.91 -31.72 -8.94
C GLY A 97 -11.71 -32.06 -10.15
N LYS A 98 -11.38 -31.48 -11.27
CA LYS A 98 -12.10 -31.73 -12.50
C LYS A 98 -11.18 -32.35 -13.53
N HIS A 99 -11.25 -33.66 -13.64
CA HIS A 99 -10.44 -34.39 -14.59
C HIS A 99 -11.35 -35.31 -15.38
N GLU A 100 -11.87 -36.30 -14.68
CA GLU A 100 -12.78 -37.27 -15.20
C GLU A 100 -13.85 -37.50 -14.16
N THR A 101 -15.07 -37.21 -14.49
CA THR A 101 -16.14 -37.33 -13.56
C THR A 101 -17.31 -38.03 -14.25
N TYR A 102 -18.18 -38.61 -13.48
CA TYR A 102 -19.32 -39.31 -14.02
C TYR A 102 -20.49 -39.20 -13.06
N GLY A 103 -21.64 -39.62 -13.51
CA GLY A 103 -22.79 -39.62 -12.66
C GLY A 103 -23.39 -40.98 -12.59
N HIS A 104 -24.38 -41.20 -13.39
CA HIS A 104 -25.07 -42.46 -13.46
C HIS A 104 -25.63 -42.61 -14.85
N LYS A 105 -24.99 -43.45 -15.65
CA LYS A 105 -25.40 -43.70 -17.01
C LYS A 105 -26.79 -44.27 -17.08
N THR A 106 -27.70 -43.45 -17.49
CA THR A 106 -29.05 -43.85 -17.59
C THR A 106 -29.51 -43.69 -19.05
N PRO A 107 -29.45 -44.78 -19.83
CA PRO A 107 -29.87 -44.76 -21.22
C PRO A 107 -31.39 -44.67 -21.32
N TYR A 108 -32.06 -45.39 -20.45
CA TYR A 108 -33.49 -45.40 -20.42
C TYR A 108 -33.99 -45.11 -19.01
N SER A 1 -2.60 18.25 9.96
CA SER A 1 -3.26 17.60 8.86
C SER A 1 -3.95 18.64 8.00
N GLU A 2 -3.89 18.49 6.69
CA GLU A 2 -4.54 19.42 5.81
C GLU A 2 -6.02 19.07 5.77
N ALA A 3 -6.79 19.83 6.48
CA ALA A 3 -8.22 19.66 6.55
C ALA A 3 -8.89 21.02 6.48
N ILE A 4 -8.16 21.99 5.99
CA ILE A 4 -8.65 23.35 5.88
C ILE A 4 -9.25 23.55 4.49
N LEU A 5 -8.76 22.77 3.56
CA LEU A 5 -9.33 22.67 2.25
C LEU A 5 -10.08 21.33 2.22
N PRO A 6 -10.80 20.97 1.14
CA PRO A 6 -11.48 19.64 1.05
C PRO A 6 -10.47 18.51 0.79
N ILE A 7 -9.29 18.64 1.39
CA ILE A 7 -8.15 17.78 1.19
C ILE A 7 -7.64 17.97 -0.23
N ALA A 8 -6.83 18.97 -0.39
CA ALA A 8 -6.27 19.30 -1.67
C ALA A 8 -4.90 18.72 -1.77
N SER A 9 -4.10 18.97 -0.76
CA SER A 9 -2.80 18.41 -0.70
C SER A 9 -2.89 17.07 0.01
N SER A 10 -2.92 16.02 -0.76
CA SER A 10 -3.03 14.69 -0.24
C SER A 10 -1.72 14.26 0.40
N CYS A 11 -1.73 14.17 1.69
CA CYS A 11 -0.58 13.76 2.43
C CYS A 11 -0.99 12.69 3.40
N CYS A 12 -0.14 11.76 3.61
CA CYS A 12 -0.39 10.74 4.57
C CYS A 12 0.35 11.04 5.84
N THR A 13 -0.30 11.79 6.69
CA THR A 13 0.23 12.21 7.95
C THR A 13 -0.17 11.21 9.02
N GLU A 14 -1.05 10.33 8.64
CA GLU A 14 -1.54 9.30 9.50
C GLU A 14 -1.41 8.02 8.74
N VAL A 15 -1.11 6.95 9.44
CA VAL A 15 -1.05 5.64 8.84
C VAL A 15 -1.63 4.62 9.76
N SER A 16 -2.19 3.60 9.19
CA SER A 16 -2.78 2.51 9.92
C SER A 16 -1.70 1.52 10.35
N HIS A 17 -0.48 1.74 9.84
CA HIS A 17 0.68 0.85 10.04
C HIS A 17 0.42 -0.49 9.38
N HIS A 18 -0.36 -1.31 10.01
CA HIS A 18 -0.72 -2.58 9.47
C HIS A 18 -2.15 -2.50 8.97
N ILE A 19 -2.47 -3.33 8.03
CA ILE A 19 -3.75 -3.32 7.40
C ILE A 19 -4.10 -4.74 6.95
N SER A 20 -5.36 -5.01 6.74
CA SER A 20 -5.81 -6.31 6.30
C SER A 20 -6.04 -6.28 4.78
N ARG A 21 -5.85 -7.42 4.11
CA ARG A 21 -6.00 -7.48 2.66
C ARG A 21 -7.39 -7.22 2.14
N ARG A 22 -8.43 -7.58 2.89
CA ARG A 22 -9.82 -7.36 2.43
C ARG A 22 -10.09 -5.92 2.01
N LEU A 23 -9.49 -4.99 2.71
CA LEU A 23 -9.56 -3.58 2.32
C LEU A 23 -8.65 -3.30 1.15
N LEU A 24 -7.45 -3.81 1.23
CA LEU A 24 -6.42 -3.58 0.23
C LEU A 24 -6.87 -3.96 -1.16
N GLU A 25 -7.58 -5.05 -1.26
CA GLU A 25 -8.09 -5.57 -2.53
C GLU A 25 -9.00 -4.53 -3.22
N ARG A 26 -9.49 -3.59 -2.45
CA ARG A 26 -10.43 -2.58 -2.92
C ARG A 26 -9.70 -1.27 -3.23
N VAL A 27 -8.41 -1.24 -2.95
CA VAL A 27 -7.57 -0.07 -3.25
C VAL A 27 -7.45 0.12 -4.76
N ASN A 28 -7.68 1.34 -5.20
CA ASN A 28 -7.63 1.67 -6.62
C ASN A 28 -6.38 2.50 -6.92
N MET A 29 -6.00 3.39 -6.00
CA MET A 29 -4.83 4.24 -6.21
C MET A 29 -3.80 3.94 -5.15
N CYS A 30 -2.57 3.90 -5.54
CA CYS A 30 -1.47 3.67 -4.64
C CYS A 30 -0.34 4.61 -4.97
N ARG A 31 0.17 5.29 -3.98
CA ARG A 31 1.36 6.09 -4.16
C ARG A 31 2.24 5.90 -2.97
N ILE A 32 3.53 5.86 -3.18
CA ILE A 32 4.46 5.73 -2.11
C ILE A 32 4.92 7.10 -1.70
N GLN A 33 4.52 7.48 -0.54
CA GLN A 33 4.92 8.71 0.03
C GLN A 33 6.19 8.45 0.77
N ARG A 34 7.21 9.09 0.37
CA ARG A 34 8.50 8.88 0.95
C ARG A 34 8.84 10.00 1.92
N ALA A 35 9.72 9.70 2.85
CA ALA A 35 10.22 10.68 3.74
C ALA A 35 11.23 11.47 3.01
N ASP A 36 10.76 12.59 2.57
CA ASP A 36 11.45 13.47 1.75
C ASP A 36 10.53 14.67 1.64
N GLY A 37 10.55 15.33 0.55
CA GLY A 37 9.86 16.60 0.38
C GLY A 37 8.40 16.40 0.11
N ASP A 38 8.02 15.16 -0.05
CA ASP A 38 6.63 14.80 -0.24
C ASP A 38 5.87 15.10 1.02
N CYS A 39 6.44 14.68 2.16
CA CYS A 39 5.77 14.82 3.51
C CYS A 39 6.68 14.44 4.68
N ASP A 40 7.88 14.00 4.37
CA ASP A 40 8.89 13.57 5.38
C ASP A 40 8.37 12.41 6.21
N LEU A 41 7.49 11.63 5.63
CA LEU A 41 6.89 10.51 6.29
C LEU A 41 6.63 9.47 5.24
N ALA A 42 7.09 8.28 5.49
CA ALA A 42 6.92 7.22 4.53
C ALA A 42 5.61 6.54 4.76
N ALA A 43 4.76 6.62 3.78
CA ALA A 43 3.46 6.07 3.87
C ALA A 43 2.98 5.63 2.51
N VAL A 44 2.06 4.76 2.49
CA VAL A 44 1.45 4.37 1.27
C VAL A 44 0.07 5.00 1.23
N ILE A 45 -0.13 5.82 0.24
CA ILE A 45 -1.39 6.48 0.02
C ILE A 45 -2.27 5.53 -0.79
N LEU A 46 -3.35 5.08 -0.20
CA LEU A 46 -4.25 4.13 -0.81
C LEU A 46 -5.59 4.76 -1.01
N HIS A 47 -6.04 4.78 -2.21
CA HIS A 47 -7.35 5.33 -2.47
C HIS A 47 -8.35 4.26 -2.68
N VAL A 48 -9.36 4.31 -1.92
CA VAL A 48 -10.45 3.40 -1.95
C VAL A 48 -11.67 4.23 -2.29
N LYS A 49 -12.66 3.66 -2.93
CA LYS A 49 -13.83 4.42 -3.36
C LYS A 49 -14.55 5.15 -2.21
N ARG A 50 -14.51 4.59 -1.01
CA ARG A 50 -15.19 5.25 0.11
C ARG A 50 -14.29 6.28 0.81
N ARG A 51 -12.97 6.04 0.86
CA ARG A 51 -11.99 6.93 1.51
C ARG A 51 -10.60 6.63 1.06
N ARG A 52 -9.72 7.53 1.35
CA ARG A 52 -8.31 7.34 1.15
C ARG A 52 -7.72 6.88 2.48
N ILE A 53 -6.99 5.81 2.44
CA ILE A 53 -6.36 5.21 3.61
C ILE A 53 -4.85 5.30 3.46
N CYS A 54 -4.15 5.39 4.54
CA CYS A 54 -2.72 5.46 4.49
C CYS A 54 -2.12 4.40 5.38
N VAL A 55 -1.18 3.66 4.85
CA VAL A 55 -0.55 2.58 5.61
C VAL A 55 0.95 2.70 5.53
N SER A 56 1.63 1.92 6.29
CA SER A 56 3.04 1.91 6.29
C SER A 56 3.57 0.94 5.23
N PRO A 57 4.55 1.38 4.40
CA PRO A 57 5.16 0.51 3.35
C PRO A 57 6.03 -0.57 3.98
N HIS A 58 6.16 -0.48 5.29
CA HIS A 58 6.93 -1.42 6.07
C HIS A 58 6.07 -2.62 6.45
N ASN A 59 4.79 -2.60 6.08
CA ASN A 59 3.88 -3.68 6.44
C ASN A 59 3.95 -4.82 5.44
N HIS A 60 4.13 -6.01 5.96
CA HIS A 60 4.25 -7.22 5.16
C HIS A 60 2.95 -7.53 4.40
N THR A 61 1.81 -7.19 4.99
CA THR A 61 0.51 -7.46 4.39
C THR A 61 0.36 -6.67 3.08
N VAL A 62 0.80 -5.43 3.12
CA VAL A 62 0.77 -4.55 1.96
C VAL A 62 1.60 -5.14 0.84
N LYS A 63 2.79 -5.53 1.17
CA LYS A 63 3.71 -6.12 0.22
C LYS A 63 3.19 -7.47 -0.33
N GLN A 64 2.45 -8.22 0.49
CA GLN A 64 1.87 -9.49 0.07
C GLN A 64 0.72 -9.16 -0.90
N TRP A 65 -0.09 -8.20 -0.52
CA TRP A 65 -1.16 -7.71 -1.35
C TRP A 65 -0.64 -7.20 -2.70
N MET A 66 0.44 -6.42 -2.67
CA MET A 66 1.04 -5.91 -3.90
C MET A 66 1.53 -7.03 -4.79
N LYS A 67 2.01 -8.12 -4.19
CA LYS A 67 2.42 -9.31 -4.91
C LYS A 67 1.26 -9.84 -5.76
N VAL A 68 0.09 -9.78 -5.20
CA VAL A 68 -1.09 -10.27 -5.87
C VAL A 68 -1.57 -9.24 -6.89
N GLN A 69 -1.67 -8.00 -6.45
CA GLN A 69 -2.18 -6.93 -7.26
C GLN A 69 -1.31 -6.56 -8.41
N ALA A 70 -0.04 -6.83 -8.29
CA ALA A 70 0.90 -6.53 -9.36
C ALA A 70 0.62 -7.43 -10.57
N ALA A 71 -0.01 -8.57 -10.31
CA ALA A 71 -0.35 -9.54 -11.32
C ALA A 71 -1.53 -9.07 -12.17
N LYS A 72 -2.12 -7.94 -11.78
CA LYS A 72 -3.21 -7.33 -12.54
C LYS A 72 -2.79 -7.01 -13.96
N LYS A 73 -3.74 -7.13 -14.86
CA LYS A 73 -3.51 -6.88 -16.28
C LYS A 73 -3.71 -5.39 -16.57
N ASN A 74 -3.83 -4.62 -15.50
CA ASN A 74 -4.06 -3.19 -15.59
C ASN A 74 -2.70 -2.47 -15.62
N GLY A 75 -1.66 -3.27 -15.48
CA GLY A 75 -0.32 -2.77 -15.46
C GLY A 75 0.04 -2.34 -14.07
N LYS A 76 -0.39 -1.16 -13.74
CA LYS A 76 -0.21 -0.61 -12.44
C LYS A 76 -1.22 0.51 -12.21
N GLY A 77 -2.21 0.22 -11.41
CA GLY A 77 -3.13 1.26 -11.03
C GLY A 77 -3.08 1.48 -9.55
N ASN A 78 -3.07 0.39 -8.85
CA ASN A 78 -3.05 0.36 -7.41
C ASN A 78 -1.85 -0.38 -6.90
N VAL A 79 -0.83 -0.48 -7.70
CA VAL A 79 0.29 -1.27 -7.28
C VAL A 79 1.54 -0.42 -7.23
N CYS A 80 2.28 -0.52 -6.17
CA CYS A 80 3.48 0.26 -6.02
C CYS A 80 4.73 -0.62 -5.99
N HIS A 81 4.83 -1.49 -5.01
CA HIS A 81 5.97 -2.37 -4.91
C HIS A 81 5.70 -3.60 -5.72
N ARG A 82 6.74 -4.30 -6.03
CA ARG A 82 6.65 -5.55 -6.71
C ARG A 82 7.90 -6.32 -6.45
N LYS A 83 7.76 -7.63 -6.34
CA LYS A 83 8.87 -8.57 -6.13
C LYS A 83 9.38 -8.47 -4.70
N LYS A 84 8.49 -8.07 -3.82
CA LYS A 84 8.75 -8.02 -2.41
C LYS A 84 8.48 -9.37 -1.80
N HIS A 85 9.12 -9.63 -0.69
CA HIS A 85 8.92 -10.87 0.00
C HIS A 85 7.78 -10.69 0.99
N HIS A 86 7.17 -11.78 1.40
CA HIS A 86 6.00 -11.72 2.29
C HIS A 86 6.42 -11.59 3.75
N GLY A 87 7.70 -11.51 3.97
CA GLY A 87 8.23 -11.36 5.28
C GLY A 87 8.89 -12.61 5.75
N LYS A 88 8.82 -12.85 7.01
CA LYS A 88 9.41 -14.02 7.60
C LYS A 88 8.33 -14.83 8.30
N ARG A 89 8.05 -16.00 7.78
CA ARG A 89 7.07 -16.87 8.38
C ARG A 89 7.73 -17.86 9.32
N ASN A 90 9.05 -17.97 9.22
CA ASN A 90 9.80 -18.77 10.16
C ASN A 90 10.16 -17.92 11.35
N SER A 91 9.30 -17.90 12.30
CA SER A 91 9.47 -17.07 13.44
C SER A 91 10.34 -17.73 14.49
N ASN A 92 11.57 -17.29 14.60
CA ASN A 92 12.43 -17.74 15.67
C ASN A 92 11.88 -17.09 16.93
N ARG A 93 11.44 -17.89 17.86
CA ARG A 93 10.79 -17.37 19.05
C ARG A 93 11.77 -16.80 20.06
N ALA A 94 13.04 -16.91 19.76
CA ALA A 94 14.07 -16.33 20.57
C ALA A 94 14.96 -15.47 19.69
N HIS A 95 14.58 -14.22 19.48
CA HIS A 95 15.35 -13.35 18.62
C HIS A 95 15.56 -11.99 19.27
N GLN A 96 16.82 -11.65 19.44
CA GLN A 96 17.27 -10.36 19.99
C GLN A 96 18.76 -10.45 20.19
N GLY A 97 19.18 -11.55 20.79
CA GLY A 97 20.57 -11.76 21.07
C GLY A 97 20.95 -11.02 22.31
N LYS A 98 21.43 -9.83 22.14
CA LYS A 98 21.78 -8.96 23.24
C LYS A 98 21.48 -7.53 22.88
N HIS A 99 22.32 -7.00 22.03
CA HIS A 99 22.29 -5.63 21.59
C HIS A 99 23.45 -5.54 20.62
N GLU A 100 23.60 -4.45 19.90
CA GLU A 100 24.75 -4.29 19.05
C GLU A 100 25.95 -3.96 19.93
N THR A 101 26.64 -4.98 20.33
CA THR A 101 27.75 -4.84 21.21
C THR A 101 28.93 -5.61 20.66
N TYR A 102 30.11 -5.20 21.05
CA TYR A 102 31.34 -5.78 20.59
C TYR A 102 32.47 -5.49 21.58
N GLY A 103 32.82 -6.48 22.35
CA GLY A 103 33.91 -6.33 23.28
C GLY A 103 35.19 -6.67 22.62
N HIS A 104 35.21 -7.84 22.04
CA HIS A 104 36.32 -8.31 21.26
C HIS A 104 36.29 -7.58 19.92
N LYS A 105 37.36 -6.89 19.60
CA LYS A 105 37.47 -6.21 18.31
C LYS A 105 37.52 -7.25 17.22
N THR A 106 36.90 -6.97 16.12
CA THR A 106 36.86 -7.93 15.06
C THR A 106 37.92 -7.62 13.96
N PRO A 107 38.96 -8.43 13.86
CA PRO A 107 39.93 -8.32 12.82
C PRO A 107 39.56 -9.29 11.69
N TYR A 108 40.48 -9.48 10.74
CA TYR A 108 40.29 -10.37 9.60
C TYR A 108 39.05 -9.99 8.81
N SER A 1 1.88 24.01 4.77
CA SER A 1 1.08 24.66 5.79
C SER A 1 -0.39 24.39 5.55
N GLU A 2 -1.14 24.12 6.63
CA GLU A 2 -2.58 23.84 6.59
C GLU A 2 -2.87 22.46 5.94
N ALA A 3 -3.96 21.82 6.40
CA ALA A 3 -4.44 20.54 5.85
C ALA A 3 -3.51 19.36 6.19
N ILE A 4 -2.47 19.62 6.95
CA ILE A 4 -1.48 18.62 7.31
C ILE A 4 -1.99 17.78 8.48
N LEU A 5 -2.30 18.45 9.56
CA LEU A 5 -2.74 17.78 10.78
C LEU A 5 -4.24 17.37 10.72
N PRO A 6 -5.20 18.27 10.29
CA PRO A 6 -6.62 17.90 10.17
C PRO A 6 -6.84 16.90 9.01
N ILE A 7 -5.80 16.74 8.19
CA ILE A 7 -5.78 15.87 7.03
C ILE A 7 -6.81 16.28 5.98
N ALA A 8 -6.35 17.12 5.10
CA ALA A 8 -7.12 17.61 3.97
C ALA A 8 -6.15 17.85 2.82
N SER A 9 -5.00 17.23 2.94
CA SER A 9 -3.91 17.34 2.01
C SER A 9 -3.66 15.96 1.40
N SER A 10 -2.95 15.93 0.29
CA SER A 10 -2.65 14.71 -0.44
C SER A 10 -1.61 13.83 0.30
N CYS A 11 -1.16 14.30 1.45
CA CYS A 11 -0.20 13.56 2.24
C CYS A 11 -0.88 12.71 3.30
N CYS A 12 -0.15 11.74 3.76
CA CYS A 12 -0.55 10.85 4.81
C CYS A 12 0.30 11.09 6.03
N THR A 13 -0.20 11.91 6.92
CA THR A 13 0.50 12.27 8.14
C THR A 13 0.18 11.30 9.27
N GLU A 14 -0.78 10.45 9.03
CA GLU A 14 -1.17 9.42 9.97
C GLU A 14 -1.31 8.15 9.20
N VAL A 15 -0.99 7.05 9.84
CA VAL A 15 -1.09 5.75 9.21
C VAL A 15 -1.63 4.73 10.20
N SER A 16 -2.23 3.70 9.70
CA SER A 16 -2.79 2.66 10.53
C SER A 16 -1.71 1.59 10.81
N HIS A 17 -0.52 1.80 10.24
CA HIS A 17 0.65 0.91 10.37
C HIS A 17 0.46 -0.42 9.67
N HIS A 18 -0.44 -1.23 10.17
CA HIS A 18 -0.72 -2.52 9.58
C HIS A 18 -2.12 -2.51 9.01
N ILE A 19 -2.40 -3.38 8.09
CA ILE A 19 -3.69 -3.40 7.43
C ILE A 19 -4.07 -4.83 7.03
N SER A 20 -5.34 -5.07 6.86
CA SER A 20 -5.81 -6.35 6.42
C SER A 20 -5.88 -6.34 4.90
N ARG A 21 -5.58 -7.47 4.28
CA ARG A 21 -5.48 -7.51 2.83
C ARG A 21 -6.84 -7.33 2.14
N ARG A 22 -7.92 -7.75 2.80
CA ARG A 22 -9.28 -7.62 2.26
C ARG A 22 -9.60 -6.18 1.84
N LEU A 23 -9.10 -5.22 2.61
CA LEU A 23 -9.27 -3.81 2.28
C LEU A 23 -8.41 -3.44 1.10
N LEU A 24 -7.22 -3.92 1.13
CA LEU A 24 -6.25 -3.63 0.12
C LEU A 24 -6.74 -4.04 -1.26
N GLU A 25 -7.41 -5.15 -1.32
CA GLU A 25 -7.97 -5.68 -2.57
C GLU A 25 -9.01 -4.69 -3.17
N ARG A 26 -9.47 -3.76 -2.35
CA ARG A 26 -10.43 -2.73 -2.75
C ARG A 26 -9.73 -1.43 -3.16
N VAL A 27 -8.43 -1.35 -2.89
CA VAL A 27 -7.63 -0.18 -3.23
C VAL A 27 -7.50 -0.02 -4.74
N ASN A 28 -7.79 1.18 -5.21
CA ASN A 28 -7.76 1.45 -6.63
C ASN A 28 -6.56 2.31 -7.00
N MET A 29 -6.11 3.14 -6.06
CA MET A 29 -4.97 4.03 -6.32
C MET A 29 -3.96 3.85 -5.19
N CYS A 30 -2.71 3.78 -5.52
CA CYS A 30 -1.66 3.58 -4.53
C CYS A 30 -0.55 4.58 -4.79
N ARG A 31 -0.14 5.30 -3.77
CA ARG A 31 1.00 6.20 -3.87
C ARG A 31 1.84 6.07 -2.61
N ILE A 32 3.12 5.88 -2.74
CA ILE A 32 3.96 5.84 -1.58
C ILE A 32 4.58 7.20 -1.33
N GLN A 33 4.37 7.67 -0.15
CA GLN A 33 4.86 8.92 0.32
C GLN A 33 6.23 8.70 0.91
N ARG A 34 7.15 9.52 0.54
CA ARG A 34 8.50 9.39 0.98
C ARG A 34 8.91 10.60 1.80
N ALA A 35 9.73 10.38 2.77
CA ALA A 35 10.31 11.46 3.51
C ALA A 35 11.53 11.94 2.73
N ASP A 36 11.36 13.01 2.00
CA ASP A 36 12.40 13.55 1.16
C ASP A 36 12.15 15.01 0.90
N GLY A 37 11.04 15.29 0.25
CA GLY A 37 10.63 16.64 -0.03
C GLY A 37 9.19 16.68 -0.41
N ASP A 38 8.44 15.81 0.19
CA ASP A 38 7.01 15.68 -0.06
C ASP A 38 6.30 15.95 1.23
N CYS A 39 6.41 14.99 2.11
CA CYS A 39 5.93 15.05 3.47
C CYS A 39 6.79 14.08 4.27
N ASP A 40 7.29 14.52 5.41
CA ASP A 40 8.34 13.81 6.19
C ASP A 40 7.88 12.59 6.93
N LEU A 41 7.22 11.72 6.24
CA LEU A 41 6.75 10.48 6.80
C LEU A 41 6.55 9.52 5.65
N ALA A 42 7.03 8.31 5.78
CA ALA A 42 6.87 7.35 4.73
C ALA A 42 5.57 6.62 4.93
N ALA A 43 4.69 6.75 3.98
CA ALA A 43 3.38 6.18 4.12
C ALA A 43 2.86 5.69 2.79
N VAL A 44 2.07 4.68 2.84
CA VAL A 44 1.43 4.19 1.67
C VAL A 44 0.03 4.77 1.65
N ILE A 45 -0.19 5.62 0.71
CA ILE A 45 -1.44 6.27 0.49
C ILE A 45 -2.30 5.35 -0.40
N LEU A 46 -3.39 4.88 0.15
CA LEU A 46 -4.26 3.93 -0.52
C LEU A 46 -5.61 4.53 -0.75
N HIS A 47 -6.03 4.55 -1.96
CA HIS A 47 -7.31 5.13 -2.29
C HIS A 47 -8.36 4.09 -2.54
N VAL A 48 -9.46 4.27 -1.87
CA VAL A 48 -10.62 3.45 -2.01
C VAL A 48 -11.72 4.42 -2.42
N LYS A 49 -12.72 3.94 -3.13
CA LYS A 49 -13.76 4.82 -3.66
C LYS A 49 -14.44 5.73 -2.62
N ARG A 50 -14.57 5.27 -1.38
CA ARG A 50 -15.18 6.11 -0.36
C ARG A 50 -14.17 7.04 0.30
N ARG A 51 -12.94 6.57 0.47
CA ARG A 51 -11.90 7.33 1.18
C ARG A 51 -10.53 6.79 0.92
N ARG A 52 -9.57 7.54 1.34
CA ARG A 52 -8.19 7.24 1.20
C ARG A 52 -7.64 6.85 2.58
N ILE A 53 -7.03 5.70 2.67
CA ILE A 53 -6.48 5.19 3.90
C ILE A 53 -4.95 5.23 3.81
N CYS A 54 -4.29 5.38 4.92
CA CYS A 54 -2.85 5.48 4.92
C CYS A 54 -2.25 4.37 5.79
N VAL A 55 -1.34 3.62 5.23
CA VAL A 55 -0.71 2.50 5.92
C VAL A 55 0.82 2.64 5.81
N SER A 56 1.56 1.98 6.66
CA SER A 56 2.99 2.03 6.61
C SER A 56 3.53 1.06 5.54
N PRO A 57 4.62 1.47 4.83
CA PRO A 57 5.26 0.64 3.78
C PRO A 57 6.00 -0.56 4.38
N HIS A 58 6.02 -0.60 5.68
CA HIS A 58 6.70 -1.64 6.44
C HIS A 58 5.75 -2.80 6.69
N ASN A 59 4.58 -2.73 6.11
CA ASN A 59 3.59 -3.75 6.30
C ASN A 59 3.69 -4.85 5.23
N HIS A 60 3.86 -6.07 5.73
CA HIS A 60 3.99 -7.28 4.90
C HIS A 60 2.76 -7.48 4.03
N THR A 61 1.60 -7.23 4.62
CA THR A 61 0.33 -7.42 3.96
C THR A 61 0.25 -6.58 2.66
N VAL A 62 0.67 -5.32 2.75
CA VAL A 62 0.76 -4.41 1.60
C VAL A 62 1.67 -5.01 0.52
N LYS A 63 2.85 -5.44 0.93
CA LYS A 63 3.79 -6.09 0.03
C LYS A 63 3.23 -7.40 -0.58
N GLN A 64 2.40 -8.12 0.16
CA GLN A 64 1.81 -9.36 -0.33
C GLN A 64 0.70 -9.04 -1.30
N TRP A 65 -0.08 -8.06 -0.92
CA TRP A 65 -1.16 -7.54 -1.71
C TRP A 65 -0.67 -7.12 -3.10
N MET A 66 0.41 -6.35 -3.14
CA MET A 66 0.96 -5.87 -4.39
C MET A 66 1.40 -6.99 -5.31
N LYS A 67 1.86 -8.11 -4.76
CA LYS A 67 2.24 -9.28 -5.56
C LYS A 67 1.05 -9.76 -6.38
N VAL A 68 -0.09 -9.78 -5.73
CA VAL A 68 -1.31 -10.27 -6.33
C VAL A 68 -1.90 -9.21 -7.25
N GLN A 69 -1.91 -7.99 -6.78
CA GLN A 69 -2.47 -6.88 -7.52
C GLN A 69 -1.70 -6.56 -8.77
N ALA A 70 -0.43 -6.82 -8.75
CA ALA A 70 0.39 -6.56 -9.89
C ALA A 70 0.12 -7.60 -10.99
N ALA A 71 -0.35 -8.76 -10.57
CA ALA A 71 -0.66 -9.90 -11.44
C ALA A 71 -1.95 -9.69 -12.24
N LYS A 72 -2.60 -8.57 -11.96
CA LYS A 72 -3.90 -8.23 -12.54
C LYS A 72 -4.00 -8.38 -14.07
N LYS A 73 -3.52 -7.36 -14.81
CA LYS A 73 -3.63 -7.30 -16.28
C LYS A 73 -3.31 -5.88 -16.74
N ASN A 74 -3.87 -4.91 -16.01
CA ASN A 74 -3.73 -3.45 -16.32
C ASN A 74 -2.30 -2.89 -16.12
N GLY A 75 -1.33 -3.77 -15.87
CA GLY A 75 0.05 -3.34 -15.72
C GLY A 75 0.25 -2.44 -14.53
N LYS A 76 -0.34 -2.82 -13.40
CA LYS A 76 -0.29 -2.06 -12.15
C LYS A 76 -1.12 -0.78 -12.23
N GLY A 77 -2.29 -0.82 -11.64
CA GLY A 77 -3.12 0.37 -11.58
C GLY A 77 -3.29 0.83 -10.17
N ASN A 78 -2.92 -0.04 -9.27
CA ASN A 78 -3.04 0.19 -7.84
C ASN A 78 -1.87 -0.39 -7.12
N VAL A 79 -0.75 -0.46 -7.77
CA VAL A 79 0.39 -1.09 -7.16
C VAL A 79 1.55 -0.10 -7.02
N CYS A 80 2.22 -0.13 -5.88
CA CYS A 80 3.33 0.76 -5.62
C CYS A 80 4.70 0.12 -5.80
N HIS A 81 5.04 -0.87 -4.97
CA HIS A 81 6.33 -1.55 -5.14
C HIS A 81 6.27 -2.43 -6.36
N ARG A 82 6.85 -1.93 -7.44
CA ARG A 82 6.88 -2.62 -8.71
C ARG A 82 7.78 -3.83 -8.62
N LYS A 83 8.80 -3.71 -7.81
CA LYS A 83 9.72 -4.77 -7.61
C LYS A 83 10.22 -4.81 -6.16
N LYS A 84 9.95 -5.89 -5.51
CA LYS A 84 10.47 -6.15 -4.18
C LYS A 84 10.78 -7.63 -4.12
N HIS A 85 11.15 -8.15 -5.30
CA HIS A 85 11.38 -9.57 -5.59
C HIS A 85 12.23 -10.31 -4.55
N HIS A 86 13.29 -9.67 -4.07
CA HIS A 86 14.21 -10.34 -3.13
C HIS A 86 13.56 -10.42 -1.75
N GLY A 87 12.61 -9.56 -1.50
CA GLY A 87 11.88 -9.57 -0.28
C GLY A 87 10.73 -10.51 -0.38
N LYS A 88 10.97 -11.76 -0.07
CA LYS A 88 9.98 -12.80 -0.16
C LYS A 88 9.01 -12.74 1.02
N ARG A 89 8.30 -13.84 1.26
CA ARG A 89 7.34 -13.90 2.33
C ARG A 89 8.09 -14.05 3.64
N ASN A 90 8.57 -12.96 4.17
CA ASN A 90 9.26 -12.97 5.43
C ASN A 90 8.25 -12.78 6.52
N SER A 91 7.70 -13.85 6.96
CA SER A 91 6.74 -13.80 8.00
C SER A 91 7.30 -14.46 9.22
N ASN A 92 7.51 -13.67 10.26
CA ASN A 92 8.03 -14.13 11.55
C ASN A 92 9.51 -14.54 11.48
N ARG A 93 10.33 -13.72 12.08
CA ARG A 93 11.73 -14.03 12.25
C ARG A 93 12.09 -13.67 13.67
N ALA A 94 12.77 -14.55 14.33
CA ALA A 94 13.09 -14.35 15.72
C ALA A 94 14.51 -14.80 16.02
N HIS A 95 15.33 -14.84 14.96
CA HIS A 95 16.72 -15.28 15.04
C HIS A 95 16.76 -16.79 15.23
N GLN A 96 17.03 -17.48 14.13
CA GLN A 96 17.01 -18.93 14.06
C GLN A 96 18.11 -19.56 14.93
N GLY A 97 17.73 -19.96 16.13
CA GLY A 97 18.64 -20.58 17.04
C GLY A 97 19.53 -19.57 17.71
N LYS A 98 19.34 -19.37 19.01
CA LYS A 98 20.15 -18.44 19.76
C LYS A 98 21.56 -19.01 19.95
N HIS A 99 22.37 -18.81 18.96
CA HIS A 99 23.70 -19.32 18.95
C HIS A 99 24.68 -18.38 19.62
N GLU A 100 24.98 -18.68 20.84
CA GLU A 100 25.93 -17.92 21.59
C GLU A 100 26.84 -18.89 22.33
N THR A 101 27.87 -19.31 21.65
CA THR A 101 28.81 -20.28 22.17
C THR A 101 29.92 -19.58 22.95
N TYR A 102 30.05 -18.26 22.72
CA TYR A 102 31.10 -17.39 23.30
C TYR A 102 32.44 -17.73 22.65
N GLY A 103 32.93 -18.90 22.95
CA GLY A 103 34.11 -19.40 22.32
C GLY A 103 33.71 -20.25 21.15
N HIS A 104 33.16 -19.59 20.14
CA HIS A 104 32.67 -20.27 18.96
C HIS A 104 33.83 -20.69 18.06
N LYS A 105 34.94 -20.02 18.23
CA LYS A 105 36.12 -20.33 17.49
C LYS A 105 36.99 -21.26 18.31
N THR A 106 37.32 -22.39 17.75
CA THR A 106 38.20 -23.31 18.40
C THR A 106 39.61 -22.71 18.51
N PRO A 107 40.33 -22.98 19.60
CA PRO A 107 41.69 -22.43 19.84
C PRO A 107 42.77 -23.08 18.95
N TYR A 108 42.34 -23.82 17.95
CA TYR A 108 43.24 -24.46 17.03
C TYR A 108 43.31 -23.62 15.77
N SER A 1 -16.60 19.59 8.36
CA SER A 1 -16.00 19.13 7.13
C SER A 1 -14.66 19.78 6.90
N GLU A 2 -13.61 18.99 6.92
CA GLU A 2 -12.27 19.46 6.69
C GLU A 2 -11.53 18.46 5.83
N ALA A 3 -11.00 18.93 4.73
CA ALA A 3 -10.26 18.10 3.83
C ALA A 3 -8.90 17.79 4.43
N ILE A 4 -8.87 16.71 5.15
CA ILE A 4 -7.67 16.19 5.76
C ILE A 4 -7.92 14.76 6.21
N LEU A 5 -9.13 14.49 6.73
CA LEU A 5 -9.51 13.13 7.10
C LEU A 5 -9.60 12.20 5.86
N PRO A 6 -10.49 12.49 4.85
CA PRO A 6 -10.52 11.70 3.62
C PRO A 6 -9.24 11.93 2.81
N ILE A 7 -9.09 13.12 2.30
CA ILE A 7 -7.93 13.53 1.59
C ILE A 7 -7.56 14.92 2.05
N ALA A 8 -6.31 15.15 2.30
CA ALA A 8 -5.86 16.48 2.70
C ALA A 8 -5.48 17.23 1.44
N SER A 9 -4.36 16.87 0.89
CA SER A 9 -3.95 17.38 -0.38
C SER A 9 -3.33 16.23 -1.19
N SER A 10 -2.44 15.46 -0.54
CA SER A 10 -1.84 14.30 -1.16
C SER A 10 -1.20 13.37 -0.12
N CYS A 11 -0.68 13.93 0.94
CA CYS A 11 0.14 13.19 1.90
C CYS A 11 -0.65 12.63 3.08
N CYS A 12 -0.03 11.68 3.71
CA CYS A 12 -0.54 10.96 4.84
C CYS A 12 0.21 11.36 6.09
N THR A 13 -0.50 11.97 7.02
CA THR A 13 0.07 12.40 8.28
C THR A 13 -0.14 11.34 9.36
N GLU A 14 -1.12 10.49 9.13
CA GLU A 14 -1.46 9.44 10.06
C GLU A 14 -1.69 8.19 9.27
N VAL A 15 -1.46 7.06 9.89
CA VAL A 15 -1.65 5.80 9.23
C VAL A 15 -2.42 4.84 10.12
N SER A 16 -3.01 3.84 9.50
CA SER A 16 -3.78 2.83 10.18
C SER A 16 -2.87 1.71 10.68
N HIS A 17 -1.59 1.79 10.31
CA HIS A 17 -0.56 0.81 10.67
C HIS A 17 -0.79 -0.56 10.02
N HIS A 18 -1.77 -1.28 10.49
CA HIS A 18 -2.07 -2.59 9.96
C HIS A 18 -3.36 -2.58 9.17
N ILE A 19 -3.46 -3.46 8.20
CA ILE A 19 -4.58 -3.51 7.30
C ILE A 19 -4.82 -4.96 6.86
N SER A 20 -6.01 -5.25 6.39
CA SER A 20 -6.32 -6.57 5.88
C SER A 20 -6.06 -6.61 4.37
N ARG A 21 -5.57 -7.74 3.89
CA ARG A 21 -5.19 -7.92 2.50
C ARG A 21 -6.42 -7.94 1.57
N ARG A 22 -7.54 -8.41 2.09
CA ARG A 22 -8.83 -8.42 1.37
C ARG A 22 -9.19 -7.00 0.90
N LEU A 23 -9.12 -6.04 1.82
CA LEU A 23 -9.42 -4.65 1.53
C LEU A 23 -8.49 -4.09 0.49
N LEU A 24 -7.27 -4.50 0.58
CA LEU A 24 -6.24 -4.00 -0.25
C LEU A 24 -6.52 -4.21 -1.73
N GLU A 25 -7.16 -5.30 -2.07
CA GLU A 25 -7.45 -5.56 -3.47
C GLU A 25 -8.51 -4.60 -4.04
N ARG A 26 -9.13 -3.84 -3.16
CA ARG A 26 -10.13 -2.86 -3.53
C ARG A 26 -9.47 -1.48 -3.68
N VAL A 27 -8.21 -1.39 -3.27
CA VAL A 27 -7.40 -0.18 -3.41
C VAL A 27 -7.10 0.12 -4.89
N ASN A 28 -7.28 1.38 -5.27
CA ASN A 28 -7.13 1.82 -6.65
C ASN A 28 -5.86 2.67 -6.83
N MET A 29 -5.40 3.30 -5.76
CA MET A 29 -4.17 4.13 -5.85
C MET A 29 -3.21 3.77 -4.74
N CYS A 30 -1.93 3.64 -5.07
CA CYS A 30 -0.91 3.46 -4.05
C CYS A 30 0.19 4.43 -4.28
N ARG A 31 0.51 5.18 -3.29
CA ARG A 31 1.59 6.08 -3.35
C ARG A 31 2.46 5.89 -2.12
N ILE A 32 3.72 5.70 -2.34
CA ILE A 32 4.63 5.53 -1.27
C ILE A 32 5.22 6.87 -0.93
N GLN A 33 4.81 7.37 0.18
CA GLN A 33 5.24 8.61 0.68
C GLN A 33 6.47 8.38 1.48
N ARG A 34 7.51 8.98 1.06
CA ARG A 34 8.78 8.85 1.69
C ARG A 34 9.29 10.21 2.04
N ALA A 35 10.05 10.27 3.08
CA ALA A 35 10.67 11.49 3.47
C ALA A 35 11.87 11.71 2.56
N ASP A 36 11.65 12.52 1.55
CA ASP A 36 12.65 12.80 0.52
C ASP A 36 12.15 13.89 -0.39
N GLY A 37 10.98 13.69 -0.97
CA GLY A 37 10.46 14.68 -1.88
C GLY A 37 8.97 14.60 -2.03
N ASP A 38 8.30 14.35 -0.93
CA ASP A 38 6.84 14.28 -0.90
C ASP A 38 6.36 14.99 0.33
N CYS A 39 6.59 14.33 1.44
CA CYS A 39 6.28 14.80 2.78
C CYS A 39 7.16 14.03 3.72
N ASP A 40 7.69 14.69 4.75
CA ASP A 40 8.67 14.07 5.61
C ASP A 40 8.07 13.20 6.67
N LEU A 41 7.50 12.16 6.19
CA LEU A 41 6.94 11.09 6.95
C LEU A 41 6.74 9.93 6.01
N ALA A 42 7.21 8.77 6.36
CA ALA A 42 7.03 7.63 5.49
C ALA A 42 5.69 7.00 5.76
N ALA A 43 4.85 6.97 4.76
CA ALA A 43 3.51 6.44 4.86
C ALA A 43 3.07 5.87 3.53
N VAL A 44 2.13 4.97 3.55
CA VAL A 44 1.58 4.43 2.34
C VAL A 44 0.20 5.01 2.12
N ILE A 45 0.08 5.81 1.10
CA ILE A 45 -1.16 6.43 0.73
C ILE A 45 -1.94 5.48 -0.18
N LEU A 46 -3.11 5.03 0.26
CA LEU A 46 -3.93 4.09 -0.49
C LEU A 46 -5.30 4.67 -0.74
N HIS A 47 -5.69 4.70 -1.97
CA HIS A 47 -6.99 5.27 -2.30
C HIS A 47 -7.99 4.19 -2.63
N VAL A 48 -9.08 4.25 -1.95
CA VAL A 48 -10.17 3.33 -2.11
C VAL A 48 -11.37 4.17 -2.52
N LYS A 49 -12.30 3.57 -3.23
CA LYS A 49 -13.47 4.29 -3.76
C LYS A 49 -14.36 4.92 -2.67
N ARG A 50 -14.21 4.48 -1.43
CA ARG A 50 -14.98 5.06 -0.35
C ARG A 50 -14.15 6.08 0.46
N ARG A 51 -12.85 5.83 0.58
CA ARG A 51 -11.93 6.66 1.40
C ARG A 51 -10.50 6.41 0.99
N ARG A 52 -9.64 7.34 1.31
CA ARG A 52 -8.23 7.16 1.18
C ARG A 52 -7.71 6.72 2.55
N ILE A 53 -7.05 5.60 2.61
CA ILE A 53 -6.51 5.09 3.85
C ILE A 53 -5.01 5.12 3.77
N CYS A 54 -4.39 5.43 4.84
CA CYS A 54 -2.97 5.48 4.91
C CYS A 54 -2.47 4.34 5.78
N VAL A 55 -1.49 3.63 5.33
CA VAL A 55 -0.99 2.47 6.06
C VAL A 55 0.53 2.59 6.24
N SER A 56 1.08 1.84 7.16
CA SER A 56 2.49 1.83 7.42
C SER A 56 3.26 1.10 6.29
N PRO A 57 4.37 1.71 5.82
CA PRO A 57 5.20 1.16 4.72
C PRO A 57 6.02 -0.06 5.15
N HIS A 58 5.95 -0.37 6.40
CA HIS A 58 6.69 -1.47 6.99
C HIS A 58 5.80 -2.69 7.15
N ASN A 59 4.60 -2.58 6.62
CA ASN A 59 3.62 -3.62 6.77
C ASN A 59 3.74 -4.64 5.63
N HIS A 60 3.99 -5.89 6.01
CA HIS A 60 4.15 -6.99 5.07
C HIS A 60 2.90 -7.19 4.22
N THR A 61 1.75 -6.93 4.80
CA THR A 61 0.47 -7.13 4.11
C THR A 61 0.39 -6.26 2.85
N VAL A 62 0.80 -5.01 2.99
CA VAL A 62 0.89 -4.05 1.87
C VAL A 62 1.82 -4.61 0.80
N LYS A 63 2.97 -4.99 1.23
CA LYS A 63 4.00 -5.53 0.36
C LYS A 63 3.63 -6.88 -0.30
N GLN A 64 2.87 -7.68 0.40
CA GLN A 64 2.39 -8.93 -0.15
C GLN A 64 1.27 -8.67 -1.14
N TRP A 65 0.40 -7.77 -0.78
CA TRP A 65 -0.66 -7.30 -1.63
C TRP A 65 -0.12 -6.79 -2.96
N MET A 66 0.93 -6.03 -2.87
CA MET A 66 1.59 -5.47 -4.04
C MET A 66 1.97 -6.46 -5.12
N LYS A 67 2.51 -7.62 -4.76
CA LYS A 67 2.89 -8.60 -5.77
C LYS A 67 1.64 -9.13 -6.47
N VAL A 68 0.57 -9.24 -5.71
CA VAL A 68 -0.71 -9.75 -6.17
C VAL A 68 -1.36 -8.71 -7.10
N GLN A 69 -1.24 -7.47 -6.72
CA GLN A 69 -1.75 -6.35 -7.49
C GLN A 69 -0.98 -6.07 -8.72
N ALA A 70 0.25 -6.42 -8.71
CA ALA A 70 1.03 -6.19 -9.87
C ALA A 70 0.66 -7.19 -10.97
N ALA A 71 0.18 -8.35 -10.55
CA ALA A 71 -0.20 -9.46 -11.44
C ALA A 71 -1.56 -9.24 -12.11
N LYS A 72 -2.24 -8.15 -11.74
CA LYS A 72 -3.58 -7.84 -12.26
C LYS A 72 -3.63 -7.82 -13.77
N LYS A 73 -4.74 -8.30 -14.31
CA LYS A 73 -4.96 -8.31 -15.74
C LYS A 73 -5.30 -6.92 -16.21
N ASN A 74 -5.77 -6.11 -15.30
CA ASN A 74 -6.00 -4.72 -15.57
C ASN A 74 -4.66 -4.00 -15.49
N GLY A 75 -4.62 -2.80 -16.03
CA GLY A 75 -3.40 -2.03 -15.98
C GLY A 75 -3.00 -1.73 -14.57
N LYS A 76 -1.71 -1.62 -14.34
CA LYS A 76 -1.21 -1.35 -13.02
C LYS A 76 -1.54 0.08 -12.65
N GLY A 77 -2.51 0.25 -11.80
CA GLY A 77 -2.90 1.60 -11.39
C GLY A 77 -2.61 1.83 -9.94
N ASN A 78 -3.01 0.90 -9.14
CA ASN A 78 -2.82 0.91 -7.70
C ASN A 78 -1.50 0.33 -7.29
N VAL A 79 -0.60 0.15 -8.20
CA VAL A 79 0.55 -0.56 -7.82
C VAL A 79 1.72 0.36 -7.62
N CYS A 80 2.27 0.33 -6.44
CA CYS A 80 3.39 1.15 -6.09
C CYS A 80 4.66 0.30 -6.00
N HIS A 81 4.55 -0.87 -5.40
CA HIS A 81 5.64 -1.82 -5.39
C HIS A 81 5.42 -2.83 -6.47
N ARG A 82 6.39 -2.97 -7.35
CA ARG A 82 6.30 -3.89 -8.49
C ARG A 82 6.37 -5.33 -8.03
N LYS A 83 6.98 -5.51 -6.90
CA LYS A 83 7.15 -6.78 -6.26
C LYS A 83 7.50 -6.52 -4.82
N LYS A 84 7.63 -7.54 -4.02
CA LYS A 84 8.07 -7.32 -2.68
C LYS A 84 9.57 -7.42 -2.70
N HIS A 85 10.22 -6.49 -2.01
CA HIS A 85 11.68 -6.43 -1.97
C HIS A 85 12.29 -7.75 -1.51
N HIS A 86 11.63 -8.39 -0.55
CA HIS A 86 12.12 -9.65 0.02
C HIS A 86 11.44 -10.88 -0.61
N GLY A 87 10.56 -10.66 -1.58
CA GLY A 87 9.78 -11.75 -2.18
C GLY A 87 8.85 -12.39 -1.15
N LYS A 88 8.52 -13.68 -1.32
CA LYS A 88 7.72 -14.47 -0.36
C LYS A 88 7.18 -15.73 -1.03
N ARG A 89 6.57 -15.51 -2.20
CA ARG A 89 5.82 -16.52 -2.93
C ARG A 89 4.56 -16.89 -2.15
N ASN A 90 3.48 -16.23 -2.50
CA ASN A 90 2.19 -16.35 -1.86
C ASN A 90 1.25 -15.49 -2.69
N SER A 91 -0.02 -15.73 -2.63
CA SER A 91 -0.98 -14.96 -3.39
C SER A 91 -2.28 -14.86 -2.59
N ASN A 92 -3.08 -13.86 -2.89
CA ASN A 92 -4.34 -13.67 -2.18
C ASN A 92 -5.51 -14.08 -3.05
N ARG A 93 -5.41 -13.75 -4.33
CA ARG A 93 -6.43 -14.06 -5.31
C ARG A 93 -5.82 -13.91 -6.69
N ALA A 94 -4.99 -12.87 -6.84
CA ALA A 94 -4.19 -12.58 -8.05
C ALA A 94 -5.04 -12.20 -9.25
N HIS A 95 -5.64 -13.19 -9.88
CA HIS A 95 -6.40 -12.98 -11.10
C HIS A 95 -7.58 -12.06 -10.83
N GLN A 96 -7.50 -10.89 -11.40
CA GLN A 96 -8.47 -9.86 -11.20
C GLN A 96 -8.27 -8.78 -12.24
N GLY A 97 -9.36 -8.19 -12.64
CA GLY A 97 -9.36 -7.08 -13.53
C GLY A 97 -10.41 -6.11 -13.11
N LYS A 98 -10.01 -4.99 -12.56
CA LYS A 98 -10.98 -4.02 -12.11
C LYS A 98 -11.41 -3.16 -13.27
N HIS A 99 -12.48 -2.46 -13.08
CA HIS A 99 -12.91 -1.48 -14.04
C HIS A 99 -12.49 -0.13 -13.50
N GLU A 100 -11.19 0.07 -13.52
CA GLU A 100 -10.58 1.25 -12.99
C GLU A 100 -10.09 2.16 -14.11
N THR A 101 -10.16 3.45 -13.90
CA THR A 101 -9.73 4.40 -14.87
C THR A 101 -8.24 4.65 -14.75
N TYR A 102 -7.61 4.98 -15.84
CA TYR A 102 -6.18 5.20 -15.83
C TYR A 102 -5.88 6.64 -16.12
N GLY A 103 -4.88 7.18 -15.47
CA GLY A 103 -4.49 8.55 -15.69
C GLY A 103 -3.31 8.65 -16.62
N HIS A 104 -2.13 8.67 -16.06
CA HIS A 104 -0.91 8.77 -16.84
C HIS A 104 -0.30 7.40 -17.09
N LYS A 105 -0.57 6.86 -18.25
CA LYS A 105 -0.02 5.59 -18.66
C LYS A 105 0.32 5.62 -20.13
N THR A 106 1.15 4.72 -20.53
CA THR A 106 1.55 4.61 -21.90
C THR A 106 1.78 3.12 -22.24
N PRO A 107 1.01 2.56 -23.19
CA PRO A 107 1.12 1.16 -23.54
C PRO A 107 2.38 0.85 -24.34
N TYR A 108 2.84 1.82 -25.09
CA TYR A 108 4.01 1.66 -25.90
C TYR A 108 4.95 2.78 -25.59
N SER A 1 -17.37 20.80 3.53
CA SER A 1 -16.41 20.92 4.61
C SER A 1 -15.25 21.81 4.15
N GLU A 2 -15.24 23.06 4.61
CA GLU A 2 -14.24 24.04 4.20
C GLU A 2 -12.83 23.57 4.50
N ALA A 3 -11.93 23.79 3.53
CA ALA A 3 -10.50 23.39 3.59
C ALA A 3 -10.32 21.86 3.51
N ILE A 4 -10.99 21.17 4.41
CA ILE A 4 -10.92 19.71 4.56
C ILE A 4 -11.10 18.96 3.23
N LEU A 5 -12.13 19.32 2.48
CA LEU A 5 -12.41 18.66 1.21
C LEU A 5 -11.77 19.36 -0.02
N PRO A 6 -11.83 20.73 -0.15
CA PRO A 6 -11.20 21.43 -1.30
C PRO A 6 -9.71 21.15 -1.45
N ILE A 7 -9.00 21.09 -0.34
CA ILE A 7 -7.59 20.85 -0.37
C ILE A 7 -7.32 19.36 -0.44
N ALA A 8 -6.62 18.94 -1.45
CA ALA A 8 -6.27 17.55 -1.62
C ALA A 8 -5.05 17.22 -0.79
N SER A 9 -4.89 15.96 -0.47
CA SER A 9 -3.79 15.51 0.33
C SER A 9 -2.44 15.59 -0.39
N SER A 10 -1.66 16.60 -0.04
CA SER A 10 -0.31 16.73 -0.56
C SER A 10 0.57 15.75 0.21
N CYS A 11 0.18 15.52 1.45
CA CYS A 11 0.81 14.57 2.32
C CYS A 11 -0.24 13.79 3.07
N CYS A 12 0.01 12.52 3.22
CA CYS A 12 -0.84 11.70 4.03
C CYS A 12 -0.20 11.65 5.40
N THR A 13 -0.79 12.33 6.37
CA THR A 13 -0.23 12.44 7.69
C THR A 13 -0.68 11.32 8.63
N GLU A 14 -1.27 10.29 8.08
CA GLU A 14 -1.79 9.22 8.87
C GLU A 14 -1.49 7.89 8.21
N VAL A 15 -1.27 6.86 9.01
CA VAL A 15 -1.15 5.49 8.55
C VAL A 15 -1.75 4.58 9.59
N SER A 16 -2.33 3.51 9.16
CA SER A 16 -2.94 2.55 10.06
C SER A 16 -1.92 1.54 10.60
N HIS A 17 -0.68 1.65 10.09
CA HIS A 17 0.42 0.71 10.42
C HIS A 17 0.13 -0.67 9.85
N HIS A 18 -0.72 -1.40 10.51
CA HIS A 18 -1.15 -2.70 10.05
C HIS A 18 -2.47 -2.58 9.34
N ILE A 19 -2.69 -3.44 8.40
CA ILE A 19 -3.88 -3.41 7.64
C ILE A 19 -4.22 -4.82 7.21
N SER A 20 -5.44 -5.04 6.86
CA SER A 20 -5.89 -6.33 6.44
C SER A 20 -6.09 -6.32 4.93
N ARG A 21 -5.82 -7.45 4.28
CA ARG A 21 -5.98 -7.56 2.85
C ARG A 21 -7.37 -7.30 2.35
N ARG A 22 -8.39 -7.58 3.17
CA ARG A 22 -9.79 -7.32 2.79
C ARG A 22 -9.95 -5.88 2.25
N LEU A 23 -9.32 -4.92 2.90
CA LEU A 23 -9.37 -3.53 2.46
C LEU A 23 -8.47 -3.35 1.26
N LEU A 24 -7.33 -3.97 1.32
CA LEU A 24 -6.30 -3.85 0.31
C LEU A 24 -6.78 -4.28 -1.06
N GLU A 25 -7.46 -5.39 -1.11
CA GLU A 25 -7.99 -5.94 -2.35
C GLU A 25 -8.99 -4.96 -3.03
N ARG A 26 -9.44 -3.98 -2.26
CA ARG A 26 -10.43 -3.00 -2.70
C ARG A 26 -9.74 -1.68 -3.09
N VAL A 27 -8.43 -1.63 -2.96
CA VAL A 27 -7.65 -0.42 -3.29
C VAL A 27 -7.61 -0.18 -4.79
N ASN A 28 -7.76 1.08 -5.18
CA ASN A 28 -7.75 1.44 -6.59
C ASN A 28 -6.44 2.15 -6.90
N MET A 29 -5.98 3.00 -5.99
CA MET A 29 -4.79 3.79 -6.23
C MET A 29 -3.78 3.58 -5.14
N CYS A 30 -2.55 3.50 -5.52
CA CYS A 30 -1.46 3.35 -4.62
C CYS A 30 -0.41 4.40 -4.97
N ARG A 31 0.00 5.14 -3.98
CA ARG A 31 1.00 6.16 -4.13
C ARG A 31 1.97 6.08 -2.97
N ILE A 32 3.26 6.00 -3.27
CA ILE A 32 4.26 5.87 -2.23
C ILE A 32 4.79 7.22 -1.85
N GLN A 33 4.47 7.60 -0.66
CA GLN A 33 4.91 8.83 -0.09
C GLN A 33 6.13 8.56 0.76
N ARG A 34 7.21 9.26 0.49
CA ARG A 34 8.44 9.03 1.21
C ARG A 34 8.91 10.32 1.87
N ALA A 35 9.61 10.18 2.98
CA ALA A 35 10.22 11.30 3.63
C ALA A 35 11.40 11.74 2.78
N ASP A 36 11.32 12.96 2.27
CA ASP A 36 12.29 13.48 1.32
C ASP A 36 11.91 14.89 0.92
N GLY A 37 10.75 14.99 0.36
CA GLY A 37 10.24 16.25 -0.10
C GLY A 37 8.76 16.19 -0.32
N ASP A 38 8.28 14.99 -0.62
CA ASP A 38 6.86 14.73 -0.82
C ASP A 38 6.14 14.99 0.49
N CYS A 39 6.79 14.59 1.55
CA CYS A 39 6.36 14.81 2.89
C CYS A 39 7.49 14.33 3.78
N ASP A 40 7.36 14.43 5.07
CA ASP A 40 8.38 13.96 6.01
C ASP A 40 7.91 12.70 6.67
N LEU A 41 7.05 11.97 5.98
CA LEU A 41 6.44 10.79 6.51
C LEU A 41 6.27 9.79 5.38
N ALA A 42 6.69 8.57 5.62
CA ALA A 42 6.60 7.52 4.64
C ALA A 42 5.27 6.81 4.78
N ALA A 43 4.48 6.85 3.74
CA ALA A 43 3.17 6.27 3.79
C ALA A 43 2.77 5.71 2.45
N VAL A 44 2.05 4.61 2.49
CA VAL A 44 1.47 4.08 1.29
C VAL A 44 0.07 4.60 1.25
N ILE A 45 -0.19 5.47 0.32
CA ILE A 45 -1.48 6.08 0.18
C ILE A 45 -2.33 5.18 -0.71
N LEU A 46 -3.40 4.68 -0.14
CA LEU A 46 -4.29 3.74 -0.81
C LEU A 46 -5.65 4.38 -1.02
N HIS A 47 -6.01 4.56 -2.23
CA HIS A 47 -7.30 5.15 -2.52
C HIS A 47 -8.32 4.09 -2.75
N VAL A 48 -9.35 4.17 -1.99
CA VAL A 48 -10.47 3.28 -2.05
C VAL A 48 -11.63 4.19 -2.36
N LYS A 49 -12.66 3.69 -3.02
CA LYS A 49 -13.76 4.55 -3.46
C LYS A 49 -14.43 5.34 -2.32
N ARG A 50 -14.50 4.74 -1.13
CA ARG A 50 -15.16 5.42 -0.04
C ARG A 50 -14.24 6.38 0.71
N ARG A 51 -12.95 6.06 0.80
CA ARG A 51 -12.03 6.87 1.59
C ARG A 51 -10.60 6.41 1.29
N ARG A 52 -9.68 7.32 1.38
CA ARG A 52 -8.26 7.07 1.14
C ARG A 52 -7.59 6.63 2.44
N ILE A 53 -7.10 5.42 2.50
CA ILE A 53 -6.43 4.92 3.70
C ILE A 53 -4.94 4.85 3.45
N CYS A 54 -4.17 5.11 4.46
CA CYS A 54 -2.74 5.03 4.33
C CYS A 54 -2.18 4.00 5.28
N VAL A 55 -1.19 3.31 4.84
CA VAL A 55 -0.61 2.26 5.62
C VAL A 55 0.92 2.35 5.56
N SER A 56 1.57 1.62 6.42
CA SER A 56 3.00 1.59 6.51
C SER A 56 3.60 0.83 5.30
N PRO A 57 4.63 1.41 4.62
CA PRO A 57 5.28 0.79 3.44
C PRO A 57 6.06 -0.45 3.81
N HIS A 58 6.26 -0.61 5.09
CA HIS A 58 7.02 -1.72 5.62
C HIS A 58 6.11 -2.81 6.12
N ASN A 59 4.85 -2.68 5.83
CA ASN A 59 3.88 -3.66 6.27
C ASN A 59 3.92 -4.89 5.37
N HIS A 60 4.14 -6.03 6.01
CA HIS A 60 4.23 -7.34 5.37
C HIS A 60 2.97 -7.65 4.54
N THR A 61 1.80 -7.42 5.12
CA THR A 61 0.52 -7.69 4.51
C THR A 61 0.40 -6.92 3.18
N VAL A 62 0.83 -5.68 3.19
CA VAL A 62 0.81 -4.81 2.03
C VAL A 62 1.69 -5.36 0.93
N LYS A 63 2.89 -5.70 1.30
CA LYS A 63 3.87 -6.22 0.35
C LYS A 63 3.37 -7.50 -0.34
N GLN A 64 2.68 -8.36 0.40
CA GLN A 64 2.19 -9.61 -0.16
C GLN A 64 1.00 -9.29 -1.06
N TRP A 65 0.14 -8.40 -0.59
CA TRP A 65 -1.00 -7.92 -1.34
C TRP A 65 -0.57 -7.37 -2.70
N MET A 66 0.49 -6.59 -2.69
CA MET A 66 1.02 -6.01 -3.94
C MET A 66 1.42 -7.07 -4.96
N LYS A 67 1.91 -8.22 -4.48
CA LYS A 67 2.28 -9.30 -5.37
C LYS A 67 1.05 -9.81 -6.10
N VAL A 68 -0.04 -9.82 -5.40
CA VAL A 68 -1.29 -10.32 -5.91
C VAL A 68 -1.93 -9.29 -6.84
N GLN A 69 -1.92 -8.05 -6.39
CA GLN A 69 -2.50 -6.95 -7.14
C GLN A 69 -1.72 -6.62 -8.37
N ALA A 70 -0.46 -6.98 -8.38
CA ALA A 70 0.39 -6.74 -9.53
C ALA A 70 -0.14 -7.47 -10.77
N ALA A 71 -0.93 -8.53 -10.53
CA ALA A 71 -1.55 -9.33 -11.59
C ALA A 71 -2.51 -8.49 -12.46
N LYS A 72 -2.82 -7.28 -12.02
CA LYS A 72 -3.57 -6.36 -12.84
C LYS A 72 -2.67 -5.89 -13.97
N LYS A 73 -2.85 -6.50 -15.11
CA LYS A 73 -2.00 -6.28 -16.24
C LYS A 73 -2.27 -4.96 -16.92
N ASN A 74 -3.35 -4.30 -16.51
CA ASN A 74 -3.67 -2.98 -17.06
C ASN A 74 -2.61 -1.98 -16.59
N GLY A 75 -2.04 -2.24 -15.44
CA GLY A 75 -1.04 -1.39 -14.91
C GLY A 75 -1.05 -1.39 -13.42
N LYS A 76 -0.05 -0.79 -12.84
CA LYS A 76 0.04 -0.70 -11.42
C LYS A 76 -0.61 0.57 -10.95
N GLY A 77 -1.88 0.50 -10.69
CA GLY A 77 -2.56 1.65 -10.20
C GLY A 77 -2.61 1.58 -8.73
N ASN A 78 -3.03 0.43 -8.29
CA ASN A 78 -3.13 0.10 -6.90
C ASN A 78 -1.94 -0.73 -6.46
N VAL A 79 -0.93 -0.79 -7.28
CA VAL A 79 0.23 -1.57 -6.94
C VAL A 79 1.45 -0.65 -6.93
N CYS A 80 2.38 -0.86 -6.02
CA CYS A 80 3.54 0.03 -5.95
C CYS A 80 4.90 -0.68 -5.89
N HIS A 81 5.15 -1.45 -4.83
CA HIS A 81 6.48 -2.05 -4.63
C HIS A 81 6.72 -3.25 -5.54
N ARG A 82 7.12 -2.97 -6.79
CA ARG A 82 7.49 -3.96 -7.83
C ARG A 82 6.60 -5.24 -7.83
N LYS A 83 7.07 -6.24 -7.09
CA LYS A 83 6.40 -7.53 -6.83
C LYS A 83 7.12 -8.15 -5.64
N LYS A 84 6.60 -7.95 -4.47
CA LYS A 84 7.25 -8.45 -3.26
C LYS A 84 6.77 -9.86 -2.98
N HIS A 85 7.66 -10.69 -2.43
CA HIS A 85 7.36 -12.09 -2.07
C HIS A 85 7.13 -12.97 -3.31
N HIS A 86 6.81 -14.23 -3.09
CA HIS A 86 6.54 -15.16 -4.16
C HIS A 86 5.05 -15.32 -4.36
N GLY A 87 4.31 -15.19 -3.28
CA GLY A 87 2.88 -15.28 -3.35
C GLY A 87 2.36 -16.57 -2.80
N LYS A 88 1.16 -16.52 -2.29
CA LYS A 88 0.52 -17.67 -1.69
C LYS A 88 -0.44 -18.30 -2.68
N ARG A 89 -0.90 -17.46 -3.63
CA ARG A 89 -1.98 -17.81 -4.55
C ARG A 89 -3.23 -18.07 -3.77
N ASN A 90 -3.98 -17.03 -3.61
CA ASN A 90 -5.11 -17.00 -2.73
C ASN A 90 -6.35 -17.60 -3.35
N SER A 91 -7.07 -18.29 -2.53
CA SER A 91 -8.34 -18.89 -2.84
C SER A 91 -9.20 -18.84 -1.59
N ASN A 92 -8.95 -17.80 -0.80
CA ASN A 92 -9.56 -17.61 0.51
C ASN A 92 -11.06 -17.54 0.46
N ARG A 93 -11.68 -18.41 1.20
CA ARG A 93 -13.10 -18.48 1.30
C ARG A 93 -13.48 -18.51 2.77
N ALA A 94 -13.46 -17.35 3.40
CA ALA A 94 -13.77 -17.21 4.80
C ALA A 94 -13.88 -15.74 5.13
N HIS A 95 -15.09 -15.30 5.42
CA HIS A 95 -15.39 -13.91 5.76
C HIS A 95 -15.17 -13.00 4.54
N GLN A 96 -16.20 -12.89 3.73
CA GLN A 96 -16.16 -12.12 2.52
C GLN A 96 -17.51 -11.44 2.35
N GLY A 97 -17.53 -10.15 2.60
CA GLY A 97 -18.74 -9.39 2.47
C GLY A 97 -18.40 -8.01 1.99
N LYS A 98 -19.34 -7.36 1.34
CA LYS A 98 -19.11 -6.02 0.80
C LYS A 98 -18.85 -5.00 1.91
N HIS A 99 -19.89 -4.73 2.70
CA HIS A 99 -19.86 -3.75 3.82
C HIS A 99 -19.57 -2.33 3.25
N GLU A 100 -19.30 -1.33 4.14
CA GLU A 100 -19.05 0.09 3.72
C GLU A 100 -20.29 0.74 3.15
N THR A 101 -21.36 0.04 3.26
CA THR A 101 -22.66 0.48 2.93
C THR A 101 -23.57 -0.23 3.88
N TYR A 102 -24.02 0.48 4.87
CA TYR A 102 -24.75 -0.10 5.94
C TYR A 102 -25.97 0.69 6.33
N GLY A 103 -26.68 0.14 7.27
CA GLY A 103 -27.90 0.70 7.72
C GLY A 103 -28.98 -0.33 7.59
N HIS A 104 -29.86 -0.13 6.62
CA HIS A 104 -30.95 -1.07 6.29
C HIS A 104 -31.95 -1.23 7.43
N LYS A 105 -31.82 -0.38 8.42
CA LYS A 105 -32.73 -0.34 9.55
C LYS A 105 -33.92 0.44 9.09
N THR A 106 -33.64 1.42 8.29
CA THR A 106 -34.59 2.21 7.62
C THR A 106 -34.05 2.45 6.21
N PRO A 107 -34.82 2.07 5.17
CA PRO A 107 -34.40 2.26 3.78
C PRO A 107 -34.13 3.73 3.48
N TYR A 108 -34.87 4.58 4.14
CA TYR A 108 -34.72 5.99 4.03
C TYR A 108 -33.95 6.53 5.23
N SER A 1 -7.67 26.08 1.65
CA SER A 1 -7.53 24.70 1.21
C SER A 1 -7.14 23.84 2.42
N GLU A 2 -8.11 23.13 2.98
CA GLU A 2 -7.88 22.35 4.18
C GLU A 2 -7.50 20.92 3.82
N ALA A 3 -6.58 20.37 4.56
CA ALA A 3 -6.11 19.03 4.31
C ALA A 3 -6.77 18.02 5.26
N ILE A 4 -6.31 16.78 5.19
CA ILE A 4 -6.78 15.66 6.02
C ILE A 4 -8.19 15.19 5.60
N LEU A 5 -9.21 16.00 5.88
CA LEU A 5 -10.59 15.62 5.56
C LEU A 5 -10.95 15.90 4.08
N PRO A 6 -10.91 17.17 3.60
CA PRO A 6 -11.27 17.47 2.20
C PRO A 6 -10.12 17.13 1.26
N ILE A 7 -8.94 16.99 1.86
CA ILE A 7 -7.71 16.68 1.15
C ILE A 7 -7.30 17.81 0.21
N ALA A 8 -6.37 18.61 0.68
CA ALA A 8 -5.80 19.68 -0.12
C ALA A 8 -4.80 19.06 -1.08
N SER A 9 -4.02 18.18 -0.53
CA SER A 9 -3.07 17.41 -1.25
C SER A 9 -3.05 16.03 -0.61
N SER A 10 -2.85 15.01 -1.39
CA SER A 10 -2.90 13.68 -0.87
C SER A 10 -1.60 13.29 -0.16
N CYS A 11 -1.52 13.63 1.10
CA CYS A 11 -0.40 13.27 1.91
C CYS A 11 -0.84 12.53 3.13
N CYS A 12 -0.12 11.51 3.45
CA CYS A 12 -0.39 10.66 4.56
C CYS A 12 0.42 11.07 5.77
N THR A 13 -0.23 11.74 6.68
CA THR A 13 0.40 12.21 7.88
C THR A 13 0.34 11.15 8.98
N GLU A 14 -0.54 10.20 8.79
CA GLU A 14 -0.73 9.12 9.74
C GLU A 14 -0.79 7.84 8.95
N VAL A 15 -0.59 6.73 9.60
CA VAL A 15 -0.75 5.42 8.98
C VAL A 15 -1.37 4.46 9.95
N SER A 16 -2.02 3.45 9.43
CA SER A 16 -2.66 2.45 10.25
C SER A 16 -1.64 1.35 10.65
N HIS A 17 -0.42 1.46 10.09
CA HIS A 17 0.69 0.52 10.32
C HIS A 17 0.40 -0.85 9.74
N HIS A 18 -0.43 -1.61 10.40
CA HIS A 18 -0.82 -2.92 9.93
C HIS A 18 -2.23 -2.83 9.42
N ILE A 19 -2.55 -3.60 8.42
CA ILE A 19 -3.84 -3.51 7.82
C ILE A 19 -4.26 -4.88 7.29
N SER A 20 -5.54 -5.05 7.08
CA SER A 20 -6.11 -6.27 6.56
C SER A 20 -6.10 -6.20 5.02
N ARG A 21 -5.92 -7.35 4.38
CA ARG A 21 -5.77 -7.39 2.92
C ARG A 21 -7.06 -7.02 2.22
N ARG A 22 -8.19 -7.33 2.83
CA ARG A 22 -9.50 -7.08 2.23
C ARG A 22 -9.76 -5.59 1.95
N LEU A 23 -9.16 -4.72 2.72
CA LEU A 23 -9.27 -3.28 2.48
C LEU A 23 -8.38 -2.93 1.32
N LEU A 24 -7.21 -3.51 1.33
CA LEU A 24 -6.20 -3.28 0.33
C LEU A 24 -6.71 -3.65 -1.03
N GLU A 25 -7.44 -4.71 -1.08
CA GLU A 25 -7.99 -5.21 -2.30
C GLU A 25 -9.05 -4.28 -2.90
N ARG A 26 -9.46 -3.28 -2.14
CA ARG A 26 -10.38 -2.29 -2.63
C ARG A 26 -9.65 -1.01 -3.06
N VAL A 27 -8.33 -1.02 -2.90
CA VAL A 27 -7.49 0.10 -3.26
C VAL A 27 -7.37 0.23 -4.77
N ASN A 28 -7.58 1.43 -5.25
CA ASN A 28 -7.49 1.71 -6.69
C ASN A 28 -6.23 2.52 -7.00
N MET A 29 -5.87 3.42 -6.10
CA MET A 29 -4.65 4.25 -6.29
C MET A 29 -3.70 3.99 -5.15
N CYS A 30 -2.46 3.85 -5.47
CA CYS A 30 -1.43 3.60 -4.47
C CYS A 30 -0.26 4.50 -4.77
N ARG A 31 0.24 5.17 -3.76
CA ARG A 31 1.40 6.02 -3.92
C ARG A 31 2.35 5.87 -2.72
N ILE A 32 3.65 5.82 -2.99
CA ILE A 32 4.64 5.73 -1.93
C ILE A 32 5.12 7.13 -1.61
N GLN A 33 4.76 7.57 -0.46
CA GLN A 33 5.10 8.88 0.00
C GLN A 33 6.41 8.82 0.75
N ARG A 34 7.40 9.51 0.28
CA ARG A 34 8.66 9.55 0.96
C ARG A 34 8.79 10.87 1.71
N ALA A 35 9.34 10.81 2.89
CA ALA A 35 9.56 12.00 3.66
C ALA A 35 10.84 12.63 3.20
N ASP A 36 10.70 13.61 2.30
CA ASP A 36 11.79 14.35 1.66
C ASP A 36 11.26 15.00 0.40
N GLY A 37 10.51 14.23 -0.38
CA GLY A 37 10.05 14.71 -1.67
C GLY A 37 8.56 14.80 -1.82
N ASP A 38 7.83 14.03 -1.07
CA ASP A 38 6.38 14.10 -1.18
C ASP A 38 5.82 14.93 -0.06
N CYS A 39 5.95 14.40 1.13
CA CYS A 39 5.50 15.03 2.35
C CYS A 39 6.33 14.53 3.53
N ASP A 40 6.06 15.03 4.73
CA ASP A 40 6.92 14.83 5.90
C ASP A 40 6.69 13.50 6.63
N LEU A 41 6.41 12.44 5.91
CA LEU A 41 6.19 11.14 6.54
C LEU A 41 6.25 10.07 5.45
N ALA A 42 6.93 8.97 5.70
CA ALA A 42 6.96 7.91 4.69
C ALA A 42 5.74 7.03 4.88
N ALA A 43 4.89 6.99 3.89
CA ALA A 43 3.64 6.27 4.02
C ALA A 43 3.16 5.73 2.70
N VAL A 44 2.32 4.74 2.75
CA VAL A 44 1.67 4.25 1.58
C VAL A 44 0.28 4.85 1.53
N ILE A 45 0.05 5.66 0.55
CA ILE A 45 -1.22 6.31 0.33
C ILE A 45 -2.09 5.37 -0.51
N LEU A 46 -3.19 4.94 0.06
CA LEU A 46 -4.09 4.00 -0.59
C LEU A 46 -5.44 4.64 -0.81
N HIS A 47 -5.91 4.64 -2.00
CA HIS A 47 -7.20 5.23 -2.30
C HIS A 47 -8.21 4.16 -2.57
N VAL A 48 -9.26 4.21 -1.84
CA VAL A 48 -10.35 3.30 -1.94
C VAL A 48 -11.56 4.12 -2.36
N LYS A 49 -12.52 3.49 -3.01
CA LYS A 49 -13.71 4.16 -3.55
C LYS A 49 -14.40 5.10 -2.55
N ARG A 50 -14.40 4.74 -1.27
CA ARG A 50 -15.08 5.57 -0.29
C ARG A 50 -14.12 6.47 0.53
N ARG A 51 -12.88 6.01 0.75
CA ARG A 51 -11.90 6.77 1.55
C ARG A 51 -10.50 6.47 1.09
N ARG A 52 -9.59 7.31 1.46
CA ARG A 52 -8.19 7.13 1.25
C ARG A 52 -7.60 6.69 2.60
N ILE A 53 -6.87 5.62 2.61
CA ILE A 53 -6.28 5.08 3.83
C ILE A 53 -4.76 5.12 3.69
N CYS A 54 -4.07 5.21 4.78
CA CYS A 54 -2.63 5.27 4.77
C CYS A 54 -2.06 4.14 5.60
N VAL A 55 -1.05 3.46 5.09
CA VAL A 55 -0.48 2.33 5.79
C VAL A 55 1.05 2.36 5.70
N SER A 56 1.71 1.58 6.53
CA SER A 56 3.13 1.49 6.54
C SER A 56 3.60 0.51 5.44
N PRO A 57 4.63 0.90 4.65
CA PRO A 57 5.16 0.08 3.54
C PRO A 57 5.91 -1.16 4.04
N HIS A 58 6.03 -1.26 5.33
CA HIS A 58 6.74 -2.35 5.95
C HIS A 58 5.78 -3.42 6.46
N ASN A 59 4.50 -3.25 6.19
CA ASN A 59 3.51 -4.24 6.57
C ASN A 59 3.49 -5.37 5.54
N HIS A 60 3.74 -6.57 6.01
CA HIS A 60 3.81 -7.76 5.15
C HIS A 60 2.50 -7.99 4.42
N THR A 61 1.38 -7.70 5.06
CA THR A 61 0.08 -7.90 4.43
C THR A 61 -0.05 -7.04 3.17
N VAL A 62 0.50 -5.83 3.25
CA VAL A 62 0.52 -4.91 2.12
C VAL A 62 1.40 -5.46 1.02
N LYS A 63 2.55 -5.93 1.40
CA LYS A 63 3.49 -6.56 0.47
C LYS A 63 2.85 -7.77 -0.23
N GLN A 64 2.03 -8.53 0.50
CA GLN A 64 1.39 -9.69 -0.04
C GLN A 64 0.32 -9.24 -1.01
N TRP A 65 -0.40 -8.24 -0.61
CA TRP A 65 -1.37 -7.62 -1.42
C TRP A 65 -0.76 -7.12 -2.73
N MET A 66 0.34 -6.39 -2.63
CA MET A 66 1.01 -5.85 -3.81
C MET A 66 1.46 -6.92 -4.80
N LYS A 67 2.01 -8.04 -4.31
CA LYS A 67 2.42 -9.12 -5.23
C LYS A 67 1.20 -9.70 -5.96
N VAL A 68 0.08 -9.74 -5.27
CA VAL A 68 -1.19 -10.19 -5.82
C VAL A 68 -1.71 -9.16 -6.84
N GLN A 69 -1.65 -7.91 -6.45
CA GLN A 69 -2.15 -6.80 -7.26
C GLN A 69 -1.28 -6.49 -8.45
N ALA A 70 -0.03 -6.80 -8.36
CA ALA A 70 0.91 -6.49 -9.40
C ALA A 70 0.61 -7.25 -10.70
N ALA A 71 -0.07 -8.38 -10.57
CA ALA A 71 -0.41 -9.26 -11.70
C ALA A 71 -1.51 -8.67 -12.60
N LYS A 72 -2.07 -7.54 -12.20
CA LYS A 72 -3.09 -6.86 -13.00
C LYS A 72 -2.55 -6.47 -14.37
N LYS A 73 -3.28 -6.85 -15.39
CA LYS A 73 -2.84 -6.68 -16.77
C LYS A 73 -3.12 -5.28 -17.31
N ASN A 74 -3.59 -4.42 -16.44
CA ASN A 74 -3.87 -3.03 -16.84
C ASN A 74 -2.61 -2.22 -16.66
N GLY A 75 -1.66 -2.82 -15.96
CA GLY A 75 -0.43 -2.16 -15.66
C GLY A 75 -0.26 -2.08 -14.18
N LYS A 76 -0.31 -0.88 -13.65
CA LYS A 76 -0.25 -0.71 -12.23
C LYS A 76 -1.05 0.53 -11.84
N GLY A 77 -2.12 0.33 -11.15
CA GLY A 77 -2.87 1.47 -10.69
C GLY A 77 -2.79 1.56 -9.20
N ASN A 78 -3.07 0.47 -8.60
CA ASN A 78 -3.07 0.33 -7.17
C ASN A 78 -1.85 -0.41 -6.69
N VAL A 79 -0.81 -0.45 -7.47
CA VAL A 79 0.32 -1.24 -7.05
C VAL A 79 1.54 -0.36 -6.90
N CYS A 80 2.14 -0.38 -5.73
CA CYS A 80 3.33 0.38 -5.48
C CYS A 80 4.59 -0.46 -5.57
N HIS A 81 4.71 -1.46 -4.73
CA HIS A 81 5.87 -2.31 -4.79
C HIS A 81 5.70 -3.33 -5.88
N ARG A 82 6.22 -3.02 -7.04
CA ARG A 82 6.19 -3.94 -8.14
C ARG A 82 7.34 -4.89 -7.99
N LYS A 83 8.46 -4.35 -7.57
CA LYS A 83 9.60 -5.16 -7.28
C LYS A 83 9.66 -5.40 -5.79
N LYS A 84 9.19 -6.55 -5.39
CA LYS A 84 9.19 -6.92 -4.00
C LYS A 84 9.30 -8.42 -3.90
N HIS A 85 10.44 -8.88 -3.48
CA HIS A 85 10.65 -10.29 -3.34
C HIS A 85 10.04 -10.82 -2.06
N HIS A 86 9.19 -11.78 -2.21
CA HIS A 86 8.61 -12.48 -1.10
C HIS A 86 9.38 -13.78 -0.93
N GLY A 87 10.11 -14.14 -1.97
CA GLY A 87 10.87 -15.35 -1.99
C GLY A 87 10.00 -16.50 -2.37
N LYS A 88 9.13 -16.25 -3.37
CA LYS A 88 8.11 -17.20 -3.85
C LYS A 88 7.08 -17.46 -2.77
N ARG A 89 6.17 -18.38 -3.07
CA ARG A 89 5.13 -18.82 -2.14
C ARG A 89 4.08 -17.73 -1.88
N ASN A 90 2.92 -18.16 -1.39
CA ASN A 90 1.78 -17.26 -1.10
C ASN A 90 1.28 -16.58 -2.34
N SER A 91 0.56 -17.31 -3.10
CA SER A 91 0.00 -16.84 -4.32
C SER A 91 -1.51 -17.08 -4.25
N ASN A 92 -2.24 -16.78 -5.30
CA ASN A 92 -3.67 -16.98 -5.26
C ASN A 92 -4.16 -17.41 -6.63
N ARG A 93 -5.24 -18.14 -6.65
CA ARG A 93 -5.87 -18.52 -7.90
C ARG A 93 -7.17 -17.78 -8.06
N ALA A 94 -7.08 -16.57 -8.61
CA ALA A 94 -8.24 -15.70 -8.85
C ALA A 94 -8.96 -15.33 -7.53
N HIS A 95 -8.22 -15.38 -6.43
CA HIS A 95 -8.81 -15.04 -5.15
C HIS A 95 -8.61 -13.58 -4.83
N GLN A 96 -9.57 -12.80 -5.24
CA GLN A 96 -9.59 -11.41 -4.90
C GLN A 96 -10.60 -11.30 -3.75
N GLY A 97 -10.22 -10.67 -2.69
CA GLY A 97 -11.07 -10.62 -1.51
C GLY A 97 -12.17 -9.59 -1.55
N LYS A 98 -12.63 -9.24 -2.71
CA LYS A 98 -13.71 -8.31 -2.84
C LYS A 98 -14.38 -8.50 -4.17
N HIS A 99 -15.56 -8.00 -4.28
CA HIS A 99 -16.27 -7.93 -5.53
C HIS A 99 -17.13 -6.70 -5.47
N GLU A 100 -16.65 -5.64 -6.03
CA GLU A 100 -17.34 -4.40 -5.92
C GLU A 100 -17.61 -3.82 -7.26
N THR A 101 -18.73 -3.19 -7.33
CA THR A 101 -19.18 -2.50 -8.48
C THR A 101 -20.42 -1.73 -8.08
N TYR A 102 -21.22 -2.38 -7.21
CA TYR A 102 -22.44 -1.83 -6.61
C TYR A 102 -23.54 -1.51 -7.61
N GLY A 103 -24.70 -1.96 -7.27
CA GLY A 103 -25.84 -1.66 -8.06
C GLY A 103 -26.61 -0.57 -7.43
N HIS A 104 -27.62 -0.94 -6.67
CA HIS A 104 -28.51 -0.01 -5.98
C HIS A 104 -29.30 0.81 -6.99
N LYS A 105 -30.39 0.26 -7.43
CA LYS A 105 -31.23 0.93 -8.38
C LYS A 105 -32.33 1.65 -7.66
N THR A 106 -32.20 2.94 -7.57
CA THR A 106 -33.16 3.79 -6.94
C THR A 106 -33.29 5.05 -7.79
N PRO A 107 -34.45 5.27 -8.41
CA PRO A 107 -34.68 6.42 -9.30
C PRO A 107 -35.07 7.69 -8.53
N TYR A 108 -34.72 7.74 -7.28
CA TYR A 108 -35.06 8.86 -6.45
C TYR A 108 -33.82 9.64 -6.12
N SER A 1 0.92 26.80 15.17
CA SER A 1 -0.26 26.00 14.96
C SER A 1 -0.11 25.24 13.67
N GLU A 2 0.23 23.98 13.79
CA GLU A 2 0.52 23.19 12.64
C GLU A 2 -0.69 22.40 12.23
N ALA A 3 -1.39 22.94 11.24
CA ALA A 3 -2.63 22.38 10.71
C ALA A 3 -3.74 22.42 11.74
N ILE A 4 -4.18 23.62 12.07
CA ILE A 4 -5.30 23.79 12.98
C ILE A 4 -6.57 23.54 12.19
N LEU A 5 -6.51 23.90 10.93
CA LEU A 5 -7.56 23.64 10.01
C LEU A 5 -7.28 22.26 9.40
N PRO A 6 -8.26 21.64 8.69
CA PRO A 6 -8.07 20.30 8.06
C PRO A 6 -7.07 20.33 6.88
N ILE A 7 -5.87 20.84 7.13
CA ILE A 7 -4.84 20.86 6.13
C ILE A 7 -4.20 19.48 6.04
N ALA A 8 -4.78 18.64 5.22
CA ALA A 8 -4.31 17.30 5.00
C ALA A 8 -4.92 16.78 3.71
N SER A 9 -4.11 16.62 2.70
CA SER A 9 -4.56 16.13 1.42
C SER A 9 -3.46 15.32 0.72
N SER A 10 -2.32 15.96 0.52
CA SER A 10 -1.22 15.36 -0.25
C SER A 10 -0.27 14.54 0.64
N CYS A 11 -0.57 14.45 1.90
CA CYS A 11 0.24 13.68 2.80
C CYS A 11 -0.60 12.76 3.66
N CYS A 12 0.01 11.70 4.05
CA CYS A 12 -0.47 10.77 5.01
C CYS A 12 0.43 10.88 6.22
N THR A 13 0.04 11.73 7.15
CA THR A 13 0.82 11.99 8.34
C THR A 13 0.32 11.09 9.49
N GLU A 14 -0.67 10.30 9.19
CA GLU A 14 -1.22 9.33 10.10
C GLU A 14 -1.43 8.07 9.31
N VAL A 15 -1.26 6.93 9.94
CA VAL A 15 -1.41 5.66 9.25
C VAL A 15 -2.08 4.64 10.16
N SER A 16 -2.57 3.60 9.56
CA SER A 16 -3.19 2.51 10.29
C SER A 16 -2.12 1.50 10.72
N HIS A 17 -0.87 1.74 10.27
CA HIS A 17 0.30 0.85 10.56
C HIS A 17 0.17 -0.46 9.82
N HIS A 18 -0.80 -1.25 10.22
CA HIS A 18 -1.13 -2.50 9.60
C HIS A 18 -2.52 -2.41 8.99
N ILE A 19 -2.80 -3.25 8.04
CA ILE A 19 -4.06 -3.21 7.33
C ILE A 19 -4.45 -4.61 6.88
N SER A 20 -5.73 -4.83 6.69
CA SER A 20 -6.21 -6.12 6.23
C SER A 20 -6.08 -6.15 4.70
N ARG A 21 -5.75 -7.31 4.15
CA ARG A 21 -5.56 -7.41 2.72
C ARG A 21 -6.87 -7.31 1.94
N ARG A 22 -7.96 -7.76 2.56
CA ARG A 22 -9.28 -7.69 1.93
C ARG A 22 -9.70 -6.25 1.64
N LEU A 23 -9.20 -5.34 2.43
CA LEU A 23 -9.40 -3.93 2.18
C LEU A 23 -8.50 -3.46 1.07
N LEU A 24 -7.31 -3.96 1.08
CA LEU A 24 -6.31 -3.58 0.12
C LEU A 24 -6.74 -3.93 -1.29
N GLU A 25 -7.39 -5.05 -1.42
CA GLU A 25 -7.91 -5.51 -2.70
C GLU A 25 -8.93 -4.53 -3.29
N ARG A 26 -9.48 -3.69 -2.42
CA ARG A 26 -10.46 -2.67 -2.81
C ARG A 26 -9.75 -1.37 -3.19
N VAL A 27 -8.48 -1.29 -2.89
CA VAL A 27 -7.66 -0.11 -3.22
C VAL A 27 -7.52 0.04 -4.72
N ASN A 28 -7.87 1.21 -5.20
CA ASN A 28 -7.81 1.51 -6.63
C ASN A 28 -6.66 2.46 -6.94
N MET A 29 -6.24 3.26 -5.97
CA MET A 29 -5.12 4.18 -6.19
C MET A 29 -4.12 4.01 -5.07
N CYS A 30 -2.86 4.06 -5.40
CA CYS A 30 -1.82 3.88 -4.41
C CYS A 30 -0.67 4.83 -4.70
N ARG A 31 -0.11 5.42 -3.66
CA ARG A 31 1.07 6.26 -3.78
C ARG A 31 2.04 5.99 -2.63
N ILE A 32 3.33 5.95 -2.92
CA ILE A 32 4.34 5.81 -1.90
C ILE A 32 4.82 7.17 -1.50
N GLN A 33 4.53 7.52 -0.30
CA GLN A 33 4.96 8.75 0.25
C GLN A 33 6.25 8.51 0.97
N ARG A 34 7.29 9.16 0.54
CA ARG A 34 8.56 8.99 1.19
C ARG A 34 8.98 10.31 1.81
N ALA A 35 9.72 10.25 2.89
CA ALA A 35 10.30 11.45 3.42
C ALA A 35 11.56 11.70 2.63
N ASP A 36 11.43 12.55 1.62
CA ASP A 36 12.49 12.84 0.64
C ASP A 36 11.96 13.74 -0.44
N GLY A 37 10.78 13.40 -0.95
CA GLY A 37 10.18 14.20 -1.98
C GLY A 37 8.68 14.09 -2.02
N ASP A 38 8.08 13.79 -0.88
CA ASP A 38 6.62 13.68 -0.80
C ASP A 38 6.12 14.36 0.45
N CYS A 39 6.54 13.86 1.59
CA CYS A 39 6.13 14.41 2.87
C CYS A 39 7.22 14.09 3.90
N ASP A 40 6.97 14.34 5.16
CA ASP A 40 7.97 14.13 6.21
C ASP A 40 7.82 12.75 6.85
N LEU A 41 7.15 11.86 6.17
CA LEU A 41 6.88 10.53 6.71
C LEU A 41 6.72 9.56 5.58
N ALA A 42 7.21 8.35 5.76
CA ALA A 42 7.02 7.32 4.77
C ALA A 42 5.70 6.63 5.03
N ALA A 43 4.81 6.73 4.08
CA ALA A 43 3.49 6.18 4.23
C ALA A 43 2.96 5.75 2.89
N VAL A 44 2.02 4.87 2.90
CA VAL A 44 1.38 4.44 1.69
C VAL A 44 -0.01 5.04 1.65
N ILE A 45 -0.23 5.88 0.70
CA ILE A 45 -1.50 6.52 0.50
C ILE A 45 -2.33 5.60 -0.40
N LEU A 46 -3.42 5.11 0.13
CA LEU A 46 -4.26 4.15 -0.56
C LEU A 46 -5.65 4.72 -0.75
N HIS A 47 -6.12 4.70 -1.95
CA HIS A 47 -7.43 5.22 -2.22
C HIS A 47 -8.41 4.13 -2.46
N VAL A 48 -9.44 4.16 -1.70
CA VAL A 48 -10.53 3.25 -1.81
C VAL A 48 -11.70 4.13 -2.24
N LYS A 49 -12.67 3.57 -2.94
CA LYS A 49 -13.78 4.36 -3.47
C LYS A 49 -14.61 5.05 -2.38
N ARG A 50 -14.51 4.58 -1.16
CA ARG A 50 -15.24 5.18 -0.06
C ARG A 50 -14.37 6.11 0.80
N ARG A 51 -13.08 5.79 0.92
CA ARG A 51 -12.15 6.55 1.81
C ARG A 51 -10.71 6.38 1.33
N ARG A 52 -9.88 7.34 1.64
CA ARG A 52 -8.46 7.21 1.39
C ARG A 52 -7.80 6.77 2.71
N ILE A 53 -7.13 5.67 2.67
CA ILE A 53 -6.49 5.12 3.84
C ILE A 53 -5.00 5.31 3.73
N CYS A 54 -4.36 5.35 4.84
CA CYS A 54 -2.93 5.53 4.91
C CYS A 54 -2.34 4.42 5.73
N VAL A 55 -1.39 3.71 5.19
CA VAL A 55 -0.77 2.57 5.89
C VAL A 55 0.74 2.71 5.81
N SER A 56 1.45 2.03 6.66
CA SER A 56 2.86 2.03 6.68
C SER A 56 3.41 1.09 5.57
N PRO A 57 4.42 1.53 4.80
CA PRO A 57 5.04 0.70 3.71
C PRO A 57 5.88 -0.42 4.28
N HIS A 58 6.01 -0.43 5.58
CA HIS A 58 6.78 -1.42 6.28
C HIS A 58 5.89 -2.58 6.67
N ASN A 59 4.65 -2.52 6.24
CA ASN A 59 3.69 -3.58 6.53
C ASN A 59 3.77 -4.67 5.48
N HIS A 60 4.03 -5.88 5.95
CA HIS A 60 4.16 -7.06 5.09
C HIS A 60 2.90 -7.33 4.26
N THR A 61 1.75 -7.00 4.82
CA THR A 61 0.47 -7.28 4.18
C THR A 61 0.32 -6.43 2.92
N VAL A 62 0.75 -5.18 2.99
CA VAL A 62 0.72 -4.27 1.87
C VAL A 62 1.55 -4.83 0.72
N LYS A 63 2.76 -5.18 1.04
CA LYS A 63 3.66 -5.83 0.11
C LYS A 63 3.12 -7.18 -0.45
N GLN A 64 2.35 -7.94 0.36
CA GLN A 64 1.82 -9.22 -0.08
C GLN A 64 0.68 -8.93 -1.04
N TRP A 65 -0.10 -7.93 -0.70
CA TRP A 65 -1.15 -7.41 -1.52
C TRP A 65 -0.62 -7.00 -2.89
N MET A 66 0.48 -6.25 -2.88
CA MET A 66 1.12 -5.81 -4.11
C MET A 66 1.53 -6.96 -5.00
N LYS A 67 1.89 -8.09 -4.41
CA LYS A 67 2.26 -9.28 -5.18
C LYS A 67 1.09 -9.72 -6.06
N VAL A 68 -0.09 -9.66 -5.49
CA VAL A 68 -1.32 -10.07 -6.13
C VAL A 68 -1.82 -8.97 -7.07
N GLN A 69 -1.73 -7.76 -6.61
CA GLN A 69 -2.17 -6.62 -7.39
C GLN A 69 -1.30 -6.34 -8.57
N ALA A 70 -0.05 -6.64 -8.44
CA ALA A 70 0.87 -6.39 -9.52
C ALA A 70 0.67 -7.37 -10.66
N ALA A 71 0.10 -8.52 -10.32
CA ALA A 71 -0.18 -9.60 -11.27
C ALA A 71 -1.22 -9.18 -12.32
N LYS A 72 -1.76 -7.97 -12.19
CA LYS A 72 -2.71 -7.46 -13.14
C LYS A 72 -2.04 -7.26 -14.49
N LYS A 73 -2.64 -7.83 -15.51
CA LYS A 73 -2.12 -7.71 -16.86
C LYS A 73 -2.56 -6.36 -17.41
N ASN A 74 -3.68 -5.87 -16.91
CA ASN A 74 -4.27 -4.61 -17.35
C ASN A 74 -3.40 -3.41 -17.00
N GLY A 75 -2.51 -3.58 -16.06
CA GLY A 75 -1.63 -2.53 -15.69
C GLY A 75 -1.52 -2.38 -14.20
N LYS A 76 -0.78 -1.41 -13.76
CA LYS A 76 -0.60 -1.17 -12.36
C LYS A 76 -0.95 0.27 -11.99
N GLY A 77 -2.07 0.43 -11.34
CA GLY A 77 -2.50 1.74 -10.90
C GLY A 77 -2.48 1.81 -9.41
N ASN A 78 -3.00 0.78 -8.79
CA ASN A 78 -3.02 0.64 -7.34
C ASN A 78 -1.80 -0.09 -6.86
N VAL A 79 -0.79 -0.20 -7.65
CA VAL A 79 0.33 -0.98 -7.23
C VAL A 79 1.55 -0.11 -7.04
N CYS A 80 2.10 -0.16 -5.87
CA CYS A 80 3.24 0.64 -5.51
C CYS A 80 4.52 -0.19 -5.38
N HIS A 81 5.55 0.40 -4.73
CA HIS A 81 6.90 -0.15 -4.67
C HIS A 81 7.44 -0.43 -6.06
N ARG A 82 7.25 -1.64 -6.52
CA ARG A 82 7.60 -2.08 -7.87
C ARG A 82 6.73 -3.27 -8.16
N LYS A 83 7.10 -4.35 -7.52
CA LYS A 83 6.45 -5.62 -7.55
C LYS A 83 7.20 -6.48 -6.56
N LYS A 84 6.50 -7.10 -5.66
CA LYS A 84 7.14 -7.87 -4.64
C LYS A 84 7.13 -9.34 -5.10
N HIS A 85 8.30 -9.93 -5.21
CA HIS A 85 8.44 -11.28 -5.75
C HIS A 85 8.42 -12.35 -4.65
N HIS A 86 8.52 -13.60 -5.06
CA HIS A 86 8.54 -14.72 -4.12
C HIS A 86 9.96 -14.99 -3.68
N GLY A 87 10.89 -14.97 -4.62
CA GLY A 87 12.27 -15.22 -4.32
C GLY A 87 12.63 -16.68 -4.49
N LYS A 88 13.94 -16.96 -4.58
CA LYS A 88 14.50 -18.31 -4.75
C LYS A 88 13.96 -19.03 -5.99
N ARG A 89 14.76 -19.10 -7.01
CA ARG A 89 14.36 -19.80 -8.21
C ARG A 89 14.79 -21.25 -8.12
N ASN A 90 13.95 -22.04 -7.50
CA ASN A 90 14.19 -23.44 -7.32
C ASN A 90 13.80 -24.20 -8.55
N SER A 91 14.75 -24.87 -9.14
CA SER A 91 14.50 -25.67 -10.31
C SER A 91 15.46 -26.85 -10.35
N ASN A 92 14.92 -28.04 -10.49
CA ASN A 92 15.74 -29.24 -10.61
C ASN A 92 16.22 -29.34 -12.03
N ARG A 93 17.51 -29.27 -12.22
CA ARG A 93 18.09 -29.30 -13.55
C ARG A 93 18.16 -30.74 -13.98
N ALA A 94 18.96 -31.49 -13.24
CA ALA A 94 19.22 -32.90 -13.44
C ALA A 94 20.23 -33.34 -12.42
N HIS A 95 19.85 -34.24 -11.56
CA HIS A 95 20.74 -34.72 -10.53
C HIS A 95 21.15 -36.17 -10.79
N GLN A 96 20.15 -37.01 -11.07
CA GLN A 96 20.35 -38.45 -11.29
C GLN A 96 20.89 -39.16 -10.04
N GLY A 97 22.21 -39.19 -9.89
CA GLY A 97 22.82 -39.87 -8.76
C GLY A 97 22.72 -41.37 -8.92
N LYS A 98 22.55 -41.79 -10.13
CA LYS A 98 22.39 -43.17 -10.50
C LYS A 98 23.26 -43.43 -11.71
N HIS A 99 24.04 -44.46 -11.65
CA HIS A 99 24.96 -44.77 -12.73
C HIS A 99 24.73 -46.18 -13.24
N GLU A 100 25.36 -46.50 -14.35
CA GLU A 100 25.23 -47.80 -14.95
C GLU A 100 26.43 -48.67 -14.63
N THR A 101 26.26 -49.96 -14.81
CA THR A 101 27.29 -50.93 -14.56
C THR A 101 28.15 -51.10 -15.82
N TYR A 102 29.32 -51.72 -15.66
CA TYR A 102 30.21 -51.93 -16.78
C TYR A 102 29.65 -52.98 -17.72
N GLY A 103 29.21 -52.52 -18.87
CA GLY A 103 28.57 -53.40 -19.82
C GLY A 103 29.55 -54.25 -20.58
N HIS A 104 30.23 -53.64 -21.52
CA HIS A 104 31.17 -54.34 -22.36
C HIS A 104 32.25 -53.40 -22.83
N LYS A 105 33.27 -53.93 -23.44
CA LYS A 105 34.34 -53.14 -23.96
C LYS A 105 34.19 -52.95 -25.44
N THR A 106 34.74 -51.90 -25.95
CA THR A 106 34.71 -51.62 -27.33
C THR A 106 35.84 -52.35 -28.07
N PRO A 107 35.67 -52.64 -29.37
CA PRO A 107 36.74 -53.23 -30.20
C PRO A 107 37.94 -52.29 -30.31
N TYR A 108 37.68 -51.04 -29.99
CA TYR A 108 38.67 -50.00 -29.95
C TYR A 108 38.74 -49.49 -28.53
N SER A 1 2.69 19.60 2.91
CA SER A 1 1.57 19.10 2.13
C SER A 1 0.77 18.09 2.93
N GLU A 2 -0.50 18.37 3.11
CA GLU A 2 -1.43 17.50 3.82
C GLU A 2 -2.87 17.75 3.33
N ALA A 3 -2.99 18.63 2.33
CA ALA A 3 -4.25 19.01 1.67
C ALA A 3 -5.20 19.84 2.56
N ILE A 4 -4.68 20.62 3.53
CA ILE A 4 -5.57 21.49 4.35
C ILE A 4 -6.21 22.57 3.50
N LEU A 5 -5.40 23.22 2.71
CA LEU A 5 -5.84 24.34 1.86
C LEU A 5 -5.17 24.35 0.46
N PRO A 6 -3.79 24.41 0.35
CA PRO A 6 -3.10 24.49 -0.96
C PRO A 6 -3.52 23.37 -1.92
N ILE A 7 -3.42 22.13 -1.45
CA ILE A 7 -3.75 20.94 -2.22
C ILE A 7 -2.79 20.77 -3.39
N ALA A 8 -1.73 20.07 -3.14
CA ALA A 8 -0.74 19.75 -4.11
C ALA A 8 -0.09 18.47 -3.68
N SER A 9 -0.49 17.38 -4.33
CA SER A 9 -0.07 16.03 -3.99
C SER A 9 -0.80 15.54 -2.74
N SER A 10 -1.51 14.45 -2.88
CA SER A 10 -2.21 13.87 -1.75
C SER A 10 -1.15 13.26 -0.84
N CYS A 11 -1.19 13.60 0.43
CA CYS A 11 -0.20 13.10 1.36
C CYS A 11 -0.79 12.53 2.63
N CYS A 12 -0.10 11.58 3.17
CA CYS A 12 -0.50 10.87 4.35
C CYS A 12 0.46 11.20 5.49
N THR A 13 0.03 12.08 6.36
CA THR A 13 0.88 12.52 7.45
C THR A 13 0.53 11.72 8.72
N GLU A 14 -0.40 10.83 8.56
CA GLU A 14 -0.84 9.92 9.58
C GLU A 14 -1.11 8.60 8.90
N VAL A 15 -0.91 7.50 9.60
CA VAL A 15 -1.15 6.17 9.03
C VAL A 15 -1.77 5.24 10.06
N SER A 16 -2.35 4.18 9.57
CA SER A 16 -2.98 3.18 10.41
C SER A 16 -2.02 2.00 10.60
N HIS A 17 -0.85 2.13 9.96
CA HIS A 17 0.24 1.14 9.99
C HIS A 17 -0.11 -0.17 9.30
N HIS A 18 -0.75 -1.05 10.03
CA HIS A 18 -1.04 -2.38 9.54
C HIS A 18 -2.47 -2.47 9.02
N ILE A 19 -2.67 -3.28 8.01
CA ILE A 19 -3.95 -3.36 7.34
C ILE A 19 -4.17 -4.78 6.81
N SER A 20 -5.43 -5.13 6.56
CA SER A 20 -5.83 -6.45 6.08
C SER A 20 -5.97 -6.48 4.55
N ARG A 21 -5.63 -7.62 3.94
CA ARG A 21 -5.70 -7.80 2.49
C ARG A 21 -7.11 -7.72 1.94
N ARG A 22 -8.10 -8.15 2.73
CA ARG A 22 -9.50 -8.12 2.27
C ARG A 22 -9.92 -6.70 1.87
N LEU A 23 -9.39 -5.74 2.60
CA LEU A 23 -9.60 -4.34 2.32
C LEU A 23 -8.72 -3.87 1.19
N LEU A 24 -7.50 -4.31 1.21
CA LEU A 24 -6.51 -3.90 0.26
C LEU A 24 -6.91 -4.21 -1.17
N GLU A 25 -7.55 -5.33 -1.34
CA GLU A 25 -8.02 -5.77 -2.65
C GLU A 25 -9.08 -4.78 -3.22
N ARG A 26 -9.56 -3.90 -2.38
CA ARG A 26 -10.57 -2.90 -2.76
C ARG A 26 -9.92 -1.54 -3.09
N VAL A 27 -8.63 -1.44 -2.83
CA VAL A 27 -7.84 -0.25 -3.15
C VAL A 27 -7.73 -0.07 -4.67
N ASN A 28 -7.96 1.16 -5.14
CA ASN A 28 -7.83 1.50 -6.54
C ASN A 28 -6.62 2.40 -6.84
N MET A 29 -6.14 3.15 -5.84
CA MET A 29 -4.99 4.06 -6.04
C MET A 29 -3.94 3.77 -5.00
N CYS A 30 -2.71 3.63 -5.42
CA CYS A 30 -1.62 3.40 -4.50
C CYS A 30 -0.54 4.44 -4.75
N ARG A 31 -0.13 5.12 -3.71
CA ARG A 31 0.94 6.06 -3.78
C ARG A 31 1.85 5.91 -2.57
N ILE A 32 3.09 5.59 -2.78
CA ILE A 32 3.99 5.51 -1.66
C ILE A 32 4.72 6.81 -1.47
N GLN A 33 4.50 7.38 -0.33
CA GLN A 33 5.03 8.61 0.09
C GLN A 33 6.37 8.36 0.78
N ARG A 34 7.32 9.19 0.50
CA ARG A 34 8.65 9.04 1.04
C ARG A 34 9.05 10.31 1.78
N ALA A 35 9.63 10.16 2.92
CA ALA A 35 10.12 11.28 3.67
C ALA A 35 11.53 11.55 3.24
N ASP A 36 11.67 12.49 2.33
CA ASP A 36 12.97 12.81 1.72
C ASP A 36 12.76 13.88 0.67
N GLY A 37 11.71 13.72 -0.09
CA GLY A 37 11.39 14.66 -1.13
C GLY A 37 10.04 14.39 -1.72
N ASP A 38 9.05 14.27 -0.86
CA ASP A 38 7.67 14.01 -1.25
C ASP A 38 6.78 14.63 -0.21
N CYS A 39 6.75 14.01 0.94
CA CYS A 39 6.04 14.47 2.11
C CYS A 39 6.72 13.93 3.37
N ASP A 40 6.49 14.55 4.50
CA ASP A 40 7.27 14.33 5.75
C ASP A 40 7.03 13.00 6.48
N LEU A 41 6.71 11.95 5.77
CA LEU A 41 6.48 10.65 6.39
C LEU A 41 6.51 9.59 5.32
N ALA A 42 6.95 8.40 5.64
CA ALA A 42 6.83 7.34 4.70
C ALA A 42 5.49 6.69 4.90
N ALA A 43 4.67 6.74 3.90
CA ALA A 43 3.32 6.24 4.03
C ALA A 43 2.82 5.71 2.72
N VAL A 44 1.96 4.76 2.79
CA VAL A 44 1.33 4.24 1.63
C VAL A 44 -0.06 4.82 1.58
N ILE A 45 -0.28 5.64 0.62
CA ILE A 45 -1.55 6.27 0.41
C ILE A 45 -2.39 5.34 -0.45
N LEU A 46 -3.46 4.85 0.11
CA LEU A 46 -4.32 3.90 -0.58
C LEU A 46 -5.69 4.46 -0.72
N HIS A 47 -6.14 4.57 -1.91
CA HIS A 47 -7.48 5.07 -2.12
C HIS A 47 -8.40 3.93 -2.38
N VAL A 48 -9.42 3.85 -1.60
CA VAL A 48 -10.41 2.84 -1.71
C VAL A 48 -11.66 3.55 -2.20
N LYS A 49 -12.52 2.84 -2.89
CA LYS A 49 -13.75 3.42 -3.46
C LYS A 49 -14.62 4.16 -2.41
N ARG A 50 -14.41 3.90 -1.13
CA ARG A 50 -15.21 4.56 -0.10
C ARG A 50 -14.42 5.65 0.63
N ARG A 51 -13.12 5.43 0.80
CA ARG A 51 -12.25 6.33 1.59
C ARG A 51 -10.80 6.12 1.20
N ARG A 52 -9.97 7.07 1.52
CA ARG A 52 -8.54 6.93 1.33
C ARG A 52 -7.98 6.51 2.68
N ILE A 53 -7.14 5.52 2.68
CA ILE A 53 -6.55 5.01 3.89
C ILE A 53 -5.04 5.06 3.77
N CYS A 54 -4.40 5.44 4.82
CA CYS A 54 -2.97 5.58 4.82
C CYS A 54 -2.35 4.53 5.72
N VAL A 55 -1.47 3.74 5.17
CA VAL A 55 -0.82 2.70 5.94
C VAL A 55 0.69 2.81 5.83
N SER A 56 1.38 2.03 6.60
CA SER A 56 2.81 2.03 6.59
C SER A 56 3.36 1.07 5.50
N PRO A 57 4.42 1.51 4.77
CA PRO A 57 5.06 0.70 3.71
C PRO A 57 5.88 -0.44 4.29
N HIS A 58 5.96 -0.47 5.60
CA HIS A 58 6.72 -1.48 6.31
C HIS A 58 5.83 -2.64 6.71
N ASN A 59 4.55 -2.56 6.34
CA ASN A 59 3.61 -3.61 6.63
C ASN A 59 3.74 -4.76 5.63
N HIS A 60 4.01 -5.94 6.15
CA HIS A 60 4.19 -7.16 5.36
C HIS A 60 2.96 -7.42 4.48
N THR A 61 1.79 -7.18 5.04
CA THR A 61 0.54 -7.43 4.36
C THR A 61 0.42 -6.58 3.08
N VAL A 62 0.82 -5.32 3.18
CA VAL A 62 0.80 -4.39 2.04
C VAL A 62 1.74 -4.88 0.93
N LYS A 63 2.95 -5.18 1.32
CA LYS A 63 3.96 -5.73 0.40
C LYS A 63 3.45 -7.01 -0.30
N GLN A 64 2.75 -7.87 0.45
CA GLN A 64 2.21 -9.11 -0.10
C GLN A 64 1.03 -8.82 -1.03
N TRP A 65 0.18 -7.91 -0.61
CA TRP A 65 -0.95 -7.48 -1.38
C TRP A 65 -0.52 -6.95 -2.74
N MET A 66 0.46 -6.07 -2.75
CA MET A 66 0.97 -5.49 -4.00
C MET A 66 1.50 -6.53 -4.96
N LYS A 67 2.15 -7.55 -4.43
CA LYS A 67 2.64 -8.62 -5.24
C LYS A 67 1.47 -9.34 -5.94
N VAL A 68 0.37 -9.50 -5.23
CA VAL A 68 -0.81 -10.15 -5.79
C VAL A 68 -1.50 -9.20 -6.78
N GLN A 69 -1.66 -7.95 -6.36
CA GLN A 69 -2.31 -6.89 -7.15
C GLN A 69 -1.57 -6.54 -8.40
N ALA A 70 -0.29 -6.79 -8.41
CA ALA A 70 0.54 -6.50 -9.55
C ALA A 70 0.04 -7.21 -10.83
N ALA A 71 -0.72 -8.29 -10.63
CA ALA A 71 -1.27 -9.09 -11.73
C ALA A 71 -2.28 -8.30 -12.60
N LYS A 72 -2.65 -7.09 -12.19
CA LYS A 72 -3.51 -6.24 -13.01
C LYS A 72 -2.84 -5.87 -14.31
N LYS A 73 -3.53 -6.16 -15.39
CA LYS A 73 -3.01 -6.03 -16.74
C LYS A 73 -2.78 -4.58 -17.18
N ASN A 74 -3.37 -3.63 -16.47
CA ASN A 74 -3.17 -2.21 -16.82
C ASN A 74 -1.84 -1.72 -16.27
N GLY A 75 -1.31 -2.45 -15.32
CA GLY A 75 -0.07 -2.06 -14.71
C GLY A 75 -0.28 -1.71 -13.26
N LYS A 76 0.49 -0.78 -12.77
CA LYS A 76 0.39 -0.39 -11.39
C LYS A 76 -0.59 0.76 -11.23
N GLY A 77 -1.80 0.45 -10.88
CA GLY A 77 -2.77 1.46 -10.59
C GLY A 77 -2.93 1.52 -9.12
N ASN A 78 -3.31 0.41 -8.58
CA ASN A 78 -3.41 0.25 -7.16
C ASN A 78 -2.19 -0.43 -6.63
N VAL A 79 -1.14 -0.44 -7.39
CA VAL A 79 0.04 -1.13 -6.98
C VAL A 79 1.21 -0.16 -6.87
N CYS A 80 2.08 -0.37 -5.93
CA CYS A 80 3.27 0.42 -5.77
C CYS A 80 4.53 -0.44 -5.94
N HIS A 81 4.77 -1.36 -5.00
CA HIS A 81 5.88 -2.28 -5.16
C HIS A 81 5.42 -3.40 -6.06
N ARG A 82 6.24 -3.80 -6.97
CA ARG A 82 5.89 -4.85 -7.87
C ARG A 82 6.94 -5.94 -7.78
N LYS A 83 8.13 -5.56 -7.37
CA LYS A 83 9.25 -6.48 -7.29
C LYS A 83 9.67 -6.73 -5.84
N LYS A 84 8.79 -6.46 -4.92
CA LYS A 84 9.11 -6.63 -3.51
C LYS A 84 8.78 -8.06 -3.05
N HIS A 85 9.80 -8.76 -2.56
CA HIS A 85 9.70 -10.15 -2.08
C HIS A 85 9.37 -11.14 -3.21
N HIS A 86 9.25 -12.40 -2.86
CA HIS A 86 8.84 -13.42 -3.82
C HIS A 86 7.31 -13.46 -3.81
N GLY A 87 6.76 -13.42 -2.58
CA GLY A 87 5.32 -13.27 -2.31
C GLY A 87 4.39 -14.07 -3.20
N LYS A 88 4.73 -15.27 -3.51
CA LYS A 88 3.92 -16.06 -4.40
C LYS A 88 2.82 -16.73 -3.62
N ARG A 89 1.65 -16.19 -3.71
CA ARG A 89 0.49 -16.73 -3.04
C ARG A 89 -0.52 -17.13 -4.09
N ASN A 90 -0.99 -18.35 -4.03
CA ASN A 90 -2.02 -18.82 -4.96
C ASN A 90 -3.30 -18.05 -4.65
N SER A 91 -3.66 -17.17 -5.53
CA SER A 91 -4.81 -16.33 -5.34
C SER A 91 -6.09 -17.02 -5.78
N ASN A 92 -7.13 -16.81 -5.02
CA ASN A 92 -8.43 -17.34 -5.35
C ASN A 92 -9.20 -16.32 -6.16
N ARG A 93 -10.04 -16.80 -7.01
CA ARG A 93 -10.86 -15.93 -7.82
C ARG A 93 -12.09 -15.56 -7.06
N ALA A 94 -12.30 -14.27 -6.91
CA ALA A 94 -13.50 -13.78 -6.26
C ALA A 94 -14.69 -14.10 -7.15
N HIS A 95 -14.45 -14.05 -8.45
CA HIS A 95 -15.40 -14.41 -9.51
C HIS A 95 -16.63 -13.51 -9.53
N GLN A 96 -16.65 -12.64 -10.48
CA GLN A 96 -17.79 -11.81 -10.69
C GLN A 96 -18.10 -11.79 -12.16
N GLY A 97 -18.85 -12.76 -12.58
CA GLY A 97 -19.24 -12.89 -13.94
C GLY A 97 -20.72 -12.90 -14.05
N LYS A 98 -21.25 -11.90 -14.70
CA LYS A 98 -22.67 -11.68 -14.83
C LYS A 98 -23.25 -11.38 -13.46
N HIS A 99 -23.19 -10.13 -13.08
CA HIS A 99 -23.80 -9.72 -11.84
C HIS A 99 -25.27 -9.60 -12.06
N GLU A 100 -26.00 -10.51 -11.50
CA GLU A 100 -27.38 -10.59 -11.75
C GLU A 100 -28.16 -9.62 -10.88
N THR A 101 -28.19 -8.40 -11.34
CA THR A 101 -28.88 -7.33 -10.69
C THR A 101 -29.74 -6.62 -11.72
N TYR A 102 -31.02 -6.93 -11.74
CA TYR A 102 -31.91 -6.33 -12.69
C TYR A 102 -33.30 -6.23 -12.13
N GLY A 103 -34.05 -5.29 -12.63
CA GLY A 103 -35.41 -5.11 -12.23
C GLY A 103 -36.12 -4.21 -13.20
N HIS A 104 -36.13 -4.61 -14.45
CA HIS A 104 -36.73 -3.81 -15.50
C HIS A 104 -38.22 -4.00 -15.55
N LYS A 105 -38.91 -3.23 -14.74
CA LYS A 105 -40.36 -3.25 -14.72
C LYS A 105 -40.89 -2.07 -15.51
N THR A 106 -39.95 -1.18 -15.85
CA THR A 106 -40.19 -0.01 -16.67
C THR A 106 -41.24 0.95 -16.06
N PRO A 107 -40.79 1.89 -15.21
CA PRO A 107 -41.67 2.86 -14.59
C PRO A 107 -41.90 4.09 -15.49
N TYR A 108 -41.03 4.26 -16.47
CA TYR A 108 -41.13 5.34 -17.40
C TYR A 108 -41.48 4.87 -18.79
N SER A 1 -15.21 21.10 6.88
CA SER A 1 -13.94 21.72 6.51
C SER A 1 -12.96 20.63 6.11
N GLU A 2 -12.61 20.58 4.83
CA GLU A 2 -11.70 19.58 4.35
C GLU A 2 -10.25 19.95 4.64
N ALA A 3 -9.87 19.78 5.89
CA ALA A 3 -8.53 20.05 6.38
C ALA A 3 -8.38 19.37 7.72
N ILE A 4 -7.15 19.05 8.08
CA ILE A 4 -6.81 18.37 9.35
C ILE A 4 -7.35 16.92 9.38
N LEU A 5 -8.67 16.77 9.50
CA LEU A 5 -9.28 15.46 9.58
C LEU A 5 -9.16 14.67 8.25
N PRO A 6 -9.70 15.16 7.09
CA PRO A 6 -9.58 14.44 5.81
C PRO A 6 -8.19 14.61 5.20
N ILE A 7 -7.40 15.51 5.81
CA ILE A 7 -6.04 15.84 5.38
C ILE A 7 -6.06 16.50 4.00
N ALA A 8 -5.91 17.81 3.97
CA ALA A 8 -5.98 18.56 2.74
C ALA A 8 -4.66 18.56 2.00
N SER A 9 -4.42 17.48 1.32
CA SER A 9 -3.27 17.27 0.49
C SER A 9 -3.39 15.90 -0.11
N SER A 10 -2.47 15.56 -0.96
CA SER A 10 -2.44 14.26 -1.54
C SER A 10 -1.43 13.42 -0.74
N CYS A 11 -1.21 13.81 0.49
CA CYS A 11 -0.25 13.17 1.35
C CYS A 11 -0.88 12.59 2.61
N CYS A 12 -0.17 11.68 3.20
CA CYS A 12 -0.59 10.97 4.38
C CYS A 12 0.26 11.33 5.59
N THR A 13 -0.33 12.07 6.51
CA THR A 13 0.34 12.44 7.74
C THR A 13 0.01 11.43 8.85
N GLU A 14 -0.88 10.52 8.54
CA GLU A 14 -1.26 9.46 9.43
C GLU A 14 -0.94 8.15 8.77
N VAL A 15 -0.98 7.08 9.55
CA VAL A 15 -0.83 5.72 9.06
C VAL A 15 -1.57 4.77 9.97
N SER A 16 -2.25 3.80 9.40
CA SER A 16 -2.99 2.82 10.16
C SER A 16 -2.03 1.71 10.61
N HIS A 17 -0.74 1.91 10.34
CA HIS A 17 0.35 1.01 10.72
C HIS A 17 0.30 -0.29 9.94
N HIS A 18 -0.57 -1.19 10.34
CA HIS A 18 -0.70 -2.47 9.68
C HIS A 18 -2.14 -2.64 9.23
N ILE A 19 -2.33 -3.29 8.12
CA ILE A 19 -3.65 -3.38 7.56
C ILE A 19 -3.92 -4.80 7.06
N SER A 20 -5.16 -5.12 6.91
CA SER A 20 -5.57 -6.41 6.40
C SER A 20 -5.79 -6.31 4.88
N ARG A 21 -5.49 -7.40 4.15
CA ARG A 21 -5.71 -7.46 2.69
C ARG A 21 -7.14 -7.21 2.29
N ARG A 22 -8.06 -7.54 3.16
CA ARG A 22 -9.49 -7.38 2.92
C ARG A 22 -9.80 -5.96 2.39
N LEU A 23 -9.19 -4.95 2.98
CA LEU A 23 -9.33 -3.57 2.51
C LEU A 23 -8.48 -3.37 1.27
N LEU A 24 -7.29 -3.94 1.29
CA LEU A 24 -6.28 -3.74 0.26
C LEU A 24 -6.75 -4.17 -1.11
N GLU A 25 -7.40 -5.29 -1.18
CA GLU A 25 -7.87 -5.84 -2.44
C GLU A 25 -8.89 -4.89 -3.10
N ARG A 26 -9.43 -3.96 -2.31
CA ARG A 26 -10.41 -2.99 -2.77
C ARG A 26 -9.72 -1.71 -3.26
N VAL A 27 -8.43 -1.56 -2.96
CA VAL A 27 -7.69 -0.32 -3.27
C VAL A 27 -7.53 -0.14 -4.78
N ASN A 28 -7.85 1.07 -5.25
CA ASN A 28 -7.77 1.38 -6.67
C ASN A 28 -6.60 2.30 -6.99
N MET A 29 -6.18 3.14 -6.03
CA MET A 29 -5.07 4.06 -6.29
C MET A 29 -3.98 3.86 -5.26
N CYS A 30 -2.76 3.92 -5.69
CA CYS A 30 -1.62 3.75 -4.82
C CYS A 30 -0.61 4.86 -5.02
N ARG A 31 -0.16 5.42 -3.92
CA ARG A 31 0.84 6.46 -3.90
C ARG A 31 1.82 6.22 -2.75
N ILE A 32 3.10 6.12 -3.08
CA ILE A 32 4.14 5.90 -2.08
C ILE A 32 4.72 7.20 -1.64
N GLN A 33 4.56 7.48 -0.40
CA GLN A 33 5.05 8.67 0.19
C GLN A 33 6.27 8.34 1.03
N ARG A 34 7.34 9.04 0.82
CA ARG A 34 8.52 8.84 1.60
C ARG A 34 8.92 10.15 2.23
N ALA A 35 9.36 10.09 3.47
CA ALA A 35 9.83 11.27 4.13
C ALA A 35 11.27 11.47 3.74
N ASP A 36 11.47 12.31 2.75
CA ASP A 36 12.75 12.54 2.13
C ASP A 36 12.60 13.61 1.07
N GLY A 37 11.61 13.45 0.23
CA GLY A 37 11.38 14.41 -0.80
C GLY A 37 9.99 14.39 -1.34
N ASP A 38 9.04 14.08 -0.50
CA ASP A 38 7.65 14.08 -0.93
C ASP A 38 6.81 14.73 0.11
N CYS A 39 6.67 14.07 1.23
CA CYS A 39 5.89 14.57 2.35
C CYS A 39 6.46 14.09 3.68
N ASP A 40 6.00 14.71 4.75
CA ASP A 40 6.56 14.60 6.13
C ASP A 40 6.40 13.21 6.81
N LEU A 41 6.25 12.15 6.07
CA LEU A 41 6.07 10.83 6.67
C LEU A 41 6.28 9.77 5.60
N ALA A 42 6.74 8.61 5.99
CA ALA A 42 6.77 7.52 5.04
C ALA A 42 5.45 6.79 5.17
N ALA A 43 4.70 6.79 4.11
CA ALA A 43 3.37 6.20 4.15
C ALA A 43 2.96 5.66 2.80
N VAL A 44 2.09 4.71 2.84
CA VAL A 44 1.49 4.22 1.65
C VAL A 44 0.08 4.78 1.61
N ILE A 45 -0.14 5.64 0.68
CA ILE A 45 -1.41 6.27 0.47
C ILE A 45 -2.26 5.38 -0.45
N LEU A 46 -3.35 4.89 0.07
CA LEU A 46 -4.20 3.97 -0.63
C LEU A 46 -5.58 4.55 -0.81
N HIS A 47 -6.05 4.60 -2.02
CA HIS A 47 -7.36 5.17 -2.27
C HIS A 47 -8.38 4.11 -2.53
N VAL A 48 -9.42 4.19 -1.78
CA VAL A 48 -10.55 3.32 -1.87
C VAL A 48 -11.73 4.22 -2.23
N LYS A 49 -12.74 3.68 -2.89
CA LYS A 49 -13.87 4.49 -3.33
C LYS A 49 -14.58 5.23 -2.19
N ARG A 50 -14.62 4.63 -0.99
CA ARG A 50 -15.26 5.33 0.10
C ARG A 50 -14.30 6.28 0.85
N ARG A 51 -13.01 5.96 0.91
CA ARG A 51 -12.04 6.83 1.57
C ARG A 51 -10.63 6.46 1.18
N ARG A 52 -9.71 7.30 1.55
CA ARG A 52 -8.31 7.07 1.36
C ARG A 52 -7.76 6.61 2.71
N ILE A 53 -6.91 5.62 2.69
CA ILE A 53 -6.34 5.09 3.91
C ILE A 53 -4.82 5.11 3.80
N CYS A 54 -4.20 5.50 4.86
CA CYS A 54 -2.78 5.61 4.92
C CYS A 54 -2.23 4.44 5.73
N VAL A 55 -1.28 3.71 5.19
CA VAL A 55 -0.70 2.57 5.88
C VAL A 55 0.83 2.69 5.85
N SER A 56 1.51 1.99 6.73
CA SER A 56 2.94 1.98 6.75
C SER A 56 3.48 1.00 5.70
N PRO A 57 4.51 1.40 4.91
CA PRO A 57 5.12 0.54 3.88
C PRO A 57 5.86 -0.64 4.50
N HIS A 58 6.01 -0.56 5.80
CA HIS A 58 6.68 -1.58 6.60
C HIS A 58 5.78 -2.78 6.82
N ASN A 59 4.52 -2.65 6.46
CA ASN A 59 3.59 -3.71 6.66
C ASN A 59 3.71 -4.77 5.58
N HIS A 60 3.90 -6.00 6.03
CA HIS A 60 4.09 -7.14 5.15
C HIS A 60 2.84 -7.45 4.37
N THR A 61 1.68 -7.22 4.98
CA THR A 61 0.41 -7.49 4.34
C THR A 61 0.30 -6.65 3.03
N VAL A 62 0.66 -5.37 3.13
CA VAL A 62 0.75 -4.45 1.99
C VAL A 62 1.70 -5.00 0.95
N LYS A 63 2.87 -5.41 1.40
CA LYS A 63 3.88 -5.98 0.50
C LYS A 63 3.34 -7.22 -0.26
N GLN A 64 2.61 -8.05 0.46
CA GLN A 64 2.10 -9.29 -0.11
C GLN A 64 0.96 -8.93 -1.08
N TRP A 65 0.17 -7.94 -0.70
CA TRP A 65 -0.90 -7.42 -1.52
C TRP A 65 -0.34 -6.88 -2.86
N MET A 66 0.70 -6.07 -2.77
CA MET A 66 1.40 -5.52 -3.96
C MET A 66 1.78 -6.66 -4.92
N LYS A 67 2.31 -7.72 -4.34
CA LYS A 67 2.74 -8.92 -5.04
C LYS A 67 1.55 -9.48 -5.86
N VAL A 68 0.41 -9.60 -5.23
CA VAL A 68 -0.78 -10.16 -5.89
C VAL A 68 -1.37 -9.17 -6.90
N GLN A 69 -1.57 -7.93 -6.48
CA GLN A 69 -2.18 -6.88 -7.30
C GLN A 69 -1.40 -6.58 -8.56
N ALA A 70 -0.13 -6.82 -8.50
CA ALA A 70 0.74 -6.57 -9.62
C ALA A 70 0.38 -7.43 -10.86
N ALA A 71 -0.30 -8.57 -10.60
CA ALA A 71 -0.66 -9.55 -11.62
C ALA A 71 -1.67 -9.03 -12.66
N LYS A 72 -2.28 -7.87 -12.39
CA LYS A 72 -3.21 -7.26 -13.34
C LYS A 72 -2.58 -7.10 -14.71
N LYS A 73 -3.29 -7.53 -15.73
CA LYS A 73 -2.80 -7.47 -17.10
C LYS A 73 -2.94 -6.07 -17.67
N ASN A 74 -3.80 -5.28 -17.04
CA ASN A 74 -3.99 -3.91 -17.48
C ASN A 74 -2.94 -3.03 -16.78
N GLY A 75 -3.04 -1.74 -16.95
CA GLY A 75 -2.09 -0.86 -16.31
C GLY A 75 -2.27 -0.81 -14.81
N LYS A 76 -1.23 -1.21 -14.08
CA LYS A 76 -1.28 -1.22 -12.63
C LYS A 76 -1.31 0.16 -12.06
N GLY A 77 -2.28 0.41 -11.23
CA GLY A 77 -2.49 1.73 -10.67
C GLY A 77 -2.48 1.69 -9.18
N ASN A 78 -2.99 0.61 -8.63
CA ASN A 78 -2.98 0.41 -7.20
C ASN A 78 -1.76 -0.34 -6.77
N VAL A 79 -0.81 -0.46 -7.64
CA VAL A 79 0.36 -1.21 -7.31
C VAL A 79 1.57 -0.31 -7.41
N CYS A 80 2.39 -0.28 -6.38
CA CYS A 80 3.53 0.61 -6.38
C CYS A 80 4.87 -0.10 -6.22
N HIS A 81 5.02 -0.94 -5.19
CA HIS A 81 6.30 -1.60 -4.94
C HIS A 81 6.70 -2.49 -6.09
N ARG A 82 8.00 -2.50 -6.37
CA ARG A 82 8.59 -3.27 -7.44
C ARG A 82 8.31 -4.75 -7.17
N LYS A 83 8.87 -5.22 -6.07
CA LYS A 83 8.65 -6.54 -5.53
C LYS A 83 9.39 -6.66 -4.22
N LYS A 84 8.66 -6.86 -3.17
CA LYS A 84 9.25 -7.00 -1.86
C LYS A 84 9.20 -8.47 -1.44
N HIS A 85 9.64 -8.76 -0.24
CA HIS A 85 9.61 -10.11 0.24
C HIS A 85 8.22 -10.51 0.65
N HIS A 86 7.65 -11.40 -0.11
CA HIS A 86 6.35 -11.96 0.15
C HIS A 86 6.51 -13.25 0.93
N GLY A 87 7.73 -13.71 0.95
CA GLY A 87 8.06 -14.87 1.68
C GLY A 87 9.05 -14.53 2.76
N LYS A 88 10.31 -14.94 2.55
CA LYS A 88 11.40 -14.80 3.53
C LYS A 88 11.06 -15.58 4.81
N ARG A 89 10.23 -14.96 5.64
CA ARG A 89 9.75 -15.52 6.89
C ARG A 89 10.87 -15.80 7.87
N ASN A 90 10.46 -16.31 9.00
CA ASN A 90 11.34 -16.69 10.08
C ASN A 90 10.47 -17.36 11.10
N SER A 91 10.94 -18.40 11.71
CA SER A 91 10.15 -19.07 12.70
C SER A 91 10.28 -18.30 14.01
N ASN A 92 9.46 -17.28 14.11
CA ASN A 92 9.41 -16.39 15.23
C ASN A 92 8.21 -15.52 15.06
N ARG A 93 7.31 -15.60 15.99
CA ARG A 93 6.12 -14.82 15.96
C ARG A 93 6.47 -13.41 16.41
N ALA A 94 6.45 -12.48 15.47
CA ALA A 94 6.84 -11.12 15.74
C ALA A 94 5.79 -10.40 16.55
N HIS A 95 6.10 -10.18 17.80
CA HIS A 95 5.24 -9.45 18.68
C HIS A 95 5.72 -8.02 18.67
N GLN A 96 4.81 -7.08 18.67
CA GLN A 96 5.19 -5.70 18.63
C GLN A 96 5.56 -5.19 20.01
N GLY A 97 6.80 -5.42 20.36
CA GLY A 97 7.32 -4.96 21.61
C GLY A 97 8.48 -4.03 21.36
N LYS A 98 8.54 -2.95 22.10
CA LYS A 98 9.58 -1.98 21.88
C LYS A 98 10.82 -2.32 22.61
N HIS A 99 11.78 -2.83 21.89
CA HIS A 99 13.06 -3.08 22.45
C HIS A 99 13.82 -1.79 22.52
N GLU A 100 13.75 -1.18 23.68
CA GLU A 100 14.39 0.10 23.94
C GLU A 100 15.90 -0.09 23.98
N THR A 101 16.29 -1.30 24.27
CA THR A 101 17.65 -1.66 24.32
C THR A 101 18.07 -2.19 22.95
N TYR A 102 18.84 -1.42 22.23
CA TYR A 102 19.30 -1.82 20.93
C TYR A 102 20.75 -1.43 20.76
N GLY A 103 21.32 -1.76 19.61
CA GLY A 103 22.73 -1.53 19.37
C GLY A 103 23.06 -0.09 19.05
N HIS A 104 22.87 0.77 20.02
CA HIS A 104 23.22 2.15 19.87
C HIS A 104 24.34 2.46 20.84
N LYS A 105 25.56 2.33 20.34
CA LYS A 105 26.78 2.56 21.09
C LYS A 105 26.89 1.64 22.30
N THR A 106 27.31 0.45 22.02
CA THR A 106 27.51 -0.56 23.02
C THR A 106 29.00 -0.62 23.38
N PRO A 107 29.38 -1.24 24.52
CA PRO A 107 30.78 -1.39 24.90
C PRO A 107 31.49 -2.52 24.12
N TYR A 108 30.88 -2.95 23.02
CA TYR A 108 31.43 -3.98 22.18
C TYR A 108 30.94 -3.81 20.74
N SER A 1 -12.84 17.11 13.27
CA SER A 1 -12.09 15.88 13.10
C SER A 1 -12.48 15.21 11.78
N GLU A 2 -11.78 14.12 11.41
CA GLU A 2 -12.01 13.40 10.14
C GLU A 2 -11.50 14.20 8.95
N ALA A 3 -11.38 13.54 7.80
CA ALA A 3 -10.90 14.17 6.54
C ALA A 3 -9.46 14.70 6.68
N ILE A 4 -8.75 14.16 7.64
CA ILE A 4 -7.35 14.52 7.87
C ILE A 4 -6.46 13.55 7.10
N LEU A 5 -6.98 12.38 6.84
CA LEU A 5 -6.30 11.37 6.03
C LEU A 5 -7.00 11.12 4.66
N PRO A 6 -8.37 10.88 4.62
CA PRO A 6 -9.08 10.59 3.35
C PRO A 6 -8.89 11.64 2.22
N ILE A 7 -9.41 12.83 2.43
CA ILE A 7 -9.38 13.86 1.39
C ILE A 7 -8.86 15.16 1.93
N ALA A 8 -8.59 16.10 1.02
CA ALA A 8 -8.17 17.47 1.33
C ALA A 8 -6.91 17.54 2.18
N SER A 9 -6.14 16.49 2.17
CA SER A 9 -4.95 16.40 2.98
C SER A 9 -3.68 16.22 2.15
N SER A 10 -3.79 15.49 1.04
CA SER A 10 -2.68 15.21 0.11
C SER A 10 -1.63 14.26 0.71
N CYS A 11 -1.11 14.59 1.86
CA CYS A 11 -0.13 13.75 2.51
C CYS A 11 -0.75 12.86 3.55
N CYS A 12 -0.09 11.79 3.81
CA CYS A 12 -0.43 10.88 4.85
C CYS A 12 0.49 11.13 6.02
N THR A 13 0.00 11.93 6.95
CA THR A 13 0.75 12.31 8.12
C THR A 13 0.59 11.27 9.21
N GLU A 14 -0.40 10.44 9.05
CA GLU A 14 -0.68 9.39 9.99
C GLU A 14 -0.98 8.16 9.20
N VAL A 15 -0.82 7.04 9.81
CA VAL A 15 -1.08 5.78 9.18
C VAL A 15 -1.80 4.86 10.12
N SER A 16 -2.42 3.83 9.57
CA SER A 16 -3.10 2.84 10.36
C SER A 16 -2.11 1.73 10.75
N HIS A 17 -0.87 1.87 10.23
CA HIS A 17 0.26 0.98 10.49
C HIS A 17 0.10 -0.40 9.85
N HIS A 18 -0.88 -1.13 10.29
CA HIS A 18 -1.16 -2.42 9.79
C HIS A 18 -2.53 -2.37 9.11
N ILE A 19 -2.68 -3.14 8.07
CA ILE A 19 -3.89 -3.15 7.30
C ILE A 19 -4.22 -4.59 6.97
N SER A 20 -5.44 -4.85 6.64
CA SER A 20 -5.87 -6.16 6.24
C SER A 20 -6.12 -6.18 4.71
N ARG A 21 -5.84 -7.31 4.06
CA ARG A 21 -6.02 -7.43 2.61
C ARG A 21 -7.44 -7.17 2.14
N ARG A 22 -8.42 -7.45 2.99
CA ARG A 22 -9.83 -7.19 2.67
C ARG A 22 -10.05 -5.75 2.19
N LEU A 23 -9.46 -4.79 2.88
CA LEU A 23 -9.57 -3.39 2.49
C LEU A 23 -8.66 -3.12 1.29
N LEU A 24 -7.51 -3.75 1.30
CA LEU A 24 -6.50 -3.56 0.29
C LEU A 24 -6.98 -3.90 -1.10
N GLU A 25 -7.73 -4.95 -1.21
CA GLU A 25 -8.21 -5.40 -2.49
C GLU A 25 -9.24 -4.42 -3.08
N ARG A 26 -9.69 -3.48 -2.27
CA ARG A 26 -10.64 -2.47 -2.68
C ARG A 26 -9.91 -1.16 -3.06
N VAL A 27 -8.58 -1.21 -2.99
CA VAL A 27 -7.75 -0.07 -3.35
C VAL A 27 -7.68 0.10 -4.85
N ASN A 28 -7.86 1.33 -5.29
CA ASN A 28 -7.85 1.67 -6.70
C ASN A 28 -6.58 2.44 -7.07
N MET A 29 -6.07 3.23 -6.12
CA MET A 29 -4.87 4.03 -6.38
C MET A 29 -3.85 3.79 -5.30
N CYS A 30 -2.61 3.69 -5.67
CA CYS A 30 -1.53 3.47 -4.74
C CYS A 30 -0.45 4.52 -4.93
N ARG A 31 -0.02 5.10 -3.85
CA ARG A 31 1.06 6.06 -3.85
C ARG A 31 1.98 5.80 -2.67
N ILE A 32 3.26 5.70 -2.94
CA ILE A 32 4.23 5.52 -1.90
C ILE A 32 4.76 6.87 -1.53
N GLN A 33 4.46 7.27 -0.36
CA GLN A 33 4.87 8.54 0.14
C GLN A 33 6.22 8.39 0.80
N ARG A 34 7.12 9.28 0.50
CA ARG A 34 8.45 9.21 1.05
C ARG A 34 8.80 10.51 1.74
N ALA A 35 9.60 10.42 2.77
CA ALA A 35 10.10 11.59 3.45
C ALA A 35 11.29 12.11 2.67
N ASP A 36 11.04 13.12 1.85
CA ASP A 36 12.06 13.70 0.96
C ASP A 36 11.53 14.98 0.32
N GLY A 37 10.68 14.82 -0.65
CA GLY A 37 10.05 15.94 -1.31
C GLY A 37 8.61 15.65 -1.59
N ASP A 38 8.23 14.40 -1.42
CA ASP A 38 6.87 13.97 -1.60
C ASP A 38 6.07 14.50 -0.42
N CYS A 39 6.39 13.98 0.75
CA CYS A 39 5.82 14.43 2.00
C CYS A 39 6.85 14.23 3.12
N ASP A 40 6.42 14.35 4.37
CA ASP A 40 7.34 14.33 5.52
C ASP A 40 7.36 12.95 6.20
N LEU A 41 6.83 11.95 5.55
CA LEU A 41 6.73 10.63 6.19
C LEU A 41 6.70 9.57 5.13
N ALA A 42 7.17 8.39 5.44
CA ALA A 42 7.03 7.31 4.52
C ALA A 42 5.74 6.60 4.84
N ALA A 43 4.83 6.59 3.91
CA ALA A 43 3.54 6.01 4.11
C ALA A 43 3.00 5.48 2.82
N VAL A 44 2.09 4.58 2.90
CA VAL A 44 1.43 4.07 1.75
C VAL A 44 0.05 4.69 1.69
N ILE A 45 -0.14 5.53 0.73
CA ILE A 45 -1.39 6.16 0.48
C ILE A 45 -2.23 5.24 -0.42
N LEU A 46 -3.33 4.77 0.11
CA LEU A 46 -4.22 3.84 -0.57
C LEU A 46 -5.55 4.47 -0.82
N HIS A 47 -5.94 4.55 -2.04
CA HIS A 47 -7.23 5.13 -2.36
C HIS A 47 -8.25 4.06 -2.52
N VAL A 48 -9.29 4.15 -1.75
CA VAL A 48 -10.36 3.21 -1.77
C VAL A 48 -11.64 3.99 -1.97
N LYS A 49 -12.64 3.35 -2.55
CA LYS A 49 -13.94 3.97 -2.84
C LYS A 49 -14.57 4.64 -1.60
N ARG A 50 -14.29 4.11 -0.42
CA ARG A 50 -14.88 4.69 0.77
C ARG A 50 -13.95 5.71 1.46
N ARG A 51 -12.63 5.49 1.38
CA ARG A 51 -11.65 6.35 2.08
C ARG A 51 -10.28 6.18 1.48
N ARG A 52 -9.46 7.18 1.58
CA ARG A 52 -8.07 7.05 1.28
C ARG A 52 -7.40 6.70 2.61
N ILE A 53 -6.87 5.53 2.70
CA ILE A 53 -6.29 5.05 3.92
C ILE A 53 -4.79 5.01 3.82
N CYS A 54 -4.15 5.45 4.85
CA CYS A 54 -2.72 5.52 4.89
C CYS A 54 -2.19 4.40 5.77
N VAL A 55 -1.30 3.59 5.23
CA VAL A 55 -0.75 2.46 5.96
C VAL A 55 0.79 2.52 5.92
N SER A 56 1.44 1.82 6.81
CA SER A 56 2.87 1.77 6.84
C SER A 56 3.41 0.82 5.75
N PRO A 57 4.47 1.25 5.03
CA PRO A 57 5.08 0.46 3.94
C PRO A 57 5.86 -0.74 4.47
N HIS A 58 5.95 -0.84 5.78
CA HIS A 58 6.71 -1.91 6.41
C HIS A 58 5.81 -3.09 6.78
N ASN A 59 4.55 -3.00 6.41
CA ASN A 59 3.61 -4.06 6.72
C ASN A 59 3.65 -5.14 5.65
N HIS A 60 3.80 -6.37 6.09
CA HIS A 60 3.92 -7.53 5.20
C HIS A 60 2.66 -7.70 4.35
N THR A 61 1.51 -7.37 4.93
CA THR A 61 0.22 -7.49 4.29
C THR A 61 0.20 -6.64 3.01
N VAL A 62 0.81 -5.46 3.09
CA VAL A 62 0.89 -4.54 1.98
C VAL A 62 1.73 -5.11 0.85
N LYS A 63 2.92 -5.60 1.20
CA LYS A 63 3.82 -6.16 0.20
C LYS A 63 3.16 -7.34 -0.50
N GLN A 64 2.49 -8.17 0.30
CA GLN A 64 1.86 -9.36 -0.20
C GLN A 64 0.69 -9.01 -1.11
N TRP A 65 -0.11 -8.07 -0.67
CA TRP A 65 -1.21 -7.58 -1.44
C TRP A 65 -0.73 -7.02 -2.78
N MET A 66 0.28 -6.16 -2.74
CA MET A 66 0.82 -5.57 -3.97
C MET A 66 1.35 -6.63 -4.90
N LYS A 67 1.90 -7.68 -4.34
CA LYS A 67 2.39 -8.79 -5.09
C LYS A 67 1.25 -9.43 -5.91
N VAL A 68 0.11 -9.57 -5.29
CA VAL A 68 -1.03 -10.20 -5.95
C VAL A 68 -1.69 -9.21 -6.92
N GLN A 69 -1.79 -7.97 -6.49
CA GLN A 69 -2.40 -6.90 -7.27
C GLN A 69 -1.61 -6.55 -8.50
N ALA A 70 -0.35 -6.84 -8.48
CA ALA A 70 0.50 -6.54 -9.60
C ALA A 70 0.11 -7.36 -10.84
N ALA A 71 -0.55 -8.51 -10.62
CA ALA A 71 -0.92 -9.46 -11.67
C ALA A 71 -1.88 -8.90 -12.73
N LYS A 72 -2.35 -7.65 -12.53
CA LYS A 72 -3.16 -6.97 -13.54
C LYS A 72 -2.37 -6.85 -14.85
N LYS A 73 -1.07 -6.55 -14.71
CA LYS A 73 -0.09 -6.44 -15.83
C LYS A 73 -0.37 -5.25 -16.78
N ASN A 74 -1.62 -5.07 -17.16
CA ASN A 74 -2.04 -4.03 -18.10
C ASN A 74 -1.69 -2.63 -17.60
N GLY A 75 -1.60 -2.47 -16.30
CA GLY A 75 -1.28 -1.20 -15.75
C GLY A 75 -0.96 -1.29 -14.29
N LYS A 76 -0.55 -0.19 -13.74
CA LYS A 76 -0.24 -0.08 -12.34
C LYS A 76 -0.94 1.13 -11.75
N GLY A 77 -2.05 0.90 -11.09
CA GLY A 77 -2.74 1.99 -10.48
C GLY A 77 -2.76 1.81 -9.01
N ASN A 78 -3.32 0.71 -8.61
CA ASN A 78 -3.40 0.36 -7.21
C ASN A 78 -2.21 -0.46 -6.78
N VAL A 79 -1.21 -0.54 -7.60
CA VAL A 79 -0.10 -1.36 -7.24
C VAL A 79 1.15 -0.51 -7.16
N CYS A 80 1.98 -0.81 -6.20
CA CYS A 80 3.25 -0.13 -6.07
C CYS A 80 4.40 -1.13 -6.08
N HIS A 81 4.51 -1.97 -5.05
CA HIS A 81 5.58 -2.94 -5.00
C HIS A 81 5.22 -4.18 -5.79
N ARG A 82 5.57 -4.17 -7.06
CA ARG A 82 5.36 -5.32 -7.91
C ARG A 82 6.57 -6.23 -7.71
N LYS A 83 7.64 -5.58 -7.40
CA LYS A 83 8.88 -6.19 -7.08
C LYS A 83 9.29 -5.62 -5.72
N LYS A 84 9.34 -6.46 -4.73
CA LYS A 84 9.60 -6.03 -3.34
C LYS A 84 11.04 -5.64 -3.11
N HIS A 85 11.90 -5.99 -4.06
CA HIS A 85 13.34 -5.66 -4.04
C HIS A 85 14.11 -6.52 -3.02
N HIS A 86 13.64 -6.57 -1.79
CA HIS A 86 14.31 -7.35 -0.75
C HIS A 86 14.09 -8.85 -0.91
N GLY A 87 13.04 -9.24 -1.60
CA GLY A 87 12.81 -10.64 -1.85
C GLY A 87 11.52 -11.14 -1.29
N LYS A 88 11.38 -12.47 -1.27
CA LYS A 88 10.17 -13.17 -0.80
C LYS A 88 8.96 -12.87 -1.66
N ARG A 89 8.63 -13.79 -2.56
CA ARG A 89 7.44 -13.65 -3.38
C ARG A 89 6.23 -13.61 -2.49
N ASN A 90 6.16 -14.57 -1.61
CA ASN A 90 5.07 -14.66 -0.67
C ASN A 90 5.67 -14.63 0.72
N SER A 91 5.07 -13.87 1.59
CA SER A 91 5.59 -13.69 2.91
C SER A 91 4.71 -14.38 3.96
N ASN A 92 5.32 -14.82 5.04
CA ASN A 92 4.59 -15.45 6.12
C ASN A 92 3.79 -14.39 6.86
N ARG A 93 2.62 -14.75 7.31
CA ARG A 93 1.76 -13.80 7.98
C ARG A 93 2.05 -13.79 9.46
N ALA A 94 2.29 -12.62 9.98
CA ALA A 94 2.62 -12.47 11.38
C ALA A 94 1.36 -12.22 12.18
N HIS A 95 1.36 -12.71 13.40
CA HIS A 95 0.23 -12.54 14.29
C HIS A 95 0.72 -11.93 15.58
N GLN A 96 0.54 -10.64 15.71
CA GLN A 96 0.95 -9.93 16.91
C GLN A 96 -0.23 -9.81 17.84
N GLY A 97 -0.01 -9.21 18.99
CA GLY A 97 -1.08 -9.07 19.94
C GLY A 97 -2.09 -8.03 19.50
N LYS A 98 -1.74 -6.78 19.65
CA LYS A 98 -2.64 -5.71 19.28
C LYS A 98 -2.02 -4.89 18.15
N HIS A 99 -0.79 -5.26 17.79
CA HIS A 99 0.08 -4.47 16.92
C HIS A 99 0.33 -3.17 17.66
N GLU A 100 1.30 -3.19 18.51
CA GLU A 100 1.52 -2.10 19.37
C GLU A 100 2.40 -1.06 18.73
N THR A 101 1.79 0.05 18.49
CA THR A 101 2.42 1.19 17.94
C THR A 101 2.15 2.34 18.92
N TYR A 102 2.69 3.49 18.66
CA TYR A 102 2.50 4.61 19.54
C TYR A 102 1.21 5.33 19.23
N GLY A 103 0.24 5.16 20.12
CA GLY A 103 -1.05 5.78 19.94
C GLY A 103 -1.19 7.04 20.76
N HIS A 104 -0.17 7.33 21.52
CA HIS A 104 -0.14 8.53 22.31
C HIS A 104 1.11 9.32 21.96
N LYS A 105 0.93 10.30 21.11
CA LYS A 105 2.02 11.13 20.65
C LYS A 105 1.65 12.58 20.85
N THR A 106 2.53 13.35 21.43
CA THR A 106 2.27 14.75 21.65
C THR A 106 3.56 15.45 22.11
N PRO A 107 3.93 16.59 21.49
CA PRO A 107 5.10 17.37 21.92
C PRO A 107 4.82 18.07 23.24
N TYR A 108 3.56 18.21 23.55
CA TYR A 108 3.11 18.86 24.73
C TYR A 108 2.11 18.00 25.49
N SER A 1 -5.90 13.00 14.95
CA SER A 1 -5.97 13.34 13.55
C SER A 1 -5.57 14.78 13.36
N GLU A 2 -4.92 15.07 12.25
CA GLU A 2 -4.48 16.42 11.97
C GLU A 2 -4.38 16.54 10.46
N ALA A 3 -5.01 17.54 9.90
CA ALA A 3 -4.97 17.75 8.46
C ALA A 3 -5.02 19.24 8.14
N ILE A 4 -4.79 20.04 9.14
CA ILE A 4 -4.89 21.47 8.98
C ILE A 4 -3.55 22.06 8.59
N LEU A 5 -2.49 21.56 9.18
CA LEU A 5 -1.17 22.08 8.88
C LEU A 5 -0.63 21.63 7.50
N PRO A 6 -0.60 20.32 7.17
CA PRO A 6 -0.08 19.86 5.88
C PRO A 6 -1.12 19.95 4.76
N ILE A 7 -2.40 19.77 5.11
CA ILE A 7 -3.50 19.69 4.15
C ILE A 7 -3.30 18.46 3.25
N ALA A 8 -4.04 17.43 3.53
CA ALA A 8 -3.85 16.17 2.86
C ALA A 8 -4.41 16.15 1.43
N SER A 9 -3.57 16.58 0.51
CA SER A 9 -3.87 16.55 -0.90
C SER A 9 -2.86 15.65 -1.60
N SER A 10 -1.59 15.96 -1.44
CA SER A 10 -0.53 15.13 -1.98
C SER A 10 0.13 14.35 -0.86
N CYS A 11 0.15 14.93 0.33
CA CYS A 11 0.71 14.28 1.48
C CYS A 11 -0.34 13.59 2.29
N CYS A 12 0.08 12.60 2.99
CA CYS A 12 -0.75 11.89 3.90
C CYS A 12 -0.25 12.18 5.29
N THR A 13 -1.15 12.42 6.20
CA THR A 13 -0.76 12.81 7.53
C THR A 13 -1.05 11.68 8.54
N GLU A 14 -1.33 10.50 8.03
CA GLU A 14 -1.70 9.38 8.87
C GLU A 14 -1.23 8.06 8.28
N VAL A 15 -1.27 7.03 9.09
CA VAL A 15 -1.02 5.64 8.69
C VAL A 15 -1.79 4.72 9.62
N SER A 16 -2.36 3.70 9.04
CA SER A 16 -3.03 2.68 9.81
C SER A 16 -1.97 1.70 10.31
N HIS A 17 -0.77 1.83 9.71
CA HIS A 17 0.41 0.99 9.99
C HIS A 17 0.20 -0.43 9.47
N HIS A 18 -0.80 -1.08 9.98
CA HIS A 18 -1.17 -2.39 9.55
C HIS A 18 -2.54 -2.33 8.91
N ILE A 19 -2.79 -3.19 7.97
CA ILE A 19 -4.02 -3.19 7.24
C ILE A 19 -4.35 -4.61 6.81
N SER A 20 -5.59 -4.86 6.49
CA SER A 20 -6.01 -6.17 6.06
C SER A 20 -5.87 -6.26 4.53
N ARG A 21 -5.49 -7.43 4.04
CA ARG A 21 -5.24 -7.60 2.62
C ARG A 21 -6.52 -7.53 1.77
N ARG A 22 -7.64 -7.95 2.34
CA ARG A 22 -8.92 -7.90 1.60
C ARG A 22 -9.34 -6.46 1.30
N LEU A 23 -9.02 -5.57 2.20
CA LEU A 23 -9.26 -4.16 1.98
C LEU A 23 -8.36 -3.64 0.90
N LEU A 24 -7.18 -4.16 0.88
CA LEU A 24 -6.19 -3.73 -0.05
C LEU A 24 -6.59 -4.04 -1.47
N GLU A 25 -7.30 -5.13 -1.66
CA GLU A 25 -7.70 -5.57 -3.00
C GLU A 25 -8.75 -4.64 -3.58
N ARG A 26 -9.26 -3.82 -2.71
CA ARG A 26 -10.28 -2.87 -3.03
C ARG A 26 -9.64 -1.50 -3.36
N VAL A 27 -8.38 -1.37 -3.02
CA VAL A 27 -7.62 -0.14 -3.29
C VAL A 27 -7.41 0.08 -4.79
N ASN A 28 -7.71 1.28 -5.25
CA ASN A 28 -7.55 1.62 -6.66
C ASN A 28 -6.36 2.56 -6.90
N MET A 29 -5.91 3.29 -5.89
CA MET A 29 -4.79 4.22 -6.10
C MET A 29 -3.71 3.98 -5.07
N CYS A 30 -2.48 4.11 -5.49
CA CYS A 30 -1.35 3.90 -4.61
C CYS A 30 -0.27 4.93 -4.90
N ARG A 31 0.21 5.57 -3.85
CA ARG A 31 1.33 6.48 -3.94
C ARG A 31 2.25 6.27 -2.76
N ILE A 32 3.53 6.28 -3.01
CA ILE A 32 4.50 6.13 -1.96
C ILE A 32 4.96 7.50 -1.49
N GLN A 33 4.67 7.80 -0.25
CA GLN A 33 5.12 9.00 0.39
C GLN A 33 6.26 8.65 1.31
N ARG A 34 7.39 9.26 1.13
CA ARG A 34 8.52 8.97 1.96
C ARG A 34 9.02 10.25 2.62
N ALA A 35 9.52 10.11 3.83
CA ALA A 35 10.13 11.21 4.51
C ALA A 35 11.48 11.46 3.88
N ASP A 36 11.54 12.42 2.99
CA ASP A 36 12.74 12.69 2.23
C ASP A 36 12.60 14.01 1.50
N GLY A 37 11.56 14.12 0.70
CA GLY A 37 11.33 15.34 -0.03
C GLY A 37 9.88 15.53 -0.40
N ASP A 38 9.02 15.20 0.53
CA ASP A 38 7.58 15.35 0.37
C ASP A 38 7.01 15.82 1.67
N CYS A 39 6.97 14.90 2.59
CA CYS A 39 6.49 15.09 3.92
C CYS A 39 7.19 14.10 4.83
N ASP A 40 7.41 14.49 6.08
CA ASP A 40 8.25 13.72 7.05
C ASP A 40 7.58 12.48 7.61
N LEU A 41 6.73 11.87 6.85
CA LEU A 41 6.05 10.70 7.30
C LEU A 41 5.97 9.74 6.13
N ALA A 42 6.41 8.54 6.34
CA ALA A 42 6.40 7.55 5.29
C ALA A 42 5.09 6.82 5.30
N ALA A 43 4.38 6.92 4.22
CA ALA A 43 3.08 6.37 4.14
C ALA A 43 2.77 5.94 2.75
N VAL A 44 2.09 4.86 2.63
CA VAL A 44 1.58 4.43 1.38
C VAL A 44 0.17 4.96 1.31
N ILE A 45 -0.07 5.85 0.40
CA ILE A 45 -1.37 6.44 0.26
C ILE A 45 -2.19 5.58 -0.67
N LEU A 46 -3.25 5.03 -0.13
CA LEU A 46 -4.09 4.12 -0.85
C LEU A 46 -5.47 4.71 -0.98
N HIS A 47 -5.98 4.76 -2.15
CA HIS A 47 -7.29 5.32 -2.35
C HIS A 47 -8.28 4.27 -2.67
N VAL A 48 -9.31 4.25 -1.91
CA VAL A 48 -10.43 3.41 -2.13
C VAL A 48 -11.57 4.36 -2.48
N LYS A 49 -12.53 3.93 -3.26
CA LYS A 49 -13.64 4.81 -3.65
C LYS A 49 -14.48 5.27 -2.45
N ARG A 50 -14.32 4.58 -1.33
CA ARG A 50 -15.04 4.96 -0.13
C ARG A 50 -14.16 5.80 0.80
N ARG A 51 -12.84 5.55 0.83
CA ARG A 51 -11.90 6.25 1.73
C ARG A 51 -10.48 6.17 1.22
N ARG A 52 -9.70 7.14 1.54
CA ARG A 52 -8.28 7.13 1.27
C ARG A 52 -7.58 6.71 2.57
N ILE A 53 -6.88 5.63 2.52
CA ILE A 53 -6.27 5.07 3.69
C ILE A 53 -4.77 4.99 3.49
N CYS A 54 -4.05 5.25 4.52
CA CYS A 54 -2.63 5.19 4.46
C CYS A 54 -2.11 4.09 5.33
N VAL A 55 -1.06 3.48 4.92
CA VAL A 55 -0.50 2.40 5.64
C VAL A 55 1.01 2.46 5.56
N SER A 56 1.68 1.85 6.49
CA SER A 56 3.08 1.81 6.53
C SER A 56 3.61 0.83 5.46
N PRO A 57 4.62 1.27 4.65
CA PRO A 57 5.23 0.44 3.59
C PRO A 57 6.03 -0.73 4.19
N HIS A 58 6.12 -0.72 5.50
CA HIS A 58 6.84 -1.73 6.24
C HIS A 58 5.94 -2.92 6.53
N ASN A 59 4.65 -2.76 6.28
CA ASN A 59 3.70 -3.81 6.57
C ASN A 59 3.77 -4.91 5.53
N HIS A 60 4.07 -6.10 6.00
CA HIS A 60 4.20 -7.30 5.19
C HIS A 60 2.93 -7.57 4.37
N THR A 61 1.77 -7.21 4.91
CA THR A 61 0.52 -7.44 4.25
C THR A 61 0.45 -6.63 2.94
N VAL A 62 0.90 -5.38 3.03
CA VAL A 62 0.94 -4.47 1.89
C VAL A 62 1.89 -4.99 0.83
N LYS A 63 3.03 -5.43 1.29
CA LYS A 63 4.07 -5.97 0.40
C LYS A 63 3.57 -7.21 -0.34
N GLN A 64 2.72 -7.99 0.32
CA GLN A 64 2.21 -9.21 -0.24
C GLN A 64 1.15 -8.81 -1.25
N TRP A 65 0.29 -7.89 -0.82
CA TRP A 65 -0.78 -7.36 -1.64
C TRP A 65 -0.26 -6.77 -2.94
N MET A 66 0.76 -5.93 -2.87
CA MET A 66 1.29 -5.30 -4.08
C MET A 66 1.83 -6.31 -5.08
N LYS A 67 2.36 -7.41 -4.58
CA LYS A 67 2.86 -8.45 -5.44
C LYS A 67 1.66 -9.07 -6.20
N VAL A 68 0.58 -9.30 -5.46
CA VAL A 68 -0.65 -9.87 -6.02
C VAL A 68 -1.28 -8.88 -7.01
N GLN A 69 -1.30 -7.62 -6.61
CA GLN A 69 -1.84 -6.55 -7.41
C GLN A 69 -1.05 -6.27 -8.63
N ALA A 70 0.22 -6.53 -8.58
CA ALA A 70 1.06 -6.34 -9.72
C ALA A 70 0.72 -7.38 -10.80
N ALA A 71 0.16 -8.50 -10.37
CA ALA A 71 -0.24 -9.58 -11.25
C ALA A 71 -1.62 -9.30 -11.85
N LYS A 72 -2.26 -8.22 -11.41
CA LYS A 72 -3.56 -7.80 -11.92
C LYS A 72 -3.50 -7.46 -13.39
N LYS A 73 -4.25 -8.20 -14.15
CA LYS A 73 -4.29 -8.06 -15.60
C LYS A 73 -5.22 -6.90 -16.02
N ASN A 74 -5.37 -5.94 -15.12
CA ASN A 74 -6.23 -4.78 -15.38
C ASN A 74 -5.39 -3.61 -15.74
N GLY A 75 -4.09 -3.82 -15.79
CA GLY A 75 -3.23 -2.76 -16.18
C GLY A 75 -2.32 -2.26 -15.08
N LYS A 76 -2.52 -2.77 -13.86
CA LYS A 76 -1.77 -2.32 -12.65
C LYS A 76 -2.02 -0.84 -12.40
N GLY A 77 -2.94 -0.52 -11.53
CA GLY A 77 -3.24 0.91 -11.30
C GLY A 77 -3.07 1.33 -9.88
N ASN A 78 -2.98 0.38 -9.04
CA ASN A 78 -2.91 0.57 -7.61
C ASN A 78 -1.66 -0.08 -7.07
N VAL A 79 -0.67 -0.22 -7.88
CA VAL A 79 0.45 -0.99 -7.45
C VAL A 79 1.70 -0.15 -7.37
N CYS A 80 2.33 -0.14 -6.24
CA CYS A 80 3.56 0.59 -6.07
C CYS A 80 4.76 -0.36 -6.10
N HIS A 81 4.84 -1.29 -5.16
CA HIS A 81 5.91 -2.27 -5.17
C HIS A 81 5.61 -3.31 -6.24
N ARG A 82 6.35 -3.23 -7.33
CA ARG A 82 6.15 -4.15 -8.45
C ARG A 82 6.94 -5.40 -8.22
N LYS A 83 8.18 -5.23 -7.84
CA LYS A 83 9.05 -6.32 -7.54
C LYS A 83 9.27 -6.33 -6.06
N LYS A 84 8.60 -7.21 -5.37
CA LYS A 84 8.72 -7.27 -3.94
C LYS A 84 8.59 -8.72 -3.52
N HIS A 85 9.57 -9.23 -2.85
CA HIS A 85 9.51 -10.60 -2.35
C HIS A 85 9.60 -10.58 -0.84
N HIS A 86 9.61 -9.38 -0.29
CA HIS A 86 9.77 -9.19 1.14
C HIS A 86 8.43 -9.42 1.86
N GLY A 87 7.38 -9.63 1.09
CA GLY A 87 6.10 -9.95 1.64
C GLY A 87 6.16 -11.28 2.34
N LYS A 88 5.78 -11.29 3.61
CA LYS A 88 5.83 -12.48 4.49
C LYS A 88 7.27 -12.79 4.94
N ARG A 89 8.22 -11.94 4.58
CA ARG A 89 9.60 -12.10 5.04
C ARG A 89 9.64 -11.59 6.46
N ASN A 90 8.97 -10.49 6.67
CA ASN A 90 8.82 -9.94 7.98
C ASN A 90 7.42 -10.21 8.47
N SER A 91 7.27 -10.33 9.74
CA SER A 91 6.01 -10.55 10.35
C SER A 91 5.78 -9.47 11.39
N ASN A 92 4.98 -8.51 11.04
CA ASN A 92 4.72 -7.37 11.87
C ASN A 92 3.70 -7.71 12.91
N ARG A 93 4.05 -7.53 14.17
CA ARG A 93 3.10 -7.69 15.24
C ARG A 93 2.04 -6.61 15.06
N ALA A 94 2.53 -5.39 14.85
CA ALA A 94 1.75 -4.22 14.53
C ALA A 94 0.87 -3.77 15.67
N HIS A 95 1.34 -2.77 16.36
CA HIS A 95 0.61 -2.16 17.43
C HIS A 95 0.24 -0.72 17.02
N GLN A 96 0.80 -0.31 15.86
CA GLN A 96 0.65 1.04 15.26
C GLN A 96 1.57 2.01 16.02
N GLY A 97 2.59 2.48 15.34
CA GLY A 97 3.62 3.27 15.96
C GLY A 97 3.27 4.72 16.27
N LYS A 98 2.45 4.92 17.28
CA LYS A 98 2.20 6.24 17.83
C LYS A 98 2.23 6.19 19.33
N HIS A 99 3.42 6.14 19.84
CA HIS A 99 3.65 6.04 21.26
C HIS A 99 4.97 6.73 21.64
N GLU A 100 5.68 7.22 20.62
CA GLU A 100 6.99 7.85 20.75
C GLU A 100 6.99 8.93 21.79
N THR A 101 7.53 8.63 22.94
CA THR A 101 7.67 9.61 23.94
C THR A 101 9.12 10.08 23.95
N TYR A 102 9.38 11.05 23.12
CA TYR A 102 10.71 11.57 22.94
C TYR A 102 10.79 12.98 23.51
N GLY A 103 11.99 13.42 23.77
CA GLY A 103 12.18 14.73 24.30
C GLY A 103 13.58 14.93 24.77
N HIS A 104 14.47 15.18 23.83
CA HIS A 104 15.85 15.40 24.15
C HIS A 104 16.06 16.82 24.66
N LYS A 105 16.26 16.92 25.94
CA LYS A 105 16.53 18.19 26.54
C LYS A 105 18.04 18.32 26.72
N THR A 106 18.54 19.51 26.62
CA THR A 106 19.93 19.76 26.84
C THR A 106 20.25 19.65 28.35
N PRO A 107 20.99 18.60 28.76
CA PRO A 107 21.23 18.31 30.18
C PRO A 107 22.41 19.07 30.78
N TYR A 108 23.15 19.75 29.95
CA TYR A 108 24.30 20.49 30.39
C TYR A 108 24.31 21.88 29.83
N SER A 1 0.22 26.28 1.71
CA SER A 1 -0.27 24.94 1.54
C SER A 1 -0.61 24.68 0.07
N GLU A 2 0.14 23.78 -0.58
CA GLU A 2 -0.09 23.49 -1.98
C GLU A 2 -1.29 22.58 -2.16
N ALA A 3 -1.49 21.74 -1.20
CA ALA A 3 -2.56 20.78 -1.24
C ALA A 3 -3.82 21.38 -0.67
N ILE A 4 -4.60 21.97 -1.55
CA ILE A 4 -5.88 22.58 -1.24
C ILE A 4 -6.43 23.19 -2.54
N LEU A 5 -5.54 23.81 -3.31
CA LEU A 5 -5.94 24.50 -4.53
C LEU A 5 -6.16 23.53 -5.74
N PRO A 6 -5.16 22.71 -6.18
CA PRO A 6 -5.35 21.77 -7.30
C PRO A 6 -6.17 20.55 -6.86
N ILE A 7 -5.72 19.93 -5.79
CA ILE A 7 -6.35 18.76 -5.23
C ILE A 7 -6.39 18.93 -3.72
N ALA A 8 -6.90 17.96 -3.01
CA ALA A 8 -6.98 18.05 -1.55
C ALA A 8 -5.63 17.66 -0.93
N SER A 9 -5.61 17.43 0.38
CA SER A 9 -4.42 17.00 1.11
C SER A 9 -3.71 15.88 0.36
N SER A 10 -2.49 16.10 -0.01
CA SER A 10 -1.78 15.18 -0.85
C SER A 10 -0.91 14.24 -0.04
N CYS A 11 -0.79 14.51 1.24
CA CYS A 11 0.07 13.72 2.07
C CYS A 11 -0.64 12.92 3.15
N CYS A 12 -0.02 11.82 3.46
CA CYS A 12 -0.43 10.92 4.51
C CYS A 12 0.57 10.99 5.65
N THR A 13 0.31 11.86 6.60
CA THR A 13 1.20 11.99 7.75
C THR A 13 0.73 11.13 8.90
N GLU A 14 -0.37 10.46 8.67
CA GLU A 14 -0.94 9.54 9.60
C GLU A 14 -1.11 8.25 8.86
N VAL A 15 -0.99 7.16 9.55
CA VAL A 15 -1.15 5.86 8.92
C VAL A 15 -1.87 4.89 9.85
N SER A 16 -2.46 3.88 9.26
CA SER A 16 -3.14 2.84 9.99
C SER A 16 -2.12 1.81 10.47
N HIS A 17 -0.89 1.93 9.96
CA HIS A 17 0.24 1.05 10.29
C HIS A 17 0.02 -0.36 9.76
N HIS A 18 -0.81 -1.09 10.43
CA HIS A 18 -1.13 -2.43 10.06
C HIS A 18 -2.49 -2.43 9.36
N ILE A 19 -2.68 -3.34 8.45
CA ILE A 19 -3.92 -3.37 7.72
C ILE A 19 -4.26 -4.79 7.30
N SER A 20 -5.52 -5.04 7.06
CA SER A 20 -5.95 -6.32 6.60
C SER A 20 -5.93 -6.33 5.06
N ARG A 21 -5.58 -7.47 4.48
CA ARG A 21 -5.40 -7.56 3.04
C ARG A 21 -6.73 -7.45 2.29
N ARG A 22 -7.81 -7.89 2.94
CA ARG A 22 -9.18 -7.81 2.34
C ARG A 22 -9.53 -6.39 1.89
N LEU A 23 -9.13 -5.39 2.68
CA LEU A 23 -9.37 -3.98 2.34
C LEU A 23 -8.49 -3.60 1.18
N LEU A 24 -7.28 -4.08 1.23
CA LEU A 24 -6.27 -3.77 0.26
C LEU A 24 -6.70 -4.16 -1.15
N GLU A 25 -7.32 -5.29 -1.26
CA GLU A 25 -7.82 -5.81 -2.54
C GLU A 25 -8.91 -4.87 -3.15
N ARG A 26 -9.37 -3.95 -2.35
CA ARG A 26 -10.37 -2.97 -2.76
C ARG A 26 -9.73 -1.64 -3.16
N VAL A 27 -8.40 -1.58 -3.07
CA VAL A 27 -7.65 -0.36 -3.41
C VAL A 27 -7.61 -0.16 -4.92
N ASN A 28 -7.84 1.06 -5.35
CA ASN A 28 -7.81 1.39 -6.77
C ASN A 28 -6.57 2.20 -7.10
N MET A 29 -6.11 3.02 -6.15
CA MET A 29 -4.94 3.84 -6.41
C MET A 29 -3.92 3.68 -5.28
N CYS A 30 -2.67 3.67 -5.63
CA CYS A 30 -1.58 3.54 -4.67
C CYS A 30 -0.52 4.60 -4.96
N ARG A 31 0.03 5.19 -3.91
CA ARG A 31 1.13 6.12 -4.07
C ARG A 31 2.13 5.86 -2.94
N ILE A 32 3.40 5.83 -3.28
CA ILE A 32 4.42 5.69 -2.26
C ILE A 32 4.90 7.08 -1.87
N GLN A 33 4.58 7.46 -0.67
CA GLN A 33 4.99 8.73 -0.13
C GLN A 33 6.29 8.55 0.61
N ARG A 34 7.29 9.30 0.24
CA ARG A 34 8.57 9.17 0.86
C ARG A 34 8.84 10.35 1.80
N ALA A 35 9.43 10.05 2.94
CA ALA A 35 9.89 11.10 3.82
C ALA A 35 11.27 11.46 3.35
N ASP A 36 11.35 12.48 2.54
CA ASP A 36 12.57 12.83 1.83
C ASP A 36 12.29 14.01 0.93
N GLY A 37 11.12 13.96 0.32
CA GLY A 37 10.74 14.99 -0.60
C GLY A 37 9.26 15.21 -0.65
N ASP A 38 8.48 14.15 -0.45
CA ASP A 38 7.03 14.30 -0.47
C ASP A 38 6.58 14.95 0.80
N CYS A 39 6.63 14.20 1.86
CA CYS A 39 6.21 14.67 3.17
C CYS A 39 6.94 13.93 4.26
N ASP A 40 6.86 14.48 5.46
CA ASP A 40 7.61 14.07 6.68
C ASP A 40 7.29 12.65 7.20
N LEU A 41 6.84 11.76 6.35
CA LEU A 41 6.45 10.45 6.79
C LEU A 41 6.35 9.54 5.58
N ALA A 42 6.90 8.36 5.66
CA ALA A 42 6.82 7.43 4.56
C ALA A 42 5.53 6.66 4.70
N ALA A 43 4.67 6.77 3.72
CA ALA A 43 3.37 6.16 3.79
C ALA A 43 2.90 5.69 2.45
N VAL A 44 2.07 4.72 2.47
CA VAL A 44 1.44 4.25 1.28
C VAL A 44 0.03 4.79 1.27
N ILE A 45 -0.24 5.65 0.35
CA ILE A 45 -1.54 6.26 0.20
C ILE A 45 -2.38 5.33 -0.69
N LEU A 46 -3.43 4.80 -0.12
CA LEU A 46 -4.27 3.83 -0.79
C LEU A 46 -5.66 4.38 -1.00
N HIS A 47 -6.05 4.49 -2.22
CA HIS A 47 -7.35 5.03 -2.56
C HIS A 47 -8.35 3.94 -2.78
N VAL A 48 -9.40 4.02 -2.04
CA VAL A 48 -10.52 3.12 -2.15
C VAL A 48 -11.70 4.02 -2.44
N LYS A 49 -12.70 3.52 -3.14
CA LYS A 49 -13.84 4.35 -3.54
C LYS A 49 -14.61 4.92 -2.35
N ARG A 50 -14.43 4.34 -1.19
CA ARG A 50 -15.12 4.81 -0.03
C ARG A 50 -14.23 5.70 0.84
N ARG A 51 -12.94 5.42 0.86
CA ARG A 51 -11.98 6.16 1.69
C ARG A 51 -10.58 6.05 1.12
N ARG A 52 -9.77 7.01 1.40
CA ARG A 52 -8.37 6.94 1.08
C ARG A 52 -7.63 6.65 2.38
N ILE A 53 -7.05 5.48 2.47
CA ILE A 53 -6.39 5.03 3.68
C ILE A 53 -4.89 5.20 3.53
N CYS A 54 -4.24 5.51 4.60
CA CYS A 54 -2.81 5.66 4.62
C CYS A 54 -2.21 4.54 5.44
N VAL A 55 -1.33 3.76 4.86
CA VAL A 55 -0.73 2.63 5.57
C VAL A 55 0.79 2.72 5.57
N SER A 56 1.42 2.08 6.53
CA SER A 56 2.85 2.04 6.63
C SER A 56 3.43 1.13 5.54
N PRO A 57 4.44 1.61 4.77
CA PRO A 57 5.05 0.83 3.68
C PRO A 57 5.80 -0.38 4.19
N HIS A 58 6.16 -0.31 5.46
CA HIS A 58 6.94 -1.36 6.11
C HIS A 58 6.06 -2.56 6.44
N ASN A 59 4.76 -2.42 6.25
CA ASN A 59 3.84 -3.47 6.60
C ASN A 59 3.90 -4.61 5.59
N HIS A 60 4.07 -5.81 6.11
CA HIS A 60 4.19 -7.00 5.29
C HIS A 60 2.90 -7.28 4.51
N THR A 61 1.76 -6.92 5.11
CA THR A 61 0.48 -7.13 4.48
C THR A 61 0.42 -6.34 3.17
N VAL A 62 0.92 -5.11 3.22
CA VAL A 62 0.99 -4.26 2.03
C VAL A 62 1.86 -4.91 0.99
N LYS A 63 3.03 -5.36 1.40
CA LYS A 63 3.96 -6.06 0.47
C LYS A 63 3.30 -7.28 -0.17
N GLN A 64 2.53 -8.02 0.62
CA GLN A 64 1.89 -9.23 0.16
C GLN A 64 0.78 -8.89 -0.82
N TRP A 65 0.03 -7.88 -0.47
CA TRP A 65 -1.00 -7.33 -1.29
C TRP A 65 -0.46 -6.87 -2.63
N MET A 66 0.65 -6.15 -2.58
CA MET A 66 1.33 -5.65 -3.79
C MET A 66 1.57 -6.78 -4.77
N LYS A 67 2.02 -7.93 -4.28
CA LYS A 67 2.26 -9.09 -5.11
C LYS A 67 0.95 -9.55 -5.80
N VAL A 68 -0.13 -9.56 -5.05
CA VAL A 68 -1.42 -10.03 -5.55
C VAL A 68 -2.02 -9.01 -6.53
N GLN A 69 -1.90 -7.76 -6.20
CA GLN A 69 -2.35 -6.71 -7.07
C GLN A 69 -1.47 -6.52 -8.27
N ALA A 70 -0.23 -6.92 -8.13
CA ALA A 70 0.73 -6.87 -9.20
C ALA A 70 0.27 -7.72 -10.37
N ALA A 71 -0.64 -8.67 -10.09
CA ALA A 71 -1.22 -9.54 -11.09
C ALA A 71 -1.99 -8.72 -12.14
N LYS A 72 -2.32 -7.47 -11.79
CA LYS A 72 -2.91 -6.58 -12.76
C LYS A 72 -1.89 -6.22 -13.82
N LYS A 73 -2.02 -6.83 -14.96
CA LYS A 73 -1.15 -6.59 -16.08
C LYS A 73 -1.86 -5.61 -17.02
N ASN A 74 -2.98 -5.16 -16.52
CA ASN A 74 -3.89 -4.25 -17.20
C ASN A 74 -3.61 -2.79 -16.84
N GLY A 75 -2.44 -2.54 -16.29
CA GLY A 75 -2.06 -1.19 -15.96
C GLY A 75 -1.47 -1.10 -14.58
N LYS A 76 -1.33 0.10 -14.07
CA LYS A 76 -0.80 0.32 -12.75
C LYS A 76 -1.43 1.52 -12.08
N GLY A 77 -2.32 1.26 -11.16
CA GLY A 77 -2.91 2.31 -10.40
C GLY A 77 -2.80 2.00 -8.95
N ASN A 78 -3.29 0.84 -8.59
CA ASN A 78 -3.26 0.39 -7.21
C ASN A 78 -2.03 -0.40 -6.93
N VAL A 79 -1.11 -0.44 -7.84
CA VAL A 79 0.02 -1.25 -7.60
C VAL A 79 1.25 -0.39 -7.56
N CYS A 80 1.96 -0.46 -6.49
CA CYS A 80 3.21 0.25 -6.39
C CYS A 80 4.36 -0.72 -6.47
N HIS A 81 4.31 -1.77 -5.69
CA HIS A 81 5.37 -2.74 -5.73
C HIS A 81 4.97 -3.90 -6.62
N ARG A 82 5.80 -4.18 -7.59
CA ARG A 82 5.61 -5.32 -8.46
C ARG A 82 6.41 -6.47 -7.89
N LYS A 83 7.36 -6.13 -7.06
CA LYS A 83 8.24 -7.09 -6.44
C LYS A 83 7.79 -7.27 -4.97
N LYS A 84 8.56 -8.04 -4.17
CA LYS A 84 8.24 -8.38 -2.76
C LYS A 84 7.35 -9.59 -2.66
N HIS A 85 7.95 -10.71 -2.40
CA HIS A 85 7.25 -11.93 -2.25
C HIS A 85 7.78 -12.70 -1.07
N HIS A 86 6.93 -12.91 -0.10
CA HIS A 86 7.29 -13.66 1.13
C HIS A 86 7.37 -15.13 0.77
N GLY A 87 6.78 -15.41 -0.33
CA GLY A 87 6.78 -16.67 -0.95
C GLY A 87 6.34 -16.44 -2.35
N LYS A 88 7.06 -16.98 -3.31
CA LYS A 88 6.66 -16.81 -4.69
C LYS A 88 5.42 -17.64 -4.92
N ARG A 89 5.36 -18.75 -4.25
CA ARG A 89 4.19 -19.56 -4.21
C ARG A 89 3.53 -19.39 -2.86
N ASN A 90 2.75 -18.34 -2.76
CA ASN A 90 2.04 -18.01 -1.54
C ASN A 90 0.74 -17.34 -1.91
N SER A 91 -0.34 -18.11 -1.81
CA SER A 91 -1.67 -17.68 -2.19
C SER A 91 -1.75 -17.41 -3.70
N ASN A 92 -2.10 -18.46 -4.43
CA ASN A 92 -2.22 -18.40 -5.89
C ASN A 92 -3.51 -17.72 -6.30
N ARG A 93 -4.39 -17.56 -5.34
CA ARG A 93 -5.66 -16.92 -5.56
C ARG A 93 -5.49 -15.43 -5.66
N ALA A 94 -5.41 -14.94 -6.86
CA ALA A 94 -5.29 -13.53 -7.08
C ALA A 94 -6.61 -13.00 -7.56
N HIS A 95 -7.11 -12.01 -6.88
CA HIS A 95 -8.37 -11.40 -7.26
C HIS A 95 -8.21 -10.63 -8.56
N GLN A 96 -9.23 -10.62 -9.35
CA GLN A 96 -9.22 -9.95 -10.64
C GLN A 96 -9.40 -8.46 -10.47
N GLY A 97 -8.95 -7.73 -11.45
CA GLY A 97 -9.11 -6.32 -11.43
C GLY A 97 -10.30 -5.92 -12.24
N LYS A 98 -11.27 -5.33 -11.60
CA LYS A 98 -12.45 -4.90 -12.28
C LYS A 98 -12.21 -3.54 -12.93
N HIS A 99 -12.40 -3.49 -14.23
CA HIS A 99 -12.12 -2.29 -14.97
C HIS A 99 -13.16 -1.22 -14.81
N GLU A 100 -12.86 -0.32 -13.92
CA GLU A 100 -13.66 0.82 -13.66
C GLU A 100 -12.70 1.98 -13.48
N THR A 101 -12.80 2.97 -14.35
CA THR A 101 -11.85 4.07 -14.34
C THR A 101 -12.02 4.98 -13.14
N TYR A 102 -10.93 5.60 -12.76
CA TYR A 102 -10.89 6.46 -11.61
C TYR A 102 -10.45 7.87 -12.00
N GLY A 103 -11.30 8.83 -11.73
CA GLY A 103 -11.01 10.20 -12.05
C GLY A 103 -10.80 11.01 -10.79
N HIS A 104 -9.56 11.29 -10.48
CA HIS A 104 -9.20 12.02 -9.28
C HIS A 104 -7.85 12.71 -9.42
N LYS A 105 -7.44 12.95 -10.67
CA LYS A 105 -6.13 13.55 -11.00
C LYS A 105 -5.00 12.57 -10.72
N THR A 106 -3.79 13.05 -10.85
CA THR A 106 -2.64 12.22 -10.62
C THR A 106 -2.14 12.39 -9.19
N PRO A 107 -1.52 11.36 -8.61
CA PRO A 107 -0.96 11.44 -7.25
C PRO A 107 0.36 12.22 -7.25
N TYR A 108 0.81 12.56 -8.44
CA TYR A 108 1.98 13.37 -8.64
C TYR A 108 1.60 14.54 -9.53
N SER A 1 -12.41 22.49 1.77
CA SER A 1 -11.90 22.51 3.13
C SER A 1 -10.46 22.02 3.13
N GLU A 2 -9.69 22.44 4.12
CA GLU A 2 -8.31 22.01 4.22
C GLU A 2 -8.21 20.62 4.83
N ALA A 3 -8.26 19.61 3.96
CA ALA A 3 -8.13 18.20 4.35
C ALA A 3 -9.27 17.74 5.25
N ILE A 4 -9.11 16.56 5.84
CA ILE A 4 -10.05 15.97 6.79
C ILE A 4 -11.33 15.45 6.12
N LEU A 5 -12.17 16.35 5.65
CA LEU A 5 -13.46 15.96 5.06
C LEU A 5 -13.31 15.24 3.70
N PRO A 6 -12.73 15.91 2.65
CA PRO A 6 -12.55 15.25 1.33
C PRO A 6 -11.37 14.29 1.34
N ILE A 7 -10.56 14.41 2.41
CA ILE A 7 -9.32 13.67 2.57
C ILE A 7 -8.38 14.05 1.44
N ALA A 8 -7.78 15.19 1.57
CA ALA A 8 -6.93 15.74 0.56
C ALA A 8 -5.79 16.46 1.21
N SER A 9 -4.63 15.90 1.10
CA SER A 9 -3.47 16.42 1.74
C SER A 9 -2.23 16.14 0.91
N SER A 10 -1.36 17.12 0.79
CA SER A 10 -0.13 16.97 0.05
C SER A 10 0.78 15.97 0.81
N CYS A 11 0.54 15.87 2.11
CA CYS A 11 1.20 14.91 2.94
C CYS A 11 0.18 14.14 3.75
N CYS A 12 0.26 12.83 3.69
CA CYS A 12 -0.57 12.01 4.53
C CYS A 12 0.16 11.86 5.85
N THR A 13 -0.34 12.50 6.86
CA THR A 13 0.31 12.56 8.15
C THR A 13 -0.05 11.42 9.09
N GLU A 14 -0.86 10.49 8.64
CA GLU A 14 -1.26 9.41 9.50
C GLU A 14 -1.44 8.10 8.74
N VAL A 15 -1.11 7.01 9.40
CA VAL A 15 -1.21 5.68 8.80
C VAL A 15 -1.80 4.68 9.78
N SER A 16 -2.38 3.62 9.24
CA SER A 16 -2.98 2.56 10.05
C SER A 16 -1.92 1.51 10.43
N HIS A 17 -0.72 1.70 9.90
CA HIS A 17 0.43 0.80 10.08
C HIS A 17 0.17 -0.56 9.44
N HIS A 18 -0.56 -1.41 10.14
CA HIS A 18 -0.88 -2.73 9.68
C HIS A 18 -2.33 -2.75 9.22
N ILE A 19 -2.63 -3.56 8.25
CA ILE A 19 -3.93 -3.53 7.62
C ILE A 19 -4.33 -4.93 7.13
N SER A 20 -5.61 -5.16 6.98
CA SER A 20 -6.10 -6.41 6.47
C SER A 20 -6.04 -6.40 4.95
N ARG A 21 -5.73 -7.53 4.37
CA ARG A 21 -5.54 -7.60 2.94
C ARG A 21 -6.86 -7.40 2.17
N ARG A 22 -7.98 -7.80 2.80
CA ARG A 22 -9.31 -7.63 2.19
C ARG A 22 -9.58 -6.17 1.81
N LEU A 23 -9.26 -5.25 2.72
CA LEU A 23 -9.38 -3.83 2.42
C LEU A 23 -8.46 -3.44 1.30
N LEU A 24 -7.27 -3.97 1.34
CA LEU A 24 -6.27 -3.68 0.36
C LEU A 24 -6.74 -4.04 -1.04
N GLU A 25 -7.44 -5.12 -1.15
CA GLU A 25 -7.91 -5.56 -2.43
C GLU A 25 -9.02 -4.66 -2.98
N ARG A 26 -9.54 -3.78 -2.13
CA ARG A 26 -10.57 -2.83 -2.54
C ARG A 26 -9.91 -1.49 -2.91
N VAL A 27 -8.61 -1.41 -2.70
CA VAL A 27 -7.83 -0.25 -3.11
C VAL A 27 -7.80 -0.13 -4.60
N ASN A 28 -8.13 1.03 -5.11
CA ASN A 28 -8.12 1.25 -6.54
C ASN A 28 -6.95 2.15 -7.00
N MET A 29 -6.45 3.00 -6.12
CA MET A 29 -5.31 3.83 -6.50
C MET A 29 -4.27 3.72 -5.41
N CYS A 30 -3.03 3.58 -5.79
CA CYS A 30 -1.96 3.49 -4.82
C CYS A 30 -0.86 4.44 -5.17
N ARG A 31 -0.42 5.19 -4.21
CA ARG A 31 0.69 6.07 -4.37
C ARG A 31 1.54 5.98 -3.12
N ILE A 32 2.83 5.85 -3.25
CA ILE A 32 3.65 5.86 -2.08
C ILE A 32 4.21 7.22 -1.80
N GLN A 33 3.90 7.73 -0.65
CA GLN A 33 4.43 8.96 -0.20
C GLN A 33 5.69 8.65 0.56
N ARG A 34 6.78 9.16 0.08
CA ARG A 34 8.05 8.86 0.68
C ARG A 34 8.56 10.01 1.53
N ALA A 35 9.22 9.64 2.60
CA ALA A 35 9.86 10.60 3.45
C ALA A 35 11.18 10.97 2.83
N ASP A 36 11.16 12.05 2.11
CA ASP A 36 12.31 12.52 1.32
C ASP A 36 11.89 13.75 0.56
N GLY A 37 10.83 13.61 -0.22
CA GLY A 37 10.38 14.71 -1.03
C GLY A 37 8.90 14.99 -0.85
N ASP A 38 8.07 13.94 -0.97
CA ASP A 38 6.60 14.08 -0.85
C ASP A 38 6.24 14.68 0.47
N CYS A 39 6.87 14.17 1.48
CA CYS A 39 6.67 14.61 2.82
C CYS A 39 7.84 14.05 3.64
N ASP A 40 7.79 14.25 4.93
CA ASP A 40 8.79 13.76 5.86
C ASP A 40 8.23 12.56 6.60
N LEU A 41 7.36 11.84 5.92
CA LEU A 41 6.66 10.72 6.50
C LEU A 41 6.32 9.77 5.36
N ALA A 42 6.70 8.51 5.51
CA ALA A 42 6.43 7.53 4.49
C ALA A 42 5.06 6.92 4.71
N ALA A 43 4.21 7.07 3.74
CA ALA A 43 2.87 6.60 3.86
C ALA A 43 2.40 6.08 2.54
N VAL A 44 1.78 4.95 2.55
CA VAL A 44 1.21 4.43 1.35
C VAL A 44 -0.18 4.97 1.25
N ILE A 45 -0.41 5.76 0.25
CA ILE A 45 -1.69 6.37 0.02
C ILE A 45 -2.53 5.37 -0.77
N LEU A 46 -3.58 4.90 -0.17
CA LEU A 46 -4.45 3.92 -0.76
C LEU A 46 -5.80 4.52 -0.99
N HIS A 47 -6.18 4.62 -2.20
CA HIS A 47 -7.45 5.17 -2.53
C HIS A 47 -8.48 4.12 -2.68
N VAL A 48 -9.53 4.32 -2.00
CA VAL A 48 -10.69 3.54 -2.08
C VAL A 48 -11.77 4.55 -2.40
N LYS A 49 -12.81 4.15 -3.06
CA LYS A 49 -13.87 5.10 -3.38
C LYS A 49 -14.62 5.51 -2.10
N ARG A 50 -14.44 4.73 -1.06
CA ARG A 50 -15.15 4.91 0.19
C ARG A 50 -14.35 5.82 1.14
N ARG A 51 -13.01 5.73 1.06
CA ARG A 51 -12.05 6.55 1.88
C ARG A 51 -10.65 6.42 1.27
N ARG A 52 -9.73 7.27 1.68
CA ARG A 52 -8.35 7.15 1.27
C ARG A 52 -7.55 6.78 2.52
N ILE A 53 -7.08 5.56 2.56
CA ILE A 53 -6.38 5.06 3.72
C ILE A 53 -4.88 5.13 3.50
N CYS A 54 -4.15 5.36 4.54
CA CYS A 54 -2.71 5.36 4.47
C CYS A 54 -2.17 4.30 5.38
N VAL A 55 -1.25 3.54 4.89
CA VAL A 55 -0.63 2.49 5.68
C VAL A 55 0.87 2.59 5.62
N SER A 56 1.53 1.82 6.43
CA SER A 56 2.94 1.79 6.46
C SER A 56 3.48 0.88 5.36
N PRO A 57 4.44 1.37 4.54
CA PRO A 57 5.03 0.59 3.44
C PRO A 57 5.88 -0.57 3.95
N HIS A 58 6.04 -0.64 5.25
CA HIS A 58 6.85 -1.65 5.89
C HIS A 58 6.00 -2.85 6.28
N ASN A 59 4.70 -2.76 6.10
CA ASN A 59 3.80 -3.86 6.47
C ASN A 59 3.88 -4.99 5.46
N HIS A 60 4.16 -6.18 5.97
CA HIS A 60 4.29 -7.40 5.17
C HIS A 60 3.01 -7.68 4.39
N THR A 61 1.86 -7.46 5.03
CA THR A 61 0.57 -7.73 4.42
C THR A 61 0.38 -6.86 3.17
N VAL A 62 0.81 -5.60 3.27
CA VAL A 62 0.75 -4.69 2.14
C VAL A 62 1.64 -5.20 1.04
N LYS A 63 2.81 -5.61 1.40
CA LYS A 63 3.77 -6.13 0.43
C LYS A 63 3.29 -7.45 -0.21
N GLN A 64 2.54 -8.25 0.53
CA GLN A 64 2.06 -9.51 0.02
C GLN A 64 0.93 -9.19 -0.94
N TRP A 65 0.19 -8.16 -0.59
CA TRP A 65 -0.86 -7.64 -1.41
C TRP A 65 -0.30 -7.06 -2.71
N MET A 66 0.74 -6.24 -2.58
CA MET A 66 1.44 -5.63 -3.73
C MET A 66 1.87 -6.71 -4.72
N LYS A 67 2.42 -7.77 -4.17
CA LYS A 67 2.87 -8.94 -4.89
C LYS A 67 1.75 -9.50 -5.78
N VAL A 68 0.62 -9.67 -5.18
CA VAL A 68 -0.53 -10.27 -5.82
C VAL A 68 -1.24 -9.28 -6.76
N GLN A 69 -1.37 -8.05 -6.35
CA GLN A 69 -2.04 -7.03 -7.14
C GLN A 69 -1.25 -6.63 -8.34
N ALA A 70 0.06 -6.78 -8.25
CA ALA A 70 0.95 -6.41 -9.34
C ALA A 70 0.65 -7.22 -10.62
N ALA A 71 0.01 -8.38 -10.42
CA ALA A 71 -0.38 -9.28 -11.49
C ALA A 71 -1.45 -8.67 -12.41
N LYS A 72 -1.97 -7.52 -12.01
CA LYS A 72 -2.94 -6.80 -12.81
C LYS A 72 -2.30 -6.28 -14.07
N LYS A 73 -2.42 -7.04 -15.11
CA LYS A 73 -1.77 -6.76 -16.33
C LYS A 73 -2.52 -5.70 -17.12
N ASN A 74 -2.27 -4.45 -16.73
CA ASN A 74 -2.84 -3.26 -17.40
C ASN A 74 -2.26 -1.99 -16.80
N GLY A 75 -1.24 -2.16 -15.98
CA GLY A 75 -0.63 -1.03 -15.36
C GLY A 75 -0.88 -1.01 -13.88
N LYS A 76 0.01 -0.38 -13.16
CA LYS A 76 -0.12 -0.28 -11.73
C LYS A 76 -1.13 0.78 -11.39
N GLY A 77 -2.28 0.38 -10.90
CA GLY A 77 -3.22 1.37 -10.48
C GLY A 77 -3.25 1.41 -9.01
N ASN A 78 -3.53 0.28 -8.47
CA ASN A 78 -3.57 0.08 -7.05
C ASN A 78 -2.31 -0.60 -6.57
N VAL A 79 -1.29 -0.59 -7.37
CA VAL A 79 -0.11 -1.29 -6.97
C VAL A 79 1.05 -0.33 -6.87
N CYS A 80 1.89 -0.51 -5.88
CA CYS A 80 3.06 0.33 -5.73
C CYS A 80 4.33 -0.50 -5.65
N HIS A 81 4.43 -1.41 -4.68
CA HIS A 81 5.62 -2.26 -4.60
C HIS A 81 5.54 -3.34 -5.64
N ARG A 82 6.25 -3.15 -6.70
CA ARG A 82 6.26 -4.12 -7.75
C ARG A 82 7.38 -5.13 -7.40
N LYS A 83 8.37 -4.65 -6.66
CA LYS A 83 9.44 -5.50 -6.19
C LYS A 83 8.95 -6.32 -5.00
N LYS A 84 8.38 -7.47 -5.33
CA LYS A 84 7.80 -8.52 -4.42
C LYS A 84 7.07 -9.52 -5.25
N HIS A 85 6.70 -9.12 -6.47
CA HIS A 85 6.01 -9.99 -7.40
C HIS A 85 6.97 -11.06 -7.96
N HIS A 86 7.30 -12.00 -7.11
CA HIS A 86 8.18 -13.09 -7.46
C HIS A 86 7.33 -14.32 -7.76
N GLY A 87 6.33 -14.52 -6.95
CA GLY A 87 5.43 -15.61 -7.11
C GLY A 87 4.11 -15.27 -6.47
N LYS A 88 3.08 -16.05 -6.79
CA LYS A 88 1.70 -15.84 -6.29
C LYS A 88 1.07 -14.62 -6.93
N ARG A 89 0.13 -14.86 -7.80
CA ARG A 89 -0.46 -13.82 -8.60
C ARG A 89 -1.84 -14.23 -9.08
N ASN A 90 -2.70 -13.26 -9.29
CA ASN A 90 -3.99 -13.51 -9.91
C ASN A 90 -4.38 -12.40 -10.84
N SER A 91 -4.45 -12.72 -12.09
CA SER A 91 -4.96 -11.86 -13.10
C SER A 91 -6.20 -12.51 -13.68
N ASN A 92 -7.34 -12.16 -13.13
CA ASN A 92 -8.60 -12.81 -13.47
C ASN A 92 -9.78 -11.96 -13.02
N ARG A 93 -9.64 -11.39 -11.84
CA ARG A 93 -10.68 -10.55 -11.27
C ARG A 93 -10.66 -9.21 -11.98
N ALA A 94 -11.82 -8.66 -12.27
CA ALA A 94 -11.86 -7.31 -12.79
C ALA A 94 -11.57 -6.41 -11.61
N HIS A 95 -10.43 -5.78 -11.61
CA HIS A 95 -10.01 -5.06 -10.45
C HIS A 95 -10.47 -3.64 -10.50
N GLN A 96 -10.66 -3.10 -9.35
CA GLN A 96 -10.96 -1.73 -9.21
C GLN A 96 -9.63 -1.05 -9.11
N GLY A 97 -9.28 -0.25 -10.09
CA GLY A 97 -8.00 0.36 -10.03
C GLY A 97 -7.66 1.19 -11.22
N LYS A 98 -6.57 1.93 -11.05
CA LYS A 98 -5.93 2.74 -12.08
C LYS A 98 -6.61 4.10 -12.30
N HIS A 99 -7.91 4.15 -12.19
CA HIS A 99 -8.61 5.42 -12.35
C HIS A 99 -9.34 5.84 -11.08
N GLU A 100 -8.78 6.80 -10.38
CA GLU A 100 -9.39 7.37 -9.20
C GLU A 100 -8.93 8.80 -9.18
N THR A 101 -9.80 9.71 -9.49
CA THR A 101 -9.44 11.08 -9.60
C THR A 101 -9.67 11.85 -8.32
N TYR A 102 -8.61 12.39 -7.80
CA TYR A 102 -8.67 13.23 -6.64
C TYR A 102 -8.76 14.69 -7.08
N GLY A 103 -8.94 15.59 -6.15
CA GLY A 103 -9.14 17.00 -6.49
C GLY A 103 -7.85 17.74 -6.81
N HIS A 104 -6.93 17.05 -7.48
CA HIS A 104 -5.61 17.55 -7.89
C HIS A 104 -4.69 17.92 -6.72
N LYS A 105 -3.42 17.80 -6.97
CA LYS A 105 -2.42 18.17 -6.00
C LYS A 105 -2.03 19.61 -6.27
N THR A 106 -2.70 20.52 -5.61
CA THR A 106 -2.45 21.90 -5.79
C THR A 106 -1.47 22.42 -4.74
N PRO A 107 -0.74 23.52 -5.04
CA PRO A 107 0.16 24.16 -4.07
C PRO A 107 -0.62 25.12 -3.16
N TYR A 108 -1.91 24.97 -3.15
CA TYR A 108 -2.82 25.73 -2.36
C TYR A 108 -3.98 24.86 -1.96
N SER A 1 -18.97 20.48 5.41
CA SER A 1 -17.71 20.19 6.07
C SER A 1 -16.60 20.23 5.04
N GLU A 2 -15.75 21.22 5.12
CA GLU A 2 -14.64 21.37 4.21
C GLU A 2 -13.65 22.36 4.77
N ALA A 3 -12.48 22.41 4.15
CA ALA A 3 -11.40 23.35 4.46
C ALA A 3 -10.71 23.12 5.81
N ILE A 4 -11.50 22.93 6.88
CA ILE A 4 -10.95 22.64 8.20
C ILE A 4 -10.11 21.40 8.08
N LEU A 5 -10.72 20.37 7.57
CA LEU A 5 -10.02 19.21 7.14
C LEU A 5 -9.99 19.31 5.63
N PRO A 6 -8.80 19.54 5.04
CA PRO A 6 -8.67 19.71 3.60
C PRO A 6 -9.21 18.49 2.85
N ILE A 7 -10.28 18.70 2.10
CA ILE A 7 -10.91 17.61 1.38
C ILE A 7 -9.94 17.04 0.34
N ALA A 8 -9.77 15.72 0.38
CA ALA A 8 -8.82 15.02 -0.47
C ALA A 8 -7.40 15.56 -0.25
N SER A 9 -6.80 15.16 0.84
CA SER A 9 -5.48 15.59 1.17
C SER A 9 -4.42 14.75 0.47
N SER A 10 -3.21 15.25 0.43
CA SER A 10 -2.18 14.61 -0.33
C SER A 10 -1.22 13.80 0.54
N CYS A 11 -1.22 14.02 1.84
CA CYS A 11 -0.27 13.33 2.70
C CYS A 11 -0.88 12.38 3.70
N CYS A 12 -0.05 11.46 4.12
CA CYS A 12 -0.35 10.49 5.14
C CYS A 12 0.70 10.61 6.22
N THR A 13 0.42 11.43 7.17
CA THR A 13 1.30 11.66 8.29
C THR A 13 0.97 10.65 9.39
N GLU A 14 -0.17 10.03 9.24
CA GLU A 14 -0.63 9.04 10.15
C GLU A 14 -0.94 7.81 9.34
N VAL A 15 -0.74 6.65 9.90
CA VAL A 15 -1.00 5.42 9.20
C VAL A 15 -1.70 4.43 10.10
N SER A 16 -2.29 3.43 9.49
CA SER A 16 -2.99 2.38 10.21
C SER A 16 -1.99 1.31 10.67
N HIS A 17 -0.74 1.46 10.23
CA HIS A 17 0.37 0.55 10.53
C HIS A 17 0.17 -0.81 9.86
N HIS A 18 -0.62 -1.65 10.48
CA HIS A 18 -0.93 -2.95 9.96
C HIS A 18 -2.30 -2.92 9.32
N ILE A 19 -2.50 -3.66 8.26
CA ILE A 19 -3.75 -3.62 7.56
C ILE A 19 -4.05 -5.00 6.98
N SER A 20 -5.30 -5.23 6.67
CA SER A 20 -5.73 -6.46 6.08
C SER A 20 -6.00 -6.28 4.58
N ARG A 21 -5.78 -7.34 3.80
CA ARG A 21 -6.02 -7.31 2.35
C ARG A 21 -7.43 -6.93 1.96
N ARG A 22 -8.41 -7.22 2.82
CA ARG A 22 -9.83 -6.86 2.55
C ARG A 22 -9.97 -5.39 2.13
N LEU A 23 -9.24 -4.51 2.80
CA LEU A 23 -9.27 -3.10 2.47
C LEU A 23 -8.42 -2.86 1.21
N LEU A 24 -7.32 -3.55 1.16
CA LEU A 24 -6.32 -3.37 0.13
C LEU A 24 -6.85 -3.69 -1.25
N GLU A 25 -7.58 -4.76 -1.35
CA GLU A 25 -8.15 -5.21 -2.62
C GLU A 25 -9.18 -4.19 -3.15
N ARG A 26 -9.59 -3.28 -2.28
CA ARG A 26 -10.55 -2.23 -2.60
C ARG A 26 -9.81 -0.95 -3.02
N VAL A 27 -8.49 -0.99 -3.00
CA VAL A 27 -7.68 0.17 -3.33
C VAL A 27 -7.53 0.36 -4.84
N ASN A 28 -7.75 1.58 -5.30
CA ASN A 28 -7.55 1.90 -6.70
C ASN A 28 -6.32 2.78 -6.89
N MET A 29 -5.96 3.59 -5.88
CA MET A 29 -4.80 4.46 -6.01
C MET A 29 -3.77 4.13 -4.97
N CYS A 30 -2.55 4.00 -5.39
CA CYS A 30 -1.46 3.72 -4.51
C CYS A 30 -0.41 4.79 -4.69
N ARG A 31 0.02 5.38 -3.61
CA ARG A 31 1.03 6.39 -3.63
C ARG A 31 2.02 6.18 -2.50
N ILE A 32 3.29 6.11 -2.84
CA ILE A 32 4.33 5.97 -1.85
C ILE A 32 4.84 7.35 -1.50
N GLN A 33 4.54 7.76 -0.31
CA GLN A 33 4.97 9.02 0.21
C GLN A 33 6.31 8.81 0.85
N ARG A 34 7.23 9.69 0.61
CA ARG A 34 8.53 9.55 1.20
C ARG A 34 8.88 10.79 1.98
N ALA A 35 9.65 10.63 3.03
CA ALA A 35 10.08 11.75 3.82
C ALA A 35 11.16 12.50 3.07
N ASP A 36 10.77 13.55 2.39
CA ASP A 36 11.68 14.39 1.62
C ASP A 36 10.93 15.55 1.00
N GLY A 37 10.13 15.26 0.00
CA GLY A 37 9.44 16.32 -0.69
C GLY A 37 7.94 16.25 -0.52
N ASP A 38 7.42 15.03 -0.39
CA ASP A 38 5.99 14.82 -0.21
C ASP A 38 5.59 15.40 1.13
N CYS A 39 6.05 14.75 2.17
CA CYS A 39 5.82 15.14 3.54
C CYS A 39 6.88 14.50 4.42
N ASP A 40 6.86 14.78 5.70
CA ASP A 40 7.89 14.34 6.67
C ASP A 40 7.78 12.87 7.09
N LEU A 41 7.22 12.02 6.25
CA LEU A 41 7.04 10.64 6.63
C LEU A 41 6.92 9.76 5.39
N ALA A 42 7.43 8.57 5.47
CA ALA A 42 7.26 7.62 4.41
C ALA A 42 6.04 6.79 4.73
N ALA A 43 5.05 6.83 3.86
CA ALA A 43 3.81 6.12 4.11
C ALA A 43 3.17 5.69 2.81
N VAL A 44 2.32 4.70 2.88
CA VAL A 44 1.61 4.25 1.72
C VAL A 44 0.21 4.83 1.75
N ILE A 45 -0.03 5.72 0.84
CA ILE A 45 -1.31 6.36 0.68
C ILE A 45 -2.17 5.50 -0.26
N LEU A 46 -3.26 4.99 0.24
CA LEU A 46 -4.14 4.11 -0.52
C LEU A 46 -5.50 4.72 -0.68
N HIS A 47 -5.99 4.78 -1.87
CA HIS A 47 -7.28 5.39 -2.13
C HIS A 47 -8.32 4.40 -2.53
N VAL A 48 -9.40 4.48 -1.86
CA VAL A 48 -10.58 3.74 -2.13
C VAL A 48 -11.59 4.77 -2.60
N LYS A 49 -12.55 4.38 -3.41
CA LYS A 49 -13.51 5.33 -4.03
C LYS A 49 -14.14 6.33 -3.05
N ARG A 50 -14.37 5.94 -1.82
CA ARG A 50 -14.99 6.85 -0.87
C ARG A 50 -14.01 7.40 0.14
N ARG A 51 -13.01 6.62 0.48
CA ARG A 51 -12.05 7.05 1.50
C ARG A 51 -10.63 6.62 1.18
N ARG A 52 -9.71 7.38 1.69
CA ARG A 52 -8.29 7.13 1.54
C ARG A 52 -7.76 6.60 2.88
N ILE A 53 -6.99 5.54 2.83
CA ILE A 53 -6.40 4.93 4.00
C ILE A 53 -4.88 5.00 3.89
N CYS A 54 -4.21 5.14 4.99
CA CYS A 54 -2.78 5.27 5.00
C CYS A 54 -2.16 4.09 5.75
N VAL A 55 -1.17 3.45 5.16
CA VAL A 55 -0.57 2.27 5.76
C VAL A 55 0.96 2.42 5.80
N SER A 56 1.61 1.68 6.68
CA SER A 56 3.03 1.66 6.78
C SER A 56 3.63 0.90 5.58
N PRO A 57 4.70 1.44 4.95
CA PRO A 57 5.31 0.84 3.76
C PRO A 57 6.01 -0.47 4.04
N HIS A 58 6.21 -0.76 5.30
CA HIS A 58 6.92 -1.96 5.70
C HIS A 58 5.96 -3.08 6.09
N ASN A 59 4.68 -2.84 5.88
CA ASN A 59 3.66 -3.80 6.20
C ASN A 59 3.70 -5.00 5.24
N HIS A 60 3.79 -6.21 5.80
CA HIS A 60 3.93 -7.42 5.00
C HIS A 60 2.67 -7.72 4.17
N THR A 61 1.53 -7.36 4.72
CA THR A 61 0.26 -7.59 4.06
C THR A 61 0.18 -6.71 2.81
N VAL A 62 0.66 -5.48 2.93
CA VAL A 62 0.78 -4.58 1.80
C VAL A 62 1.73 -5.14 0.76
N LYS A 63 2.87 -5.66 1.22
CA LYS A 63 3.86 -6.28 0.30
C LYS A 63 3.20 -7.38 -0.52
N GLN A 64 2.39 -8.19 0.16
CA GLN A 64 1.66 -9.27 -0.48
C GLN A 64 0.66 -8.75 -1.46
N TRP A 65 -0.14 -7.82 -1.01
CA TRP A 65 -1.14 -7.21 -1.83
C TRP A 65 -0.52 -6.61 -3.09
N MET A 66 0.57 -5.88 -2.92
CA MET A 66 1.30 -5.28 -4.05
C MET A 66 1.64 -6.32 -5.11
N LYS A 67 2.25 -7.40 -4.70
CA LYS A 67 2.70 -8.43 -5.60
C LYS A 67 1.50 -9.12 -6.26
N VAL A 68 0.48 -9.41 -5.47
CA VAL A 68 -0.72 -10.07 -5.97
C VAL A 68 -1.50 -9.16 -6.94
N GLN A 69 -1.56 -7.86 -6.61
CA GLN A 69 -2.24 -6.88 -7.45
C GLN A 69 -1.46 -6.58 -8.71
N ALA A 70 -0.19 -6.79 -8.65
CA ALA A 70 0.66 -6.50 -9.78
C ALA A 70 0.47 -7.53 -10.90
N ALA A 71 -0.01 -8.71 -10.53
CA ALA A 71 -0.21 -9.83 -11.47
C ALA A 71 -1.47 -9.66 -12.34
N LYS A 72 -2.24 -8.62 -12.07
CA LYS A 72 -3.45 -8.33 -12.84
C LYS A 72 -3.17 -8.09 -14.31
N LYS A 73 -3.94 -8.74 -15.16
CA LYS A 73 -3.80 -8.60 -16.59
C LYS A 73 -4.38 -7.25 -17.03
N ASN A 74 -3.54 -6.27 -16.92
CA ASN A 74 -3.76 -4.88 -17.30
C ASN A 74 -2.57 -4.08 -16.82
N GLY A 75 -1.87 -4.64 -15.85
CA GLY A 75 -0.70 -4.04 -15.33
C GLY A 75 -0.90 -3.63 -13.92
N LYS A 76 -0.30 -2.54 -13.58
CA LYS A 76 -0.36 -1.98 -12.26
C LYS A 76 -1.34 -0.83 -12.26
N GLY A 77 -2.52 -1.06 -11.75
CA GLY A 77 -3.50 0.00 -11.72
C GLY A 77 -3.63 0.60 -10.35
N ASN A 78 -2.96 -0.03 -9.42
CA ASN A 78 -2.99 0.33 -8.02
C ASN A 78 -1.80 -0.20 -7.30
N VAL A 79 -0.72 -0.40 -8.00
CA VAL A 79 0.38 -1.07 -7.37
C VAL A 79 1.61 -0.19 -7.33
N CYS A 80 2.29 -0.19 -6.21
CA CYS A 80 3.50 0.58 -6.05
C CYS A 80 4.73 -0.32 -6.03
N HIS A 81 4.75 -1.31 -5.13
CA HIS A 81 5.92 -2.18 -5.04
C HIS A 81 5.89 -3.20 -6.14
N ARG A 82 7.04 -3.48 -6.67
CA ARG A 82 7.17 -4.47 -7.71
C ARG A 82 7.96 -5.64 -7.25
N LYS A 83 7.35 -6.81 -7.40
CA LYS A 83 7.93 -8.13 -7.05
C LYS A 83 8.02 -8.35 -5.52
N LYS A 84 8.31 -7.30 -4.79
CA LYS A 84 8.48 -7.32 -3.34
C LYS A 84 7.26 -7.91 -2.62
N HIS A 85 7.44 -9.08 -2.03
CA HIS A 85 6.41 -9.71 -1.22
C HIS A 85 7.04 -10.45 -0.06
N HIS A 86 6.23 -10.83 0.89
CA HIS A 86 6.70 -11.50 2.09
C HIS A 86 7.00 -12.97 1.79
N GLY A 87 6.30 -13.50 0.82
CA GLY A 87 6.41 -14.89 0.51
C GLY A 87 5.40 -15.63 1.30
N LYS A 88 4.25 -15.02 1.44
CA LYS A 88 3.19 -15.55 2.24
C LYS A 88 2.01 -15.93 1.36
N ARG A 89 1.99 -17.20 0.96
CA ARG A 89 0.93 -17.82 0.17
C ARG A 89 0.84 -17.35 -1.28
N ASN A 90 0.63 -16.04 -1.48
CA ASN A 90 0.37 -15.45 -2.80
C ASN A 90 -0.92 -16.00 -3.33
N SER A 91 -2.00 -15.34 -3.02
CA SER A 91 -3.29 -15.81 -3.41
C SER A 91 -4.16 -14.72 -3.99
N ASN A 92 -4.66 -14.96 -5.19
CA ASN A 92 -5.62 -14.06 -5.79
C ASN A 92 -6.99 -14.54 -5.39
N ARG A 93 -7.35 -14.20 -4.17
CA ARG A 93 -8.58 -14.60 -3.55
C ARG A 93 -8.67 -13.89 -2.23
N ALA A 94 -9.38 -12.81 -2.22
CA ALA A 94 -9.51 -11.99 -1.05
C ALA A 94 -10.83 -11.26 -1.12
N HIS A 95 -11.05 -10.33 -0.24
CA HIS A 95 -12.29 -9.62 -0.26
C HIS A 95 -12.25 -8.42 -1.21
N GLN A 96 -12.63 -8.67 -2.43
CA GLN A 96 -12.78 -7.64 -3.41
C GLN A 96 -14.19 -7.76 -3.97
N GLY A 97 -14.86 -6.66 -4.11
CA GLY A 97 -16.24 -6.70 -4.50
C GLY A 97 -17.09 -6.69 -3.26
N LYS A 98 -16.94 -5.62 -2.50
CA LYS A 98 -17.59 -5.47 -1.22
C LYS A 98 -19.12 -5.32 -1.32
N HIS A 99 -19.80 -5.90 -0.37
CA HIS A 99 -21.24 -5.85 -0.32
C HIS A 99 -21.64 -5.17 0.98
N GLU A 100 -22.17 -3.98 0.88
CA GLU A 100 -22.48 -3.18 2.04
C GLU A 100 -23.97 -3.05 2.21
N THR A 101 -24.36 -2.10 3.06
CA THR A 101 -25.73 -1.79 3.33
C THR A 101 -26.42 -1.40 2.01
N TYR A 102 -27.42 -2.17 1.63
CA TYR A 102 -28.14 -1.91 0.41
C TYR A 102 -29.53 -1.37 0.70
N GLY A 103 -29.66 -0.07 0.59
CA GLY A 103 -30.91 0.57 0.84
C GLY A 103 -31.70 0.75 -0.43
N HIS A 104 -32.92 0.29 -0.41
CA HIS A 104 -33.81 0.42 -1.55
C HIS A 104 -35.01 1.24 -1.18
N LYS A 105 -35.24 2.30 -1.92
CA LYS A 105 -36.41 3.10 -1.68
C LYS A 105 -37.60 2.49 -2.40
N THR A 106 -38.75 2.66 -1.85
CA THR A 106 -39.93 2.09 -2.43
C THR A 106 -40.78 3.15 -3.13
N PRO A 107 -41.52 2.78 -4.17
CA PRO A 107 -42.43 3.66 -4.84
C PRO A 107 -43.84 3.53 -4.23
N TYR A 108 -44.82 4.11 -4.90
CA TYR A 108 -46.24 4.09 -4.49
C TYR A 108 -46.49 4.35 -2.99
N SER A 1 -11.15 16.95 11.19
CA SER A 1 -10.82 18.24 10.62
C SER A 1 -9.91 18.04 9.39
N GLU A 2 -8.60 17.99 9.61
CA GLU A 2 -7.59 17.69 8.59
C GLU A 2 -7.62 18.67 7.39
N ALA A 3 -6.79 18.36 6.39
CA ALA A 3 -6.71 19.06 5.09
C ALA A 3 -6.43 20.57 5.16
N ILE A 4 -7.44 21.35 5.47
CA ILE A 4 -7.38 22.81 5.42
C ILE A 4 -6.42 23.41 6.49
N LEU A 5 -6.38 22.83 7.66
CA LEU A 5 -5.49 23.34 8.71
C LEU A 5 -3.99 23.08 8.41
N PRO A 6 -3.54 21.82 8.23
CA PRO A 6 -2.13 21.54 7.92
C PRO A 6 -1.76 21.91 6.48
N ILE A 7 -2.69 21.68 5.56
CA ILE A 7 -2.50 21.89 4.12
C ILE A 7 -1.49 20.91 3.56
N ALA A 8 -2.03 19.82 3.07
CA ALA A 8 -1.28 18.73 2.48
C ALA A 8 -2.26 17.89 1.71
N SER A 9 -3.32 17.47 2.45
CA SER A 9 -4.50 16.79 1.91
C SER A 9 -4.24 15.39 1.29
N SER A 10 -3.39 15.33 0.29
CA SER A 10 -3.10 14.09 -0.40
C SER A 10 -1.96 13.35 0.30
N CYS A 11 -1.49 13.90 1.37
CA CYS A 11 -0.40 13.31 2.10
C CYS A 11 -0.86 12.44 3.24
N CYS A 12 -0.08 11.46 3.52
CA CYS A 12 -0.31 10.52 4.57
C CYS A 12 0.57 10.83 5.75
N THR A 13 0.04 11.58 6.69
CA THR A 13 0.75 11.88 7.91
C THR A 13 0.28 10.93 9.01
N GLU A 14 -0.66 10.11 8.64
CA GLU A 14 -1.22 9.10 9.50
C GLU A 14 -1.15 7.80 8.77
N VAL A 15 -1.03 6.72 9.47
CA VAL A 15 -1.04 5.39 8.88
C VAL A 15 -1.73 4.41 9.82
N SER A 16 -2.31 3.38 9.24
CA SER A 16 -2.95 2.34 10.00
C SER A 16 -1.93 1.31 10.46
N HIS A 17 -0.70 1.48 9.95
CA HIS A 17 0.42 0.58 10.17
C HIS A 17 0.13 -0.77 9.49
N HIS A 18 -0.61 -1.63 10.17
CA HIS A 18 -1.04 -2.89 9.60
C HIS A 18 -2.49 -2.83 9.16
N ILE A 19 -2.81 -3.62 8.17
CA ILE A 19 -4.10 -3.60 7.54
C ILE A 19 -4.40 -4.99 7.02
N SER A 20 -5.64 -5.28 6.77
CA SER A 20 -6.05 -6.56 6.27
C SER A 20 -6.29 -6.48 4.75
N ARG A 21 -6.05 -7.59 4.05
CA ARG A 21 -6.23 -7.65 2.59
C ARG A 21 -7.63 -7.36 2.13
N ARG A 22 -8.60 -7.66 2.96
CA ARG A 22 -10.01 -7.43 2.64
C ARG A 22 -10.23 -5.99 2.15
N LEU A 23 -9.64 -5.05 2.86
CA LEU A 23 -9.74 -3.64 2.50
C LEU A 23 -8.82 -3.37 1.32
N LEU A 24 -7.65 -3.98 1.36
CA LEU A 24 -6.61 -3.75 0.36
C LEU A 24 -7.08 -4.05 -1.04
N GLU A 25 -7.79 -5.11 -1.19
CA GLU A 25 -8.32 -5.54 -2.48
C GLU A 25 -9.27 -4.46 -3.07
N ARG A 26 -9.75 -3.58 -2.21
CA ARG A 26 -10.67 -2.52 -2.62
C ARG A 26 -9.90 -1.23 -3.01
N VAL A 27 -8.58 -1.27 -2.87
CA VAL A 27 -7.72 -0.14 -3.22
C VAL A 27 -7.62 0.01 -4.74
N ASN A 28 -7.74 1.24 -5.20
CA ASN A 28 -7.67 1.54 -6.64
C ASN A 28 -6.37 2.24 -6.98
N MET A 29 -5.86 3.05 -6.05
CA MET A 29 -4.64 3.81 -6.28
C MET A 29 -3.67 3.58 -5.16
N CYS A 30 -2.43 3.46 -5.50
CA CYS A 30 -1.37 3.32 -4.54
C CYS A 30 -0.29 4.33 -4.87
N ARG A 31 0.13 5.08 -3.89
CA ARG A 31 1.19 6.04 -4.07
C ARG A 31 2.18 5.92 -2.91
N ILE A 32 3.46 5.94 -3.21
CA ILE A 32 4.47 5.87 -2.18
C ILE A 32 4.90 7.29 -1.81
N GLN A 33 4.63 7.66 -0.60
CA GLN A 33 4.98 8.97 -0.11
C GLN A 33 6.36 8.89 0.51
N ARG A 34 7.18 9.87 0.24
CA ARG A 34 8.54 9.85 0.73
C ARG A 34 8.87 11.12 1.51
N ALA A 35 9.66 10.99 2.52
CA ALA A 35 10.15 12.12 3.27
C ALA A 35 11.35 12.69 2.54
N ASP A 36 11.13 13.82 1.88
CA ASP A 36 12.17 14.47 1.04
C ASP A 36 11.67 15.82 0.58
N GLY A 37 10.68 15.79 -0.28
CA GLY A 37 10.07 16.98 -0.81
C GLY A 37 8.69 16.64 -1.27
N ASP A 38 8.09 15.74 -0.55
CA ASP A 38 6.80 15.20 -0.88
C ASP A 38 5.90 15.53 0.30
N CYS A 39 6.20 14.89 1.42
CA CYS A 39 5.62 15.13 2.73
C CYS A 39 6.53 14.51 3.79
N ASP A 40 6.37 14.91 5.03
CA ASP A 40 7.34 14.61 6.12
C ASP A 40 7.30 13.16 6.65
N LEU A 41 6.89 12.20 5.85
CA LEU A 41 6.75 10.84 6.37
C LEU A 41 6.64 9.87 5.19
N ALA A 42 7.29 8.72 5.30
CA ALA A 42 7.19 7.74 4.23
C ALA A 42 6.00 6.82 4.49
N ALA A 43 5.04 6.84 3.58
CA ALA A 43 3.82 6.09 3.79
C ALA A 43 3.23 5.62 2.49
N VAL A 44 2.40 4.60 2.56
CA VAL A 44 1.71 4.11 1.40
C VAL A 44 0.30 4.68 1.40
N ILE A 45 0.05 5.51 0.43
CA ILE A 45 -1.24 6.15 0.26
C ILE A 45 -2.12 5.23 -0.60
N LEU A 46 -3.21 4.76 -0.03
CA LEU A 46 -4.12 3.85 -0.70
C LEU A 46 -5.45 4.53 -0.94
N HIS A 47 -5.84 4.63 -2.17
CA HIS A 47 -7.10 5.26 -2.48
C HIS A 47 -8.19 4.25 -2.70
N VAL A 48 -9.21 4.38 -1.93
CA VAL A 48 -10.38 3.56 -2.01
C VAL A 48 -11.51 4.55 -2.25
N LYS A 49 -12.57 4.14 -2.91
CA LYS A 49 -13.64 5.07 -3.26
C LYS A 49 -14.29 5.75 -2.05
N ARG A 50 -14.32 5.07 -0.93
CA ARG A 50 -14.89 5.64 0.27
C ARG A 50 -13.84 6.32 1.16
N ARG A 51 -12.59 5.87 1.08
CA ARG A 51 -11.54 6.34 2.00
C ARG A 51 -10.17 6.25 1.38
N ARG A 52 -9.42 7.30 1.50
CA ARG A 52 -8.02 7.26 1.16
C ARG A 52 -7.29 6.94 2.45
N ILE A 53 -6.82 5.72 2.55
CA ILE A 53 -6.22 5.23 3.76
C ILE A 53 -4.73 5.09 3.58
N CYS A 54 -4.01 5.20 4.65
CA CYS A 54 -2.59 5.20 4.58
C CYS A 54 -2.02 4.09 5.43
N VAL A 55 -1.09 3.37 4.90
CA VAL A 55 -0.48 2.27 5.63
C VAL A 55 1.03 2.38 5.60
N SER A 56 1.67 1.62 6.45
CA SER A 56 3.08 1.61 6.53
C SER A 56 3.66 0.73 5.42
N PRO A 57 4.73 1.19 4.73
CA PRO A 57 5.37 0.42 3.65
C PRO A 57 6.12 -0.81 4.16
N HIS A 58 6.15 -0.94 5.48
CA HIS A 58 6.85 -2.05 6.14
C HIS A 58 5.86 -3.16 6.48
N ASN A 59 4.62 -2.95 6.11
CA ASN A 59 3.53 -3.87 6.38
C ASN A 59 3.62 -5.09 5.46
N HIS A 60 3.74 -6.27 6.07
CA HIS A 60 3.86 -7.53 5.32
C HIS A 60 2.56 -7.86 4.55
N THR A 61 1.42 -7.58 5.15
CA THR A 61 0.14 -7.87 4.54
C THR A 61 0.00 -7.06 3.25
N VAL A 62 0.44 -5.81 3.31
CA VAL A 62 0.48 -4.93 2.15
C VAL A 62 1.37 -5.53 1.09
N LYS A 63 2.56 -5.92 1.49
CA LYS A 63 3.52 -6.55 0.57
C LYS A 63 2.97 -7.85 -0.06
N GLN A 64 2.14 -8.59 0.68
CA GLN A 64 1.54 -9.83 0.18
C GLN A 64 0.45 -9.44 -0.85
N TRP A 65 -0.34 -8.44 -0.50
CA TRP A 65 -1.37 -7.88 -1.35
C TRP A 65 -0.77 -7.30 -2.65
N MET A 66 0.33 -6.56 -2.50
CA MET A 66 1.06 -5.95 -3.62
C MET A 66 1.40 -6.99 -4.65
N LYS A 67 1.94 -8.11 -4.20
CA LYS A 67 2.33 -9.21 -5.03
C LYS A 67 1.13 -9.69 -5.89
N VAL A 68 -0.03 -9.73 -5.28
CA VAL A 68 -1.22 -10.21 -5.96
C VAL A 68 -1.74 -9.16 -6.93
N GLN A 69 -1.83 -7.94 -6.46
CA GLN A 69 -2.35 -6.84 -7.25
C GLN A 69 -1.46 -6.52 -8.42
N ALA A 70 -0.20 -6.82 -8.28
CA ALA A 70 0.77 -6.55 -9.33
C ALA A 70 0.47 -7.35 -10.60
N ALA A 71 -0.25 -8.45 -10.45
CA ALA A 71 -0.59 -9.33 -11.56
C ALA A 71 -1.57 -8.68 -12.56
N LYS A 72 -2.11 -7.51 -12.22
CA LYS A 72 -3.01 -6.78 -13.12
C LYS A 72 -2.37 -6.48 -14.45
N LYS A 73 -3.12 -6.68 -15.49
CA LYS A 73 -2.64 -6.55 -16.86
C LYS A 73 -2.62 -5.06 -17.29
N ASN A 74 -3.30 -4.22 -16.53
CA ASN A 74 -3.38 -2.79 -16.84
C ASN A 74 -2.03 -2.13 -16.60
N GLY A 75 -1.32 -2.67 -15.64
CA GLY A 75 -0.06 -2.12 -15.25
C GLY A 75 0.00 -2.05 -13.76
N LYS A 76 0.05 -0.86 -13.22
CA LYS A 76 0.05 -0.68 -11.80
C LYS A 76 -0.64 0.62 -11.36
N GLY A 77 -1.84 0.48 -10.87
CA GLY A 77 -2.58 1.62 -10.40
C GLY A 77 -2.65 1.58 -8.92
N ASN A 78 -3.11 0.47 -8.44
CA ASN A 78 -3.21 0.21 -7.02
C ASN A 78 -2.02 -0.55 -6.53
N VAL A 79 -0.99 -0.63 -7.31
CA VAL A 79 0.14 -1.39 -6.90
C VAL A 79 1.37 -0.51 -6.82
N CYS A 80 2.14 -0.67 -5.78
CA CYS A 80 3.40 0.05 -5.66
C CYS A 80 4.58 -0.91 -5.66
N HIS A 81 4.41 -2.05 -5.03
CA HIS A 81 5.44 -3.06 -5.03
C HIS A 81 5.02 -4.17 -5.96
N ARG A 82 5.73 -4.32 -7.06
CA ARG A 82 5.35 -5.35 -8.03
C ARG A 82 5.93 -6.68 -7.64
N LYS A 83 6.90 -6.62 -6.82
CA LYS A 83 7.48 -7.78 -6.21
C LYS A 83 7.75 -7.40 -4.78
N LYS A 84 7.90 -8.35 -3.92
CA LYS A 84 8.13 -8.02 -2.55
C LYS A 84 9.61 -7.74 -2.30
N HIS A 85 10.04 -6.55 -2.76
CA HIS A 85 11.42 -6.08 -2.60
C HIS A 85 12.41 -7.11 -3.15
N HIS A 86 13.60 -7.11 -2.63
CA HIS A 86 14.60 -8.11 -3.00
C HIS A 86 14.42 -9.36 -2.12
N GLY A 87 13.41 -9.35 -1.28
CA GLY A 87 13.14 -10.44 -0.37
C GLY A 87 12.13 -11.43 -0.93
N LYS A 88 12.04 -11.49 -2.24
CA LYS A 88 11.17 -12.43 -2.91
C LYS A 88 11.78 -13.83 -2.77
N ARG A 89 11.14 -14.64 -1.94
CA ARG A 89 11.64 -15.95 -1.50
C ARG A 89 12.85 -15.79 -0.59
N ASN A 90 12.57 -15.59 0.68
CA ASN A 90 13.59 -15.40 1.69
C ASN A 90 13.00 -15.71 3.05
N SER A 91 13.69 -16.52 3.80
CA SER A 91 13.26 -16.87 5.13
C SER A 91 13.47 -15.67 6.05
N ASN A 92 12.40 -14.99 6.39
CA ASN A 92 12.49 -13.80 7.21
C ASN A 92 11.36 -13.81 8.23
N ARG A 93 11.70 -13.62 9.47
CA ARG A 93 10.70 -13.57 10.55
C ARG A 93 10.85 -12.24 11.30
N ALA A 94 11.32 -11.23 10.58
CA ALA A 94 11.54 -9.92 11.15
C ALA A 94 10.30 -9.04 11.03
N HIS A 95 9.16 -9.67 10.90
CA HIS A 95 7.90 -8.94 10.77
C HIS A 95 7.41 -8.60 12.15
N GLN A 96 7.18 -9.62 12.96
CA GLN A 96 6.79 -9.42 14.33
C GLN A 96 7.93 -9.76 15.26
N GLY A 97 8.88 -10.50 14.75
CA GLY A 97 10.05 -10.87 15.50
C GLY A 97 11.22 -10.05 15.05
N LYS A 98 11.00 -8.77 14.93
CA LYS A 98 12.00 -7.83 14.49
C LYS A 98 12.95 -7.46 15.63
N HIS A 99 14.13 -8.05 15.60
CA HIS A 99 15.13 -7.82 16.61
C HIS A 99 16.47 -7.52 15.99
N GLU A 100 16.86 -6.27 16.03
CA GLU A 100 18.15 -5.85 15.57
C GLU A 100 18.90 -5.27 16.74
N THR A 101 19.75 -6.06 17.33
CA THR A 101 20.41 -5.65 18.52
C THR A 101 21.81 -5.10 18.25
N TYR A 102 21.93 -3.82 18.40
CA TYR A 102 23.19 -3.12 18.30
C TYR A 102 23.26 -2.03 19.34
N GLY A 103 23.66 -2.41 20.51
CA GLY A 103 23.74 -1.51 21.61
C GLY A 103 24.90 -1.80 22.48
N HIS A 104 26.06 -1.67 21.93
CA HIS A 104 27.28 -1.88 22.65
C HIS A 104 28.23 -0.78 22.31
N LYS A 105 28.46 0.09 23.26
CA LYS A 105 29.32 1.21 23.06
C LYS A 105 30.55 1.10 23.94
N THR A 106 31.72 1.26 23.34
CA THR A 106 32.99 1.17 24.02
C THR A 106 33.23 -0.25 24.61
N PRO A 107 33.93 -1.13 23.87
CA PRO A 107 34.22 -2.50 24.31
C PRO A 107 35.41 -2.57 25.27
N TYR A 108 35.66 -1.50 25.96
CA TYR A 108 36.79 -1.39 26.84
C TYR A 108 36.30 -1.23 28.27
N SER A 1 -9.57 17.53 7.47
CA SER A 1 -10.34 16.30 7.52
C SER A 1 -10.42 15.62 6.16
N GLU A 2 -11.09 16.25 5.22
CA GLU A 2 -11.32 15.68 3.93
C GLU A 2 -10.26 16.12 2.93
N ALA A 3 -9.42 15.21 2.53
CA ALA A 3 -8.39 15.47 1.54
C ALA A 3 -8.46 14.40 0.43
N ILE A 4 -9.53 13.61 0.49
CA ILE A 4 -9.69 12.47 -0.40
C ILE A 4 -10.18 12.81 -1.82
N LEU A 5 -11.28 13.53 -1.95
CA LEU A 5 -11.86 13.75 -3.27
C LEU A 5 -11.55 15.15 -3.87
N PRO A 6 -12.02 16.30 -3.25
CA PRO A 6 -11.71 17.65 -3.77
C PRO A 6 -10.22 17.87 -4.03
N ILE A 7 -9.39 17.60 -3.02
CA ILE A 7 -7.95 17.74 -3.15
C ILE A 7 -7.36 16.62 -4.01
N ALA A 8 -8.03 15.47 -3.99
CA ALA A 8 -7.61 14.25 -4.72
C ALA A 8 -6.28 13.71 -4.18
N SER A 9 -5.97 14.11 -2.94
CA SER A 9 -4.77 13.72 -2.22
C SER A 9 -3.51 14.38 -2.76
N SER A 10 -2.76 14.95 -1.86
CA SER A 10 -1.49 15.53 -2.18
C SER A 10 -0.44 15.00 -1.19
N CYS A 11 -0.79 15.00 0.08
CA CYS A 11 0.11 14.54 1.12
C CYS A 11 -0.71 13.72 2.12
N CYS A 12 -0.06 12.91 2.91
CA CYS A 12 -0.74 12.13 3.92
C CYS A 12 -0.12 12.38 5.29
N THR A 13 -0.95 12.39 6.32
CA THR A 13 -0.49 12.61 7.67
C THR A 13 -0.97 11.47 8.59
N GLU A 14 -1.34 10.37 7.97
CA GLU A 14 -1.90 9.23 8.66
C GLU A 14 -1.18 7.96 8.26
N VAL A 15 -1.18 6.98 9.14
CA VAL A 15 -0.75 5.60 8.86
C VAL A 15 -1.50 4.65 9.77
N SER A 16 -1.94 3.55 9.21
CA SER A 16 -2.67 2.54 9.94
C SER A 16 -1.72 1.43 10.39
N HIS A 17 -0.47 1.53 9.95
CA HIS A 17 0.59 0.53 10.21
C HIS A 17 0.31 -0.83 9.60
N HIS A 18 -0.49 -1.62 10.24
CA HIS A 18 -0.81 -2.94 9.75
C HIS A 18 -2.24 -2.97 9.24
N ILE A 19 -2.47 -3.73 8.20
CA ILE A 19 -3.77 -3.79 7.58
C ILE A 19 -3.99 -5.18 6.97
N SER A 20 -5.23 -5.52 6.74
CA SER A 20 -5.62 -6.80 6.15
C SER A 20 -5.89 -6.63 4.63
N ARG A 21 -5.73 -7.70 3.85
CA ARG A 21 -5.90 -7.62 2.39
C ARG A 21 -7.33 -7.37 1.93
N ARG A 22 -8.30 -7.82 2.71
CA ARG A 22 -9.72 -7.66 2.36
C ARG A 22 -10.04 -6.20 1.99
N LEU A 23 -9.46 -5.26 2.74
CA LEU A 23 -9.61 -3.85 2.43
C LEU A 23 -8.71 -3.48 1.25
N LEU A 24 -7.49 -3.99 1.30
CA LEU A 24 -6.44 -3.66 0.34
C LEU A 24 -6.84 -3.92 -1.09
N GLU A 25 -7.45 -5.06 -1.32
CA GLU A 25 -7.90 -5.46 -2.66
C GLU A 25 -8.84 -4.39 -3.28
N ARG A 26 -9.45 -3.57 -2.43
CA ARG A 26 -10.39 -2.54 -2.86
C ARG A 26 -9.66 -1.23 -3.21
N VAL A 27 -8.38 -1.17 -2.91
CA VAL A 27 -7.57 0.02 -3.18
C VAL A 27 -7.38 0.22 -4.68
N ASN A 28 -7.70 1.41 -5.13
CA ASN A 28 -7.65 1.74 -6.56
C ASN A 28 -6.43 2.58 -6.87
N MET A 29 -6.00 3.40 -5.92
CA MET A 29 -4.88 4.28 -6.19
C MET A 29 -3.83 4.10 -5.11
N CYS A 30 -2.59 4.18 -5.48
CA CYS A 30 -1.50 3.99 -4.53
C CYS A 30 -0.39 5.00 -4.79
N ARG A 31 0.08 5.64 -3.74
CA ARG A 31 1.25 6.52 -3.79
C ARG A 31 2.09 6.27 -2.57
N ILE A 32 3.36 6.06 -2.75
CA ILE A 32 4.21 5.93 -1.61
C ILE A 32 4.85 7.24 -1.29
N GLN A 33 4.44 7.78 -0.20
CA GLN A 33 4.92 9.01 0.29
C GLN A 33 6.14 8.75 1.16
N ARG A 34 7.23 9.33 0.79
CA ARG A 34 8.47 9.16 1.52
C ARG A 34 8.76 10.42 2.31
N ALA A 35 9.34 10.24 3.48
CA ALA A 35 9.84 11.36 4.23
C ALA A 35 11.21 11.64 3.72
N ASP A 36 11.30 12.58 2.78
CA ASP A 36 12.55 12.83 2.06
C ASP A 36 12.34 13.90 1.00
N GLY A 37 11.22 13.79 0.29
CA GLY A 37 10.94 14.74 -0.78
C GLY A 37 9.46 15.04 -0.92
N ASP A 38 8.64 14.00 -0.87
CA ASP A 38 7.19 14.15 -0.95
C ASP A 38 6.68 14.92 0.27
N CYS A 39 6.86 14.34 1.44
CA CYS A 39 6.47 14.96 2.71
C CYS A 39 7.45 14.50 3.79
N ASP A 40 7.16 14.78 5.04
CA ASP A 40 8.06 14.41 6.15
C ASP A 40 7.53 13.18 6.87
N LEU A 41 6.80 12.37 6.16
CA LEU A 41 6.20 11.17 6.70
C LEU A 41 6.22 10.10 5.64
N ALA A 42 6.54 8.89 6.02
CA ALA A 42 6.49 7.79 5.09
C ALA A 42 5.14 7.12 5.23
N ALA A 43 4.38 7.15 4.18
CA ALA A 43 3.04 6.61 4.20
C ALA A 43 2.66 6.10 2.85
N VAL A 44 2.08 4.94 2.81
CA VAL A 44 1.55 4.43 1.59
C VAL A 44 0.12 4.90 1.49
N ILE A 45 -0.12 5.75 0.55
CA ILE A 45 -1.43 6.33 0.38
C ILE A 45 -2.25 5.41 -0.50
N LEU A 46 -3.31 4.88 0.08
CA LEU A 46 -4.15 3.94 -0.58
C LEU A 46 -5.54 4.52 -0.72
N HIS A 47 -5.99 4.60 -1.93
CA HIS A 47 -7.31 5.14 -2.20
C HIS A 47 -8.32 4.08 -2.40
N VAL A 48 -9.34 4.15 -1.64
CA VAL A 48 -10.47 3.30 -1.76
C VAL A 48 -11.62 4.25 -2.02
N LYS A 49 -12.65 3.79 -2.70
CA LYS A 49 -13.77 4.66 -3.05
C LYS A 49 -14.40 5.27 -1.80
N ARG A 50 -14.42 4.53 -0.71
CA ARG A 50 -15.04 4.99 0.49
C ARG A 50 -14.11 5.88 1.34
N ARG A 51 -12.81 5.61 1.33
CA ARG A 51 -11.81 6.38 2.11
C ARG A 51 -10.42 6.21 1.56
N ARG A 52 -9.58 7.16 1.86
CA ARG A 52 -8.17 7.10 1.53
C ARG A 52 -7.43 6.75 2.81
N ILE A 53 -6.84 5.60 2.85
CA ILE A 53 -6.18 5.16 4.04
C ILE A 53 -4.71 4.99 3.78
N CYS A 54 -3.93 5.44 4.69
CA CYS A 54 -2.51 5.33 4.56
C CYS A 54 -2.00 4.24 5.46
N VAL A 55 -1.16 3.41 4.93
CA VAL A 55 -0.62 2.31 5.66
C VAL A 55 0.90 2.39 5.62
N SER A 56 1.55 1.77 6.56
CA SER A 56 2.96 1.75 6.62
C SER A 56 3.51 0.77 5.58
N PRO A 57 4.55 1.18 4.81
CA PRO A 57 5.19 0.34 3.77
C PRO A 57 5.96 -0.82 4.40
N HIS A 58 6.00 -0.82 5.69
CA HIS A 58 6.72 -1.81 6.46
C HIS A 58 5.81 -2.97 6.85
N ASN A 59 4.62 -2.98 6.31
CA ASN A 59 3.69 -4.06 6.59
C ASN A 59 3.78 -5.13 5.50
N HIS A 60 4.03 -6.36 5.91
CA HIS A 60 4.13 -7.50 4.98
C HIS A 60 2.83 -7.72 4.22
N THR A 61 1.72 -7.52 4.88
CA THR A 61 0.42 -7.76 4.28
C THR A 61 0.22 -6.86 3.05
N VAL A 62 0.73 -5.63 3.13
CA VAL A 62 0.68 -4.69 2.02
C VAL A 62 1.58 -5.16 0.90
N LYS A 63 2.76 -5.60 1.26
CA LYS A 63 3.74 -6.12 0.29
C LYS A 63 3.15 -7.33 -0.45
N GLN A 64 2.51 -8.21 0.32
CA GLN A 64 1.86 -9.38 -0.23
C GLN A 64 0.71 -8.97 -1.15
N TRP A 65 -0.08 -8.02 -0.69
CA TRP A 65 -1.14 -7.46 -1.47
C TRP A 65 -0.62 -6.90 -2.78
N MET A 66 0.43 -6.09 -2.72
CA MET A 66 1.03 -5.53 -3.92
C MET A 66 1.55 -6.59 -4.86
N LYS A 67 2.07 -7.68 -4.31
CA LYS A 67 2.53 -8.80 -5.10
C LYS A 67 1.36 -9.36 -5.93
N VAL A 68 0.20 -9.49 -5.29
CA VAL A 68 -1.01 -9.99 -5.95
C VAL A 68 -1.54 -8.95 -6.94
N GLN A 69 -1.63 -7.73 -6.48
CA GLN A 69 -2.15 -6.63 -7.26
C GLN A 69 -1.29 -6.28 -8.43
N ALA A 70 -0.02 -6.59 -8.35
CA ALA A 70 0.90 -6.30 -9.41
C ALA A 70 0.57 -7.13 -10.65
N ALA A 71 -0.09 -8.26 -10.42
CA ALA A 71 -0.50 -9.19 -11.49
C ALA A 71 -1.60 -8.60 -12.38
N LYS A 72 -2.07 -7.39 -12.03
CA LYS A 72 -3.06 -6.66 -12.82
C LYS A 72 -2.62 -6.50 -14.25
N LYS A 73 -3.24 -7.32 -15.10
CA LYS A 73 -2.96 -7.41 -16.51
C LYS A 73 -3.37 -6.14 -17.26
N ASN A 74 -4.07 -5.26 -16.55
CA ASN A 74 -4.44 -3.95 -17.09
C ASN A 74 -3.18 -3.11 -17.21
N GLY A 75 -2.20 -3.47 -16.40
CA GLY A 75 -0.98 -2.74 -16.35
C GLY A 75 -0.89 -1.95 -15.08
N LYS A 76 -1.06 -2.65 -13.95
CA LYS A 76 -1.06 -2.03 -12.61
C LYS A 76 -2.24 -1.04 -12.49
N GLY A 77 -2.19 -0.21 -11.47
CA GLY A 77 -3.20 0.81 -11.27
C GLY A 77 -3.23 1.24 -9.84
N ASN A 78 -2.97 0.30 -8.98
CA ASN A 78 -2.99 0.49 -7.54
C ASN A 78 -1.78 -0.13 -6.88
N VAL A 79 -0.70 -0.26 -7.61
CA VAL A 79 0.42 -0.97 -7.06
C VAL A 79 1.65 -0.07 -6.99
N CYS A 80 2.38 -0.13 -5.91
CA CYS A 80 3.55 0.70 -5.74
C CYS A 80 4.85 -0.10 -5.67
N HIS A 81 4.88 -1.17 -4.87
CA HIS A 81 6.06 -2.02 -4.83
C HIS A 81 5.98 -3.03 -5.92
N ARG A 82 7.11 -3.47 -6.40
CA ARG A 82 7.13 -4.49 -7.42
C ARG A 82 7.94 -5.66 -6.97
N LYS A 83 7.35 -6.81 -7.11
CA LYS A 83 7.96 -8.09 -6.75
C LYS A 83 8.48 -8.15 -5.29
N LYS A 84 7.60 -8.47 -4.40
CA LYS A 84 7.94 -8.70 -3.01
C LYS A 84 7.61 -10.13 -2.69
N HIS A 85 8.58 -10.88 -2.24
CA HIS A 85 8.35 -12.26 -1.98
C HIS A 85 9.22 -12.75 -0.83
N HIS A 86 8.58 -13.15 0.23
CA HIS A 86 9.26 -13.72 1.38
C HIS A 86 9.38 -15.23 1.19
N GLY A 87 8.31 -15.85 0.75
CA GLY A 87 8.32 -17.26 0.53
C GLY A 87 7.20 -17.94 1.26
N LYS A 88 7.47 -19.18 1.72
CA LYS A 88 6.50 -19.99 2.47
C LYS A 88 5.26 -20.25 1.62
N ARG A 89 5.50 -20.66 0.38
CA ARG A 89 4.43 -20.84 -0.55
C ARG A 89 3.66 -22.13 -0.41
N ASN A 90 2.91 -22.19 0.65
CA ASN A 90 1.92 -23.20 0.87
C ASN A 90 0.59 -22.46 0.89
N SER A 91 0.70 -21.15 0.88
CA SER A 91 -0.43 -20.26 0.88
C SER A 91 -0.34 -19.36 -0.33
N ASN A 92 -1.26 -19.54 -1.26
CA ASN A 92 -1.36 -18.73 -2.46
C ASN A 92 -2.75 -18.96 -3.05
N ARG A 93 -3.16 -18.11 -3.99
CA ARG A 93 -4.50 -18.12 -4.61
C ARG A 93 -5.56 -17.56 -3.67
N ALA A 94 -6.42 -16.75 -4.22
CA ALA A 94 -7.54 -16.09 -3.55
C ALA A 94 -8.14 -15.16 -4.58
N HIS A 95 -7.36 -14.11 -4.88
CA HIS A 95 -7.62 -13.15 -5.95
C HIS A 95 -8.99 -12.49 -5.86
N GLN A 96 -9.05 -11.29 -5.35
CA GLN A 96 -10.31 -10.60 -5.32
C GLN A 96 -10.51 -9.95 -6.68
N GLY A 97 -9.41 -9.44 -7.22
CA GLY A 97 -9.41 -8.84 -8.54
C GLY A 97 -10.05 -7.47 -8.59
N LYS A 98 -10.63 -7.06 -7.47
CA LYS A 98 -11.37 -5.81 -7.36
C LYS A 98 -12.57 -5.83 -8.31
N HIS A 99 -13.58 -6.53 -7.90
CA HIS A 99 -14.76 -6.65 -8.69
C HIS A 99 -15.98 -6.37 -7.86
N GLU A 100 -16.30 -5.12 -7.72
CA GLU A 100 -17.47 -4.72 -7.02
C GLU A 100 -18.44 -4.18 -8.02
N THR A 101 -19.55 -4.82 -8.14
CA THR A 101 -20.54 -4.40 -9.06
C THR A 101 -21.57 -3.55 -8.30
N TYR A 102 -22.03 -2.51 -8.95
CA TYR A 102 -23.02 -1.63 -8.37
C TYR A 102 -23.88 -1.08 -9.48
N GLY A 103 -25.16 -1.00 -9.24
CA GLY A 103 -26.05 -0.50 -10.23
C GLY A 103 -27.48 -0.74 -9.87
N HIS A 104 -27.86 -0.22 -8.73
CA HIS A 104 -29.20 -0.38 -8.25
C HIS A 104 -29.80 0.99 -7.95
N LYS A 105 -30.92 1.24 -8.55
CA LYS A 105 -31.71 2.43 -8.33
C LYS A 105 -33.13 2.06 -8.76
N THR A 106 -34.07 2.96 -8.59
CA THR A 106 -35.46 2.72 -8.95
C THR A 106 -36.12 1.75 -7.95
N PRO A 107 -36.61 2.30 -6.81
CA PRO A 107 -37.30 1.51 -5.80
C PRO A 107 -38.78 1.36 -6.11
N TYR A 108 -39.20 2.04 -7.16
CA TYR A 108 -40.56 2.03 -7.59
C TYR A 108 -40.59 1.68 -9.06
N SER A 1 -11.08 13.91 -2.92
CA SER A 1 -11.66 13.29 -1.74
C SER A 1 -12.05 14.35 -0.73
N GLU A 2 -13.35 14.72 -0.73
CA GLU A 2 -13.89 15.76 0.18
C GLU A 2 -13.22 17.11 -0.10
N ALA A 3 -13.35 18.04 0.80
CA ALA A 3 -12.73 19.33 0.64
C ALA A 3 -12.08 19.78 1.93
N ILE A 4 -12.86 19.73 3.02
CA ILE A 4 -12.45 20.15 4.35
C ILE A 4 -12.18 21.66 4.41
N LEU A 5 -11.08 22.07 3.82
CA LEU A 5 -10.68 23.46 3.81
C LEU A 5 -9.70 23.71 2.64
N PRO A 6 -8.53 22.99 2.55
CA PRO A 6 -7.57 23.21 1.45
C PRO A 6 -7.94 22.41 0.19
N ILE A 7 -9.16 21.88 0.17
CA ILE A 7 -9.71 21.08 -0.95
C ILE A 7 -9.05 19.70 -1.02
N ALA A 8 -7.80 19.68 -1.36
CA ALA A 8 -7.07 18.46 -1.53
C ALA A 8 -5.73 18.57 -0.85
N SER A 9 -5.24 17.47 -0.37
CA SER A 9 -3.95 17.41 0.26
C SER A 9 -3.27 16.13 -0.18
N SER A 10 -2.18 16.27 -0.89
CA SER A 10 -1.49 15.15 -1.49
C SER A 10 -0.62 14.42 -0.47
N CYS A 11 -0.43 15.02 0.66
CA CYS A 11 0.37 14.42 1.69
C CYS A 11 -0.48 13.83 2.79
N CYS A 12 -0.06 12.69 3.28
CA CYS A 12 -0.76 11.99 4.33
C CYS A 12 -0.05 12.24 5.64
N THR A 13 -0.80 12.37 6.72
CA THR A 13 -0.23 12.65 8.01
C THR A 13 -0.48 11.50 9.02
N GLU A 14 -0.87 10.34 8.53
CA GLU A 14 -1.16 9.22 9.40
C GLU A 14 -0.82 7.91 8.72
N VAL A 15 -0.77 6.85 9.51
CA VAL A 15 -0.59 5.47 9.05
C VAL A 15 -1.24 4.50 10.00
N SER A 16 -1.89 3.51 9.46
CA SER A 16 -2.57 2.50 10.24
C SER A 16 -1.64 1.36 10.64
N HIS A 17 -0.37 1.45 10.21
CA HIS A 17 0.70 0.46 10.52
C HIS A 17 0.47 -0.89 9.86
N HIS A 18 -0.57 -1.57 10.27
CA HIS A 18 -0.94 -2.86 9.72
C HIS A 18 -2.33 -2.75 9.14
N ILE A 19 -2.63 -3.57 8.18
CA ILE A 19 -3.93 -3.56 7.55
C ILE A 19 -4.28 -4.97 7.10
N SER A 20 -5.53 -5.21 6.86
CA SER A 20 -5.99 -6.49 6.40
C SER A 20 -6.17 -6.43 4.87
N ARG A 21 -5.89 -7.54 4.18
CA ARG A 21 -6.00 -7.59 2.73
C ARG A 21 -7.38 -7.36 2.18
N ARG A 22 -8.43 -7.70 2.91
CA ARG A 22 -9.79 -7.57 2.37
C ARG A 22 -10.06 -6.12 1.89
N LEU A 23 -9.53 -5.14 2.61
CA LEU A 23 -9.66 -3.74 2.18
C LEU A 23 -8.71 -3.47 1.03
N LEU A 24 -7.55 -4.08 1.10
CA LEU A 24 -6.49 -3.88 0.15
C LEU A 24 -6.90 -4.29 -1.25
N GLU A 25 -7.55 -5.43 -1.34
CA GLU A 25 -7.97 -5.98 -2.64
C GLU A 25 -8.91 -4.97 -3.36
N ARG A 26 -9.51 -4.08 -2.56
CA ARG A 26 -10.50 -3.11 -3.03
C ARG A 26 -9.84 -1.76 -3.35
N VAL A 27 -8.53 -1.67 -3.16
CA VAL A 27 -7.78 -0.46 -3.43
C VAL A 27 -7.63 -0.22 -4.94
N ASN A 28 -7.81 1.01 -5.35
CA ASN A 28 -7.76 1.39 -6.75
C ASN A 28 -6.48 2.17 -7.07
N MET A 29 -6.00 2.96 -6.11
CA MET A 29 -4.80 3.78 -6.34
C MET A 29 -3.80 3.57 -5.23
N CYS A 30 -2.56 3.51 -5.59
CA CYS A 30 -1.49 3.39 -4.63
C CYS A 30 -0.52 4.55 -4.80
N ARG A 31 -0.19 5.15 -3.70
CA ARG A 31 0.69 6.28 -3.66
C ARG A 31 1.71 6.14 -2.52
N ILE A 32 2.98 6.13 -2.88
CA ILE A 32 4.05 6.00 -1.88
C ILE A 32 4.57 7.36 -1.47
N GLN A 33 4.25 7.75 -0.29
CA GLN A 33 4.75 8.96 0.27
C GLN A 33 5.98 8.66 1.10
N ARG A 34 7.07 9.28 0.77
CA ARG A 34 8.33 9.06 1.47
C ARG A 34 8.90 10.39 1.96
N ALA A 35 9.58 10.34 3.09
CA ALA A 35 10.21 11.50 3.67
C ALA A 35 11.53 11.78 2.96
N ASP A 36 11.49 12.74 2.07
CA ASP A 36 12.65 13.13 1.24
C ASP A 36 12.26 14.31 0.39
N GLY A 37 11.33 14.08 -0.50
CA GLY A 37 10.88 15.15 -1.38
C GLY A 37 9.38 15.22 -1.48
N ASP A 38 8.70 14.18 -1.05
CA ASP A 38 7.26 14.16 -1.10
C ASP A 38 6.68 14.85 0.11
N CYS A 39 6.86 14.25 1.28
CA CYS A 39 6.43 14.78 2.59
C CYS A 39 7.12 14.08 3.73
N ASP A 40 7.08 14.70 4.91
CA ASP A 40 7.88 14.30 6.11
C ASP A 40 7.39 12.99 6.80
N LEU A 41 6.73 12.14 6.07
CA LEU A 41 6.22 10.92 6.65
C LEU A 41 6.13 9.87 5.56
N ALA A 42 6.65 8.70 5.84
CA ALA A 42 6.53 7.63 4.88
C ALA A 42 5.22 6.92 5.11
N ALA A 43 4.39 6.95 4.11
CA ALA A 43 3.08 6.40 4.21
C ALA A 43 2.62 5.88 2.88
N VAL A 44 1.98 4.75 2.88
CA VAL A 44 1.40 4.25 1.68
C VAL A 44 -0.03 4.71 1.65
N ILE A 45 -0.30 5.61 0.77
CA ILE A 45 -1.61 6.16 0.60
C ILE A 45 -2.38 5.28 -0.40
N LEU A 46 -3.43 4.68 0.07
CA LEU A 46 -4.24 3.76 -0.71
C LEU A 46 -5.60 4.35 -0.94
N HIS A 47 -6.00 4.42 -2.18
CA HIS A 47 -7.27 5.04 -2.52
C HIS A 47 -8.34 4.05 -2.84
N VAL A 48 -9.41 4.18 -2.14
CA VAL A 48 -10.62 3.46 -2.35
C VAL A 48 -11.62 4.57 -2.67
N LYS A 49 -12.66 4.28 -3.44
CA LYS A 49 -13.60 5.32 -3.89
C LYS A 49 -14.23 6.10 -2.72
N ARG A 50 -14.47 5.42 -1.62
CA ARG A 50 -15.10 6.06 -0.48
C ARG A 50 -14.10 6.52 0.59
N ARG A 51 -12.86 6.05 0.53
CA ARG A 51 -11.90 6.38 1.58
C ARG A 51 -10.48 6.15 1.09
N ARG A 52 -9.61 6.95 1.57
CA ARG A 52 -8.21 6.87 1.26
C ARG A 52 -7.50 6.53 2.57
N ILE A 53 -6.82 5.41 2.62
CA ILE A 53 -6.19 4.91 3.83
C ILE A 53 -4.68 4.99 3.71
N CYS A 54 -4.01 5.21 4.81
CA CYS A 54 -2.57 5.24 4.82
C CYS A 54 -2.03 4.14 5.69
N VAL A 55 -1.22 3.29 5.12
CA VAL A 55 -0.63 2.18 5.85
C VAL A 55 0.89 2.31 5.81
N SER A 56 1.57 1.67 6.72
CA SER A 56 2.98 1.69 6.77
C SER A 56 3.57 0.84 5.63
N PRO A 57 4.59 1.37 4.92
CA PRO A 57 5.26 0.65 3.79
C PRO A 57 6.03 -0.58 4.26
N HIS A 58 6.05 -0.77 5.56
CA HIS A 58 6.71 -1.89 6.18
C HIS A 58 5.75 -3.02 6.47
N ASN A 59 4.47 -2.80 6.21
CA ASN A 59 3.47 -3.81 6.50
C ASN A 59 3.57 -4.95 5.51
N HIS A 60 3.87 -6.15 6.01
CA HIS A 60 4.03 -7.35 5.19
C HIS A 60 2.74 -7.65 4.41
N THR A 61 1.60 -7.42 5.04
CA THR A 61 0.32 -7.63 4.42
C THR A 61 0.20 -6.80 3.13
N VAL A 62 0.58 -5.53 3.23
CA VAL A 62 0.65 -4.65 2.08
C VAL A 62 1.66 -5.18 1.08
N LYS A 63 2.85 -5.51 1.56
CA LYS A 63 3.92 -6.02 0.69
C LYS A 63 3.50 -7.26 -0.12
N GLN A 64 2.71 -8.13 0.48
CA GLN A 64 2.18 -9.26 -0.23
C GLN A 64 1.05 -8.93 -1.15
N TRP A 65 0.14 -8.09 -0.68
CA TRP A 65 -0.94 -7.62 -1.50
C TRP A 65 -0.39 -6.94 -2.77
N MET A 66 0.61 -6.10 -2.56
CA MET A 66 1.30 -5.38 -3.64
C MET A 66 1.78 -6.34 -4.71
N LYS A 67 2.49 -7.37 -4.28
CA LYS A 67 3.08 -8.31 -5.18
C LYS A 67 2.01 -9.11 -5.95
N VAL A 68 0.91 -9.40 -5.29
CA VAL A 68 -0.16 -10.16 -5.91
C VAL A 68 -0.96 -9.28 -6.88
N GLN A 69 -1.23 -8.05 -6.47
CA GLN A 69 -1.97 -7.11 -7.30
C GLN A 69 -1.14 -6.62 -8.46
N ALA A 70 0.16 -6.70 -8.33
CA ALA A 70 1.08 -6.22 -9.36
C ALA A 70 0.90 -6.96 -10.68
N ALA A 71 0.37 -8.14 -10.61
CA ALA A 71 0.14 -8.98 -11.78
C ALA A 71 -0.94 -8.40 -12.72
N LYS A 72 -1.58 -7.29 -12.32
CA LYS A 72 -2.64 -6.69 -13.12
C LYS A 72 -2.10 -6.05 -14.36
N LYS A 73 -2.30 -6.69 -15.45
CA LYS A 73 -1.88 -6.15 -16.73
C LYS A 73 -2.98 -5.30 -17.34
N ASN A 74 -4.03 -5.08 -16.56
CA ASN A 74 -5.14 -4.23 -16.98
C ASN A 74 -4.88 -2.81 -16.53
N GLY A 75 -3.97 -2.67 -15.59
CA GLY A 75 -3.68 -1.38 -15.07
C GLY A 75 -3.09 -1.46 -13.68
N LYS A 76 -1.77 -1.32 -13.59
CA LYS A 76 -1.10 -1.33 -12.31
C LYS A 76 -1.15 0.07 -11.72
N GLY A 77 -2.17 0.35 -10.96
CA GLY A 77 -2.31 1.68 -10.38
C GLY A 77 -2.40 1.61 -8.90
N ASN A 78 -3.08 0.60 -8.45
CA ASN A 78 -3.20 0.31 -7.04
C ASN A 78 -2.00 -0.45 -6.54
N VAL A 79 -0.97 -0.50 -7.32
CA VAL A 79 0.15 -1.27 -6.94
C VAL A 79 1.38 -0.38 -6.82
N CYS A 80 2.26 -0.71 -5.90
CA CYS A 80 3.50 0.01 -5.73
C CYS A 80 4.72 -0.93 -5.55
N HIS A 81 4.64 -1.87 -4.63
CA HIS A 81 5.77 -2.79 -4.42
C HIS A 81 5.64 -4.01 -5.29
N ARG A 82 6.44 -4.08 -6.32
CA ARG A 82 6.42 -5.20 -7.24
C ARG A 82 7.09 -6.40 -6.57
N LYS A 83 8.22 -6.13 -5.96
CA LYS A 83 8.98 -7.14 -5.23
C LYS A 83 9.59 -6.50 -4.00
N LYS A 84 10.08 -7.33 -3.09
CA LYS A 84 10.72 -6.86 -1.87
C LYS A 84 12.06 -7.55 -1.71
N HIS A 85 12.75 -7.29 -0.59
CA HIS A 85 14.08 -7.90 -0.30
C HIS A 85 14.00 -9.40 0.00
N HIS A 86 12.82 -9.97 -0.15
CA HIS A 86 12.61 -11.41 0.02
C HIS A 86 13.05 -12.15 -1.24
N GLY A 87 13.15 -11.42 -2.33
CA GLY A 87 13.47 -12.02 -3.59
C GLY A 87 12.22 -12.61 -4.22
N LYS A 88 12.32 -13.80 -4.73
CA LYS A 88 11.19 -14.45 -5.33
C LYS A 88 10.41 -15.21 -4.27
N ARG A 89 9.21 -14.78 -4.05
CA ARG A 89 8.34 -15.43 -3.12
C ARG A 89 7.08 -15.86 -3.83
N ASN A 90 6.87 -17.16 -3.86
CA ASN A 90 5.67 -17.72 -4.49
C ASN A 90 4.46 -17.32 -3.68
N SER A 91 3.71 -16.41 -4.22
CA SER A 91 2.55 -15.90 -3.57
C SER A 91 1.35 -16.71 -3.99
N ASN A 92 0.30 -16.74 -3.18
CA ASN A 92 -0.89 -17.47 -3.57
C ASN A 92 -1.56 -16.69 -4.67
N ARG A 93 -1.72 -17.33 -5.80
CA ARG A 93 -2.24 -16.68 -6.96
C ARG A 93 -3.73 -16.49 -6.91
N ALA A 94 -4.10 -15.30 -6.69
CA ALA A 94 -5.46 -14.88 -6.68
C ALA A 94 -5.52 -13.63 -7.47
N HIS A 95 -6.48 -13.52 -8.32
CA HIS A 95 -6.58 -12.37 -9.16
C HIS A 95 -7.20 -11.24 -8.39
N GLN A 96 -8.34 -11.53 -7.76
CA GLN A 96 -9.01 -10.58 -6.87
C GLN A 96 -9.45 -9.31 -7.59
N GLY A 97 -10.00 -8.42 -6.84
CA GLY A 97 -10.43 -7.18 -7.37
C GLY A 97 -11.34 -6.51 -6.41
N LYS A 98 -11.97 -5.49 -6.86
CA LYS A 98 -12.87 -4.74 -6.05
C LYS A 98 -14.29 -5.27 -6.21
N HIS A 99 -14.99 -5.39 -5.14
CA HIS A 99 -16.38 -5.66 -5.24
C HIS A 99 -17.06 -4.33 -4.98
N GLU A 100 -17.23 -3.60 -6.03
CA GLU A 100 -17.66 -2.24 -5.93
C GLU A 100 -19.16 -2.08 -6.14
N THR A 101 -19.88 -2.04 -5.04
CA THR A 101 -21.30 -1.81 -5.04
C THR A 101 -21.53 -0.31 -5.17
N TYR A 102 -22.44 0.06 -6.01
CA TYR A 102 -22.71 1.45 -6.25
C TYR A 102 -23.66 1.98 -5.21
N GLY A 103 -23.46 3.22 -4.82
CA GLY A 103 -24.31 3.82 -3.84
C GLY A 103 -25.67 4.15 -4.40
N HIS A 104 -26.69 3.54 -3.84
CA HIS A 104 -28.03 3.79 -4.28
C HIS A 104 -28.53 5.05 -3.59
N LYS A 105 -28.77 6.08 -4.37
CA LYS A 105 -29.21 7.35 -3.84
C LYS A 105 -30.66 7.27 -3.43
N THR A 106 -30.91 7.61 -2.19
CA THR A 106 -32.24 7.60 -1.65
C THR A 106 -32.75 9.04 -1.47
N PRO A 107 -33.53 9.56 -2.42
CA PRO A 107 -34.05 10.93 -2.35
C PRO A 107 -35.23 11.04 -1.38
N TYR A 108 -35.84 9.92 -1.10
CA TYR A 108 -36.99 9.89 -0.23
C TYR A 108 -36.76 8.83 0.83
N SER A 1 -11.71 23.85 6.65
CA SER A 1 -12.42 23.59 5.42
C SER A 1 -12.38 22.09 5.13
N GLU A 2 -13.16 21.64 4.16
CA GLU A 2 -13.18 20.25 3.79
C GLU A 2 -12.04 20.00 2.82
N ALA A 3 -10.96 19.44 3.32
CA ALA A 3 -9.71 19.22 2.58
C ALA A 3 -9.90 18.29 1.39
N ILE A 4 -10.96 17.50 1.42
CA ILE A 4 -11.29 16.59 0.33
C ILE A 4 -11.58 17.36 -0.97
N LEU A 5 -12.01 18.61 -0.85
CA LEU A 5 -12.38 19.40 -2.01
C LEU A 5 -11.15 20.07 -2.70
N PRO A 6 -10.44 21.04 -2.03
CA PRO A 6 -9.27 21.72 -2.67
C PRO A 6 -8.04 20.81 -2.72
N ILE A 7 -8.11 19.72 -1.98
CA ILE A 7 -7.02 18.77 -1.84
C ILE A 7 -5.86 19.46 -1.11
N ALA A 8 -6.07 19.64 0.18
CA ALA A 8 -5.12 20.34 1.01
C ALA A 8 -4.07 19.43 1.58
N SER A 9 -4.36 18.15 1.57
CA SER A 9 -3.45 17.19 2.10
C SER A 9 -2.32 16.89 1.13
N SER A 10 -1.20 17.57 1.32
CA SER A 10 -0.01 17.34 0.55
C SER A 10 0.76 16.19 1.18
N CYS A 11 0.43 15.94 2.42
CA CYS A 11 0.98 14.86 3.17
C CYS A 11 -0.11 14.05 3.78
N CYS A 12 0.10 12.76 3.80
CA CYS A 12 -0.77 11.90 4.55
C CYS A 12 -0.21 11.85 5.95
N THR A 13 -0.90 12.45 6.85
CA THR A 13 -0.41 12.62 8.20
C THR A 13 -0.65 11.40 9.09
N GLU A 14 -1.46 10.47 8.68
CA GLU A 14 -1.79 9.36 9.56
C GLU A 14 -1.83 8.05 8.81
N VAL A 15 -1.44 6.99 9.47
CA VAL A 15 -1.48 5.67 8.88
C VAL A 15 -2.13 4.70 9.85
N SER A 16 -2.63 3.63 9.32
CA SER A 16 -3.25 2.60 10.12
C SER A 16 -2.19 1.58 10.56
N HIS A 17 -0.96 1.77 10.06
CA HIS A 17 0.19 0.89 10.34
C HIS A 17 0.00 -0.49 9.75
N HIS A 18 -0.75 -1.31 10.43
CA HIS A 18 -1.01 -2.66 10.02
C HIS A 18 -2.38 -2.72 9.38
N ILE A 19 -2.53 -3.55 8.39
CA ILE A 19 -3.75 -3.59 7.67
C ILE A 19 -4.02 -5.00 7.16
N SER A 20 -5.26 -5.29 6.89
CA SER A 20 -5.66 -6.57 6.37
C SER A 20 -5.87 -6.47 4.85
N ARG A 21 -5.56 -7.55 4.12
CA ARG A 21 -5.69 -7.56 2.66
C ARG A 21 -7.09 -7.31 2.16
N ARG A 22 -8.10 -7.70 2.93
CA ARG A 22 -9.49 -7.51 2.51
C ARG A 22 -9.80 -6.01 2.20
N LEU A 23 -9.12 -5.10 2.89
CA LEU A 23 -9.25 -3.66 2.58
C LEU A 23 -8.43 -3.37 1.35
N LEU A 24 -7.25 -3.93 1.33
CA LEU A 24 -6.26 -3.69 0.31
C LEU A 24 -6.75 -4.05 -1.08
N GLU A 25 -7.44 -5.14 -1.17
CA GLU A 25 -7.98 -5.63 -2.43
C GLU A 25 -9.01 -4.66 -3.03
N ARG A 26 -9.47 -3.72 -2.22
CA ARG A 26 -10.45 -2.74 -2.67
C ARG A 26 -9.75 -1.46 -3.16
N VAL A 27 -8.44 -1.41 -3.00
CA VAL A 27 -7.65 -0.24 -3.35
C VAL A 27 -7.52 -0.09 -4.86
N ASN A 28 -7.77 1.11 -5.35
CA ASN A 28 -7.69 1.39 -6.78
C ASN A 28 -6.45 2.21 -7.09
N MET A 29 -6.00 3.02 -6.14
CA MET A 29 -4.83 3.86 -6.36
C MET A 29 -3.86 3.68 -5.22
N CYS A 30 -2.62 3.54 -5.55
CA CYS A 30 -1.58 3.45 -4.59
C CYS A 30 -0.55 4.51 -4.88
N ARG A 31 -0.21 5.30 -3.90
CA ARG A 31 0.78 6.31 -4.06
C ARG A 31 1.69 6.29 -2.83
N ILE A 32 2.98 6.23 -3.05
CA ILE A 32 3.93 6.12 -1.97
C ILE A 32 4.45 7.48 -1.54
N GLN A 33 4.02 7.91 -0.40
CA GLN A 33 4.55 9.08 0.22
C GLN A 33 5.75 8.66 1.03
N ARG A 34 6.85 9.25 0.75
CA ARG A 34 8.08 8.84 1.34
C ARG A 34 8.74 10.02 2.02
N ALA A 35 9.41 9.74 3.12
CA ALA A 35 10.14 10.75 3.82
C ALA A 35 11.47 10.93 3.13
N ASP A 36 11.55 11.92 2.28
CA ASP A 36 12.71 12.15 1.43
C ASP A 36 12.55 13.46 0.72
N GLY A 37 11.69 13.48 -0.28
CA GLY A 37 11.40 14.70 -0.99
C GLY A 37 9.94 14.79 -1.33
N ASP A 38 9.18 13.86 -0.83
CA ASP A 38 7.75 13.83 -1.06
C ASP A 38 7.06 14.45 0.13
N CYS A 39 7.33 13.90 1.27
CA CYS A 39 6.86 14.40 2.52
C CYS A 39 7.94 14.06 3.55
N ASP A 40 7.73 14.41 4.80
CA ASP A 40 8.68 14.06 5.86
C ASP A 40 8.09 12.92 6.67
N LEU A 41 7.25 12.14 6.03
CA LEU A 41 6.54 11.06 6.66
C LEU A 41 6.30 10.00 5.59
N ALA A 42 6.54 8.75 5.91
CA ALA A 42 6.37 7.68 4.95
C ALA A 42 5.02 6.99 5.14
N ALA A 43 4.21 7.02 4.11
CA ALA A 43 2.88 6.46 4.15
C ALA A 43 2.46 5.96 2.79
N VAL A 44 1.74 4.87 2.77
CA VAL A 44 1.16 4.38 1.54
C VAL A 44 -0.25 4.87 1.48
N ILE A 45 -0.52 5.75 0.56
CA ILE A 45 -1.84 6.30 0.42
C ILE A 45 -2.63 5.39 -0.52
N LEU A 46 -3.66 4.81 0.01
CA LEU A 46 -4.49 3.85 -0.67
C LEU A 46 -5.82 4.47 -0.99
N HIS A 47 -6.13 4.58 -2.22
CA HIS A 47 -7.39 5.17 -2.62
C HIS A 47 -8.39 4.11 -2.90
N VAL A 48 -9.48 4.21 -2.23
CA VAL A 48 -10.58 3.31 -2.36
C VAL A 48 -11.78 4.20 -2.64
N LYS A 49 -12.78 3.70 -3.34
CA LYS A 49 -13.92 4.53 -3.69
C LYS A 49 -14.70 5.00 -2.47
N ARG A 50 -14.57 4.28 -1.38
CA ARG A 50 -15.26 4.66 -0.15
C ARG A 50 -14.44 5.65 0.69
N ARG A 51 -13.10 5.53 0.65
CA ARG A 51 -12.18 6.34 1.49
C ARG A 51 -10.73 6.18 1.02
N ARG A 52 -9.90 7.08 1.45
CA ARG A 52 -8.49 7.06 1.16
C ARG A 52 -7.76 6.76 2.46
N ILE A 53 -7.20 5.59 2.58
CA ILE A 53 -6.55 5.14 3.81
C ILE A 53 -5.04 5.13 3.63
N CYS A 54 -4.31 5.29 4.68
CA CYS A 54 -2.87 5.22 4.60
C CYS A 54 -2.34 4.14 5.52
N VAL A 55 -1.33 3.45 5.08
CA VAL A 55 -0.71 2.42 5.87
C VAL A 55 0.78 2.58 5.85
N SER A 56 1.44 1.85 6.71
CA SER A 56 2.86 1.89 6.78
C SER A 56 3.46 1.09 5.61
N PRO A 57 4.35 1.74 4.82
CA PRO A 57 4.98 1.13 3.63
C PRO A 57 5.92 0.01 3.97
N HIS A 58 6.13 -0.21 5.25
CA HIS A 58 7.04 -1.23 5.69
C HIS A 58 6.30 -2.51 6.12
N ASN A 59 4.98 -2.50 6.02
CA ASN A 59 4.18 -3.64 6.48
C ASN A 59 4.16 -4.76 5.44
N HIS A 60 4.45 -5.98 5.90
CA HIS A 60 4.52 -7.16 5.02
C HIS A 60 3.19 -7.48 4.33
N THR A 61 2.07 -7.23 5.00
CA THR A 61 0.75 -7.48 4.43
C THR A 61 0.58 -6.68 3.14
N VAL A 62 1.03 -5.44 3.17
CA VAL A 62 0.98 -4.56 2.01
C VAL A 62 1.87 -5.11 0.92
N LYS A 63 3.06 -5.50 1.30
CA LYS A 63 4.06 -6.06 0.36
C LYS A 63 3.50 -7.31 -0.34
N GLN A 64 2.78 -8.13 0.41
CA GLN A 64 2.21 -9.38 -0.09
C GLN A 64 1.08 -9.04 -1.07
N TRP A 65 0.21 -8.12 -0.66
CA TRP A 65 -0.88 -7.64 -1.47
C TRP A 65 -0.37 -7.05 -2.79
N MET A 66 0.69 -6.26 -2.70
CA MET A 66 1.35 -5.65 -3.87
C MET A 66 1.67 -6.68 -4.92
N LYS A 67 2.26 -7.79 -4.50
CA LYS A 67 2.65 -8.86 -5.42
C LYS A 67 1.44 -9.46 -6.15
N VAL A 68 0.35 -9.62 -5.43
CA VAL A 68 -0.85 -10.21 -6.00
C VAL A 68 -1.55 -9.19 -6.91
N GLN A 69 -1.58 -7.95 -6.48
CA GLN A 69 -2.17 -6.87 -7.25
C GLN A 69 -1.36 -6.58 -8.49
N ALA A 70 -0.09 -6.83 -8.43
CA ALA A 70 0.80 -6.59 -9.53
C ALA A 70 0.45 -7.51 -10.73
N ALA A 71 -0.19 -8.64 -10.43
CA ALA A 71 -0.58 -9.63 -11.44
C ALA A 71 -1.66 -9.09 -12.40
N LYS A 72 -2.19 -7.91 -12.09
CA LYS A 72 -3.14 -7.22 -12.95
C LYS A 72 -2.61 -7.04 -14.35
N LYS A 73 -1.44 -6.39 -14.45
CA LYS A 73 -0.76 -6.12 -15.74
C LYS A 73 -1.52 -5.08 -16.62
N ASN A 74 -2.84 -5.28 -16.78
CA ASN A 74 -3.70 -4.40 -17.62
C ASN A 74 -3.51 -2.95 -17.22
N GLY A 75 -3.86 -2.64 -16.00
CA GLY A 75 -3.71 -1.31 -15.51
C GLY A 75 -3.14 -1.32 -14.14
N LYS A 76 -1.95 -0.80 -13.99
CA LYS A 76 -1.31 -0.74 -12.72
C LYS A 76 -1.48 0.64 -12.09
N GLY A 77 -2.28 0.69 -11.06
CA GLY A 77 -2.56 1.94 -10.38
C GLY A 77 -2.54 1.74 -8.90
N ASN A 78 -3.13 0.64 -8.46
CA ASN A 78 -3.16 0.30 -7.04
C ASN A 78 -1.93 -0.45 -6.64
N VAL A 79 -0.94 -0.47 -7.47
CA VAL A 79 0.23 -1.21 -7.13
C VAL A 79 1.42 -0.27 -7.06
N CYS A 80 2.26 -0.47 -6.08
CA CYS A 80 3.46 0.34 -5.94
C CYS A 80 4.71 -0.52 -5.85
N HIS A 81 4.65 -1.60 -5.11
CA HIS A 81 5.79 -2.48 -5.02
C HIS A 81 5.67 -3.57 -6.06
N ARG A 82 6.28 -3.33 -7.18
CA ARG A 82 6.23 -4.23 -8.32
C ARG A 82 7.18 -5.40 -8.11
N LYS A 83 8.32 -5.07 -7.56
CA LYS A 83 9.40 -6.02 -7.36
C LYS A 83 9.24 -6.73 -6.03
N LYS A 84 9.29 -5.95 -4.95
CA LYS A 84 9.19 -6.45 -3.58
C LYS A 84 10.44 -7.32 -3.27
N HIS A 85 11.55 -6.63 -3.12
CA HIS A 85 12.87 -7.21 -2.81
C HIS A 85 13.64 -6.26 -1.93
N HIS A 86 13.51 -6.43 -0.65
CA HIS A 86 14.08 -5.54 0.34
C HIS A 86 15.36 -6.12 0.89
N GLY A 87 15.37 -7.43 1.05
CA GLY A 87 16.51 -8.10 1.59
C GLY A 87 17.53 -8.41 0.53
N LYS A 88 18.72 -7.89 0.70
CA LYS A 88 19.80 -8.13 -0.23
C LYS A 88 20.61 -9.33 0.24
N ARG A 89 21.19 -10.02 -0.70
CA ARG A 89 22.04 -11.13 -0.39
C ARG A 89 23.46 -10.77 -0.74
N ASN A 90 24.36 -10.98 0.17
CA ASN A 90 25.75 -10.60 -0.03
C ASN A 90 26.50 -11.59 -0.91
N SER A 91 26.77 -11.18 -2.12
CA SER A 91 27.52 -11.97 -3.04
C SER A 91 29.01 -11.70 -2.89
N ASN A 92 29.63 -12.51 -2.05
CA ASN A 92 31.04 -12.38 -1.75
C ASN A 92 31.80 -13.67 -1.96
N ARG A 93 31.09 -14.71 -2.32
CA ARG A 93 31.73 -15.98 -2.53
C ARG A 93 32.28 -16.08 -3.92
N ALA A 94 33.53 -16.45 -4.03
CA ALA A 94 34.18 -16.66 -5.30
C ALA A 94 35.20 -17.76 -5.13
N HIS A 95 34.94 -18.89 -5.74
CA HIS A 95 35.81 -20.05 -5.62
C HIS A 95 37.01 -19.91 -6.54
N GLN A 96 38.16 -19.75 -5.94
CA GLN A 96 39.40 -19.58 -6.65
C GLN A 96 40.43 -20.48 -5.99
N GLY A 97 41.58 -20.64 -6.61
CA GLY A 97 42.59 -21.46 -5.99
C GLY A 97 43.74 -21.78 -6.90
N LYS A 98 43.78 -23.01 -7.35
CA LYS A 98 44.88 -23.50 -8.15
C LYS A 98 44.55 -23.46 -9.63
N HIS A 99 45.56 -23.27 -10.46
CA HIS A 99 45.35 -23.30 -11.90
C HIS A 99 45.90 -24.61 -12.44
N GLU A 100 45.75 -24.84 -13.72
CA GLU A 100 46.26 -26.05 -14.32
C GLU A 100 47.46 -25.75 -15.19
N THR A 101 48.43 -26.61 -15.14
CA THR A 101 49.55 -26.51 -16.01
C THR A 101 49.25 -27.32 -17.26
N TYR A 102 48.84 -26.63 -18.32
CA TYR A 102 48.43 -27.28 -19.57
C TYR A 102 49.46 -28.31 -20.04
N GLY A 103 49.05 -29.55 -20.05
CA GLY A 103 49.96 -30.60 -20.39
C GLY A 103 49.30 -31.77 -21.05
N HIS A 104 48.15 -31.54 -21.69
CA HIS A 104 47.52 -32.59 -22.46
C HIS A 104 48.44 -32.86 -23.62
N LYS A 105 48.57 -31.83 -24.48
CA LYS A 105 49.54 -31.77 -25.58
C LYS A 105 49.48 -32.93 -26.60
N THR A 106 49.89 -34.08 -26.17
CA THR A 106 50.11 -35.24 -26.99
C THR A 106 48.82 -35.96 -27.39
N PRO A 107 48.38 -35.84 -28.67
CA PRO A 107 47.24 -36.57 -29.19
C PRO A 107 47.68 -37.86 -29.90
N TYR A 108 49.02 -38.03 -30.04
CA TYR A 108 49.62 -39.17 -30.68
C TYR A 108 51.12 -39.24 -30.37
N SER A 1 -8.61 11.16 8.41
CA SER A 1 -8.05 12.11 9.34
C SER A 1 -8.98 13.30 9.48
N GLU A 2 -8.96 13.94 10.65
CA GLU A 2 -9.77 15.12 10.90
C GLU A 2 -9.34 16.22 9.96
N ALA A 3 -10.23 16.61 9.07
CA ALA A 3 -9.89 17.56 8.06
C ALA A 3 -10.98 18.56 7.76
N ILE A 4 -12.09 18.48 8.46
CA ILE A 4 -13.17 19.42 8.16
C ILE A 4 -12.92 20.78 8.80
N LEU A 5 -12.75 20.81 10.10
CA LEU A 5 -12.51 22.06 10.78
C LEU A 5 -11.03 22.51 10.70
N PRO A 6 -10.04 21.69 11.18
CA PRO A 6 -8.61 22.08 11.13
C PRO A 6 -8.03 22.00 9.72
N ILE A 7 -8.65 21.18 8.87
CA ILE A 7 -8.19 20.91 7.50
C ILE A 7 -6.81 20.24 7.52
N ALA A 8 -6.79 18.93 7.52
CA ALA A 8 -5.57 18.18 7.53
C ALA A 8 -5.75 16.81 6.90
N SER A 9 -5.62 16.76 5.60
CA SER A 9 -5.65 15.54 4.87
C SER A 9 -5.10 15.78 3.47
N SER A 10 -3.82 15.60 3.34
CA SER A 10 -3.14 15.76 2.09
C SER A 10 -1.94 14.82 2.09
N CYS A 11 -1.15 14.93 3.13
CA CYS A 11 -0.02 14.05 3.33
C CYS A 11 -0.46 12.92 4.22
N CYS A 12 0.17 11.79 4.07
CA CYS A 12 -0.07 10.69 4.95
C CYS A 12 0.83 10.81 6.15
N THR A 13 0.37 11.58 7.10
CA THR A 13 1.09 11.82 8.33
C THR A 13 0.55 10.89 9.40
N GLU A 14 -0.48 10.21 9.03
CA GLU A 14 -1.14 9.28 9.88
C GLU A 14 -1.42 8.04 9.07
N VAL A 15 -1.36 6.90 9.69
CA VAL A 15 -1.55 5.65 8.98
C VAL A 15 -2.34 4.65 9.81
N SER A 16 -2.93 3.70 9.13
CA SER A 16 -3.71 2.67 9.77
C SER A 16 -2.78 1.54 10.24
N HIS A 17 -1.48 1.67 9.91
CA HIS A 17 -0.42 0.72 10.27
C HIS A 17 -0.61 -0.65 9.64
N HIS A 18 -1.42 -1.46 10.25
CA HIS A 18 -1.68 -2.78 9.73
C HIS A 18 -3.08 -2.85 9.17
N ILE A 19 -3.18 -3.46 8.04
CA ILE A 19 -4.40 -3.51 7.29
C ILE A 19 -4.57 -4.90 6.72
N SER A 20 -5.79 -5.25 6.39
CA SER A 20 -6.13 -6.55 5.87
C SER A 20 -6.26 -6.51 4.33
N ARG A 21 -5.94 -7.64 3.67
CA ARG A 21 -6.01 -7.72 2.20
C ARG A 21 -7.36 -7.45 1.60
N ARG A 22 -8.43 -7.80 2.30
CA ARG A 22 -9.77 -7.56 1.76
C ARG A 22 -10.04 -6.08 1.49
N LEU A 23 -9.47 -5.21 2.31
CA LEU A 23 -9.59 -3.78 2.07
C LEU A 23 -8.65 -3.40 0.94
N LEU A 24 -7.45 -3.99 0.99
CA LEU A 24 -6.38 -3.68 0.07
C LEU A 24 -6.77 -3.97 -1.36
N GLU A 25 -7.50 -5.01 -1.56
CA GLU A 25 -7.92 -5.39 -2.88
C GLU A 25 -8.96 -4.43 -3.45
N ARG A 26 -9.46 -3.56 -2.60
CA ARG A 26 -10.41 -2.55 -2.97
C ARG A 26 -9.68 -1.22 -3.23
N VAL A 27 -8.34 -1.26 -3.07
CA VAL A 27 -7.49 -0.12 -3.36
C VAL A 27 -7.42 0.13 -4.86
N ASN A 28 -7.54 1.38 -5.24
CA ASN A 28 -7.51 1.77 -6.65
C ASN A 28 -6.19 2.47 -6.94
N MET A 29 -5.74 3.30 -6.01
CA MET A 29 -4.53 4.09 -6.20
C MET A 29 -3.55 3.79 -5.10
N CYS A 30 -2.30 3.64 -5.45
CA CYS A 30 -1.25 3.36 -4.49
C CYS A 30 -0.10 4.28 -4.80
N ARG A 31 0.32 5.05 -3.84
CA ARG A 31 1.45 5.92 -4.01
C ARG A 31 2.37 5.81 -2.81
N ILE A 32 3.65 5.73 -3.06
CA ILE A 32 4.61 5.65 -1.98
C ILE A 32 5.08 7.04 -1.69
N GLN A 33 4.76 7.47 -0.53
CA GLN A 33 5.15 8.74 -0.05
C GLN A 33 6.46 8.57 0.66
N ARG A 34 7.51 9.20 0.19
CA ARG A 34 8.79 9.08 0.85
C ARG A 34 9.11 10.39 1.55
N ALA A 35 9.82 10.31 2.67
CA ALA A 35 10.30 11.49 3.33
C ALA A 35 11.46 12.03 2.53
N ASP A 36 11.16 13.00 1.69
CA ASP A 36 12.14 13.57 0.77
C ASP A 36 11.48 14.63 -0.08
N GLY A 37 10.48 14.21 -0.85
CA GLY A 37 9.82 15.14 -1.74
C GLY A 37 8.32 15.04 -1.70
N ASP A 38 7.80 13.83 -1.50
CA ASP A 38 6.34 13.64 -1.43
C ASP A 38 5.81 14.28 -0.18
N CYS A 39 6.51 14.04 0.91
CA CYS A 39 6.19 14.58 2.20
C CYS A 39 7.41 14.34 3.09
N ASP A 40 7.28 14.55 4.38
CA ASP A 40 8.41 14.41 5.30
C ASP A 40 8.31 13.08 6.10
N LEU A 41 7.49 12.18 5.61
CA LEU A 41 7.24 10.91 6.29
C LEU A 41 6.95 9.86 5.23
N ALA A 42 7.46 8.65 5.42
CA ALA A 42 7.23 7.59 4.45
C ALA A 42 5.98 6.81 4.81
N ALA A 43 5.01 6.83 3.92
CA ALA A 43 3.75 6.16 4.13
C ALA A 43 3.17 5.71 2.81
N VAL A 44 2.28 4.76 2.85
CA VAL A 44 1.63 4.29 1.66
C VAL A 44 0.26 4.93 1.54
N ILE A 45 0.08 5.69 0.50
CA ILE A 45 -1.18 6.35 0.20
C ILE A 45 -2.04 5.37 -0.63
N LEU A 46 -3.17 4.96 -0.09
CA LEU A 46 -4.05 4.01 -0.76
C LEU A 46 -5.43 4.61 -0.95
N HIS A 47 -5.82 4.76 -2.18
CA HIS A 47 -7.15 5.30 -2.48
C HIS A 47 -8.11 4.18 -2.69
N VAL A 48 -9.16 4.21 -1.94
CA VAL A 48 -10.17 3.18 -1.95
C VAL A 48 -11.50 3.88 -2.18
N LYS A 49 -12.45 3.16 -2.74
CA LYS A 49 -13.81 3.69 -3.01
C LYS A 49 -14.41 4.41 -1.77
N ARG A 50 -14.13 3.88 -0.57
CA ARG A 50 -14.76 4.46 0.63
C ARG A 50 -14.01 5.69 1.14
N ARG A 51 -12.69 5.68 1.00
CA ARG A 51 -11.78 6.74 1.51
C ARG A 51 -10.35 6.47 1.07
N ARG A 52 -9.48 7.41 1.33
CA ARG A 52 -8.07 7.22 1.09
C ARG A 52 -7.45 6.84 2.42
N ILE A 53 -6.89 5.68 2.48
CA ILE A 53 -6.28 5.21 3.70
C ILE A 53 -4.79 5.20 3.55
N CYS A 54 -4.11 5.60 4.55
CA CYS A 54 -2.69 5.61 4.56
C CYS A 54 -2.21 4.46 5.41
N VAL A 55 -1.29 3.68 4.90
CA VAL A 55 -0.82 2.50 5.62
C VAL A 55 0.71 2.52 5.72
N SER A 56 1.24 1.80 6.68
CA SER A 56 2.65 1.67 6.88
C SER A 56 3.26 0.77 5.79
N PRO A 57 4.35 1.22 5.14
CA PRO A 57 5.03 0.47 4.07
C PRO A 57 5.75 -0.77 4.58
N HIS A 58 5.75 -0.94 5.89
CA HIS A 58 6.42 -2.05 6.53
C HIS A 58 5.44 -3.19 6.79
N ASN A 59 4.17 -2.98 6.48
CA ASN A 59 3.15 -3.99 6.74
C ASN A 59 3.26 -5.11 5.74
N HIS A 60 3.46 -6.32 6.26
CA HIS A 60 3.63 -7.52 5.47
C HIS A 60 2.41 -7.76 4.58
N THR A 61 1.22 -7.47 5.10
CA THR A 61 0.00 -7.68 4.35
C THR A 61 -0.01 -6.84 3.07
N VAL A 62 0.42 -5.58 3.20
CA VAL A 62 0.53 -4.68 2.06
C VAL A 62 1.54 -5.22 1.07
N LYS A 63 2.65 -5.67 1.58
CA LYS A 63 3.71 -6.22 0.74
C LYS A 63 3.25 -7.50 0.00
N GLN A 64 2.39 -8.27 0.64
CA GLN A 64 1.90 -9.49 0.06
C GLN A 64 0.87 -9.11 -1.01
N TRP A 65 0.02 -8.16 -0.65
CA TRP A 65 -1.01 -7.64 -1.51
C TRP A 65 -0.45 -7.04 -2.81
N MET A 66 0.49 -6.14 -2.69
CA MET A 66 1.02 -5.43 -3.84
C MET A 66 1.73 -6.35 -4.82
N LYS A 67 2.32 -7.40 -4.30
CA LYS A 67 3.03 -8.37 -5.09
C LYS A 67 2.00 -9.05 -6.05
N VAL A 68 0.79 -9.21 -5.53
CA VAL A 68 -0.32 -9.79 -6.28
C VAL A 68 -0.90 -8.75 -7.22
N GLN A 69 -1.04 -7.53 -6.71
CA GLN A 69 -1.62 -6.44 -7.47
C GLN A 69 -0.75 -6.01 -8.61
N ALA A 70 0.51 -6.21 -8.48
CA ALA A 70 1.41 -5.83 -9.52
C ALA A 70 1.20 -6.72 -10.76
N ALA A 71 0.69 -7.91 -10.50
CA ALA A 71 0.48 -8.90 -11.52
C ALA A 71 -0.84 -8.73 -12.27
N LYS A 72 -1.67 -7.74 -11.85
CA LYS A 72 -3.00 -7.55 -12.48
C LYS A 72 -2.86 -7.35 -13.99
N LYS A 73 -1.80 -6.62 -14.37
CA LYS A 73 -1.42 -6.31 -15.77
C LYS A 73 -2.40 -5.36 -16.47
N ASN A 74 -3.70 -5.65 -16.37
CA ASN A 74 -4.76 -4.84 -17.00
C ASN A 74 -4.79 -3.44 -16.43
N GLY A 75 -4.17 -3.26 -15.29
CA GLY A 75 -4.07 -2.00 -14.68
C GLY A 75 -3.08 -2.06 -13.56
N LYS A 76 -2.18 -1.11 -13.52
CA LYS A 76 -1.21 -1.00 -12.46
C LYS A 76 -1.25 0.40 -11.90
N GLY A 77 -2.17 0.61 -11.01
CA GLY A 77 -2.37 1.91 -10.40
C GLY A 77 -2.46 1.79 -8.92
N ASN A 78 -3.03 0.69 -8.48
CA ASN A 78 -3.10 0.37 -7.06
C ASN A 78 -1.89 -0.38 -6.65
N VAL A 79 -0.85 -0.25 -7.40
CA VAL A 79 0.37 -0.90 -7.07
C VAL A 79 1.42 0.17 -6.90
N CYS A 80 2.10 0.18 -5.79
CA CYS A 80 3.13 1.17 -5.62
C CYS A 80 4.46 0.62 -5.12
N HIS A 81 4.45 -0.41 -4.25
CA HIS A 81 5.73 -1.07 -3.93
C HIS A 81 6.14 -1.88 -5.13
N ARG A 82 7.35 -1.74 -5.52
CA ARG A 82 7.84 -2.47 -6.64
C ARG A 82 8.96 -3.39 -6.20
N LYS A 83 9.79 -2.91 -5.30
CA LYS A 83 10.92 -3.68 -4.87
C LYS A 83 10.89 -4.03 -3.38
N LYS A 84 10.44 -5.23 -3.10
CA LYS A 84 10.52 -5.81 -1.77
C LYS A 84 11.09 -7.18 -1.96
N HIS A 85 10.32 -8.04 -2.58
CA HIS A 85 10.80 -9.33 -3.03
C HIS A 85 9.97 -9.76 -4.23
N HIS A 86 10.63 -9.99 -5.32
CA HIS A 86 9.94 -10.40 -6.54
C HIS A 86 9.95 -11.91 -6.58
N GLY A 87 10.95 -12.49 -5.94
CA GLY A 87 11.08 -13.91 -5.87
C GLY A 87 10.59 -14.45 -4.54
N LYS A 88 11.19 -15.52 -4.09
CA LYS A 88 10.81 -16.12 -2.84
C LYS A 88 11.85 -15.82 -1.76
N ARG A 89 13.02 -16.43 -1.86
CA ARG A 89 14.04 -16.24 -0.84
C ARG A 89 15.44 -16.29 -1.42
N ASN A 90 16.28 -15.39 -0.96
CA ASN A 90 17.70 -15.43 -1.26
C ASN A 90 18.38 -15.68 0.05
N SER A 91 18.56 -16.91 0.37
CA SER A 91 19.08 -17.24 1.67
C SER A 91 20.47 -17.87 1.63
N ASN A 92 21.47 -17.06 1.91
CA ASN A 92 22.84 -17.52 2.00
C ASN A 92 23.70 -16.47 2.69
N ARG A 93 23.74 -16.55 4.00
CA ARG A 93 24.56 -15.69 4.83
C ARG A 93 25.33 -16.56 5.80
N ALA A 94 26.58 -16.84 5.48
CA ALA A 94 27.39 -17.70 6.33
C ALA A 94 28.86 -17.53 6.02
N HIS A 95 29.26 -18.07 4.86
CA HIS A 95 30.64 -18.07 4.40
C HIS A 95 31.57 -18.79 5.38
N GLN A 96 31.64 -20.09 5.25
CA GLN A 96 32.55 -20.87 6.04
C GLN A 96 33.89 -20.87 5.34
N GLY A 97 34.79 -20.07 5.81
CA GLY A 97 36.04 -19.96 5.17
C GLY A 97 37.03 -19.18 5.98
N LYS A 98 38.27 -19.59 5.91
CA LYS A 98 39.34 -18.93 6.63
C LYS A 98 39.93 -17.83 5.74
N HIS A 99 39.49 -17.82 4.46
CA HIS A 99 39.95 -16.87 3.43
C HIS A 99 41.42 -17.16 3.09
N GLU A 100 41.82 -18.36 3.40
CA GLU A 100 43.15 -18.79 3.14
C GLU A 100 43.10 -19.84 2.05
N THR A 101 43.37 -19.44 0.85
CA THR A 101 43.41 -20.34 -0.25
C THR A 101 44.74 -21.07 -0.26
N TYR A 102 44.69 -22.32 0.14
CA TYR A 102 45.88 -23.12 0.32
C TYR A 102 46.62 -23.37 -0.97
N GLY A 103 47.90 -23.51 -0.83
CA GLY A 103 48.77 -23.71 -1.94
C GLY A 103 50.19 -23.75 -1.48
N HIS A 104 50.56 -24.85 -0.85
CA HIS A 104 51.91 -25.03 -0.35
C HIS A 104 52.82 -25.37 -1.51
N LYS A 105 53.56 -24.39 -1.96
CA LYS A 105 54.44 -24.56 -3.08
C LYS A 105 55.83 -24.90 -2.55
N THR A 106 56.24 -26.13 -2.77
CA THR A 106 57.52 -26.63 -2.32
C THR A 106 58.69 -26.01 -3.10
N PRO A 107 59.96 -26.07 -2.57
CA PRO A 107 61.13 -25.47 -3.23
C PRO A 107 61.23 -25.83 -4.71
N TYR A 108 61.08 -27.09 -5.01
CA TYR A 108 61.11 -27.55 -6.37
C TYR A 108 59.69 -27.81 -6.84
#